data_2J0F
#
_entry.id   2J0F
#
_cell.length_a   103.078
_cell.length_b   76.087
_cell.length_c   99.575
_cell.angle_alpha   90.00
_cell.angle_beta   98.61
_cell.angle_gamma   90.00
#
_symmetry.space_group_name_H-M   'P 1 21 1'
#
loop_
_entity.id
_entity.type
_entity.pdbx_description
1 polymer 'THYMIDINE PHOSPHORYLASE'
2 non-polymer THYMINE
3 water water
#
_entity_poly.entity_id   1
_entity_poly.type   'polypeptide(L)'
_entity_poly.pdbx_seq_one_letter_code
;MAALMTPGTGAPPAPGDFSGEGSQGLPDPSPEPKQLPELIRMKRDGGRLSEADIRGFVAAVVNGSAQGAQIGAMLMAIRL
RGMDLEETSVLTQALAQSGQQLEWPEAWRQQLVDKHSTGGVGDKVSLVLAPALAACGCKVPMISGRGLGHTGGTLDKLES
IPGFNVIQSPEQMQVLLDQAGCCIVGQSEQLVPADGILYAARDVTATVDSLPLITASILSKKLVEGLSALVVDVKFGAGA
VFPNQEQARELAKTLVGVGASLGLRVAAALTAMDKPLGRCVGHALEVEEALLCMDGAGPPDLRDLVTTLGGALLWLSGHA
GTQAQGAARVAAALDDGSALGRFERMLAAQGVDPGLARALCSGSPAERRQLLPRAREQEELLAPADGTVELVRALPLALV
LHELGAGRSRAGEPLRLGVGAELLVDVGQRLRRGTPWLRVHRDGPALSGPQSRALQEALVLSDRAPFAAPLPFAELVLPP
QQ
;
_entity_poly.pdbx_strand_id   A,B,C,D
#
loop_
_chem_comp.id
_chem_comp.type
_chem_comp.name
_chem_comp.formula
TDR non-polymer THYMINE 'C5 H6 N2 O2'
#
# COMPACT_ATOMS: atom_id res chain seq x y z
N LYS A 34 21.14 0.02 -32.59
CA LYS A 34 19.96 -0.25 -31.68
C LYS A 34 18.80 0.73 -31.93
N GLN A 35 17.60 0.20 -32.18
CA GLN A 35 16.41 1.04 -32.27
C GLN A 35 16.13 1.59 -30.87
N LEU A 36 15.22 2.55 -30.79
CA LEU A 36 14.84 3.14 -29.52
C LEU A 36 14.43 2.21 -28.36
N PRO A 37 13.55 1.22 -28.61
CA PRO A 37 13.04 0.37 -27.52
C PRO A 37 14.09 -0.38 -26.69
N GLU A 38 15.19 -0.78 -27.34
CA GLU A 38 16.30 -1.52 -26.75
C GLU A 38 17.23 -0.61 -25.94
N LEU A 39 17.41 0.61 -26.42
CA LEU A 39 18.15 1.65 -25.70
C LEU A 39 17.53 2.00 -24.36
N ILE A 40 16.21 2.20 -24.36
CA ILE A 40 15.43 2.42 -23.14
C ILE A 40 15.54 1.27 -22.16
N ARG A 41 15.44 0.04 -22.69
CA ARG A 41 15.50 -1.18 -21.90
C ARG A 41 16.85 -1.34 -21.19
N MET A 42 17.93 -1.04 -21.91
CA MET A 42 19.29 -1.01 -21.34
C MET A 42 19.42 -0.11 -20.13
N LYS A 43 18.99 1.14 -20.26
CA LYS A 43 19.03 2.13 -19.20
C LYS A 43 18.07 1.76 -18.06
N ARG A 44 16.89 1.28 -18.43
CA ARG A 44 15.88 0.82 -17.46
C ARG A 44 16.45 -0.23 -16.49
N ASP A 45 17.26 -1.13 -17.03
CA ASP A 45 17.91 -2.17 -16.24
C ASP A 45 19.17 -1.74 -15.50
N GLY A 46 19.50 -0.46 -15.56
CA GLY A 46 20.68 0.07 -14.87
C GLY A 46 21.95 -0.14 -15.69
N GLY A 47 21.77 -0.47 -16.95
CA GLY A 47 22.89 -0.64 -17.85
C GLY A 47 23.50 0.66 -18.33
N ARG A 48 24.76 0.58 -18.71
CA ARG A 48 25.52 1.69 -19.28
C ARG A 48 25.21 1.79 -20.76
N LEU A 49 24.98 3.00 -21.23
CA LEU A 49 24.80 3.25 -22.67
C LEU A 49 26.11 3.65 -23.33
N SER A 50 26.38 3.06 -24.48
CA SER A 50 27.63 3.33 -25.19
C SER A 50 27.58 4.69 -25.85
N GLU A 51 28.74 5.17 -26.31
CA GLU A 51 28.78 6.41 -27.07
C GLU A 51 27.84 6.33 -28.27
N ALA A 52 27.88 5.21 -28.98
CA ALA A 52 27.00 4.96 -30.12
C ALA A 52 25.51 4.99 -29.75
N ASP A 53 25.16 4.35 -28.64
CA ASP A 53 23.80 4.36 -28.08
C ASP A 53 23.29 5.77 -27.80
N ILE A 54 24.04 6.54 -27.01
CA ILE A 54 23.66 7.91 -26.65
C ILE A 54 23.46 8.80 -27.90
N ARG A 55 24.42 8.74 -28.83
CA ARG A 55 24.35 9.52 -30.07
C ARG A 55 23.18 9.10 -30.94
N GLY A 56 22.89 7.80 -30.96
CA GLY A 56 21.72 7.28 -31.65
C GLY A 56 20.42 7.80 -31.09
N PHE A 57 20.29 7.77 -29.76
CA PHE A 57 19.10 8.31 -29.11
C PHE A 57 18.92 9.80 -29.40
N VAL A 58 20.00 10.56 -29.26
CA VAL A 58 19.99 12.00 -29.54
C VAL A 58 19.63 12.32 -31.00
N ALA A 59 20.21 11.57 -31.93
CA ALA A 59 19.81 11.63 -33.35
C ALA A 59 18.31 11.38 -33.58
N ALA A 60 17.76 10.36 -32.93
CA ALA A 60 16.35 9.99 -33.08
C ALA A 60 15.45 11.11 -32.52
N VAL A 61 15.89 11.74 -31.43
CA VAL A 61 15.17 12.89 -30.86
C VAL A 61 15.09 14.06 -31.86
N VAL A 62 16.22 14.37 -32.49
CA VAL A 62 16.32 15.46 -33.45
C VAL A 62 15.48 15.27 -34.73
N ASN A 63 15.50 14.07 -35.29
CA ASN A 63 14.81 13.82 -36.57
C ASN A 63 13.33 13.43 -36.44
N GLY A 64 12.85 13.27 -35.20
CA GLY A 64 11.45 12.91 -34.94
C GLY A 64 11.20 11.42 -34.81
N SER A 65 12.20 10.59 -35.07
CA SER A 65 12.07 9.14 -34.93
C SER A 65 11.69 8.70 -33.52
N ALA A 66 12.25 9.40 -32.53
CA ALA A 66 11.92 9.17 -31.15
C ALA A 66 10.58 9.82 -30.91
N GLN A 67 9.56 9.03 -30.62
CA GLN A 67 8.24 9.54 -30.29
C GLN A 67 8.24 10.05 -28.85
N GLY A 68 7.26 10.90 -28.52
CA GLY A 68 7.11 11.47 -27.20
C GLY A 68 7.28 10.45 -26.09
N ALA A 69 6.50 9.37 -26.15
CA ALA A 69 6.51 8.34 -25.09
C ALA A 69 7.90 7.74 -24.91
N GLN A 70 8.66 7.64 -25.99
CA GLN A 70 10.03 7.11 -25.95
C GLN A 70 11.04 8.09 -25.34
N ILE A 71 10.81 9.37 -25.57
CA ILE A 71 11.54 10.43 -24.90
C ILE A 71 11.27 10.41 -23.38
N GLY A 72 9.99 10.37 -23.00
CA GLY A 72 9.60 10.37 -21.57
C GLY A 72 10.13 9.17 -20.82
N ALA A 73 10.04 7.98 -21.44
CA ALA A 73 10.56 6.74 -20.85
C ALA A 73 12.08 6.72 -20.71
N MET A 74 12.78 7.22 -21.71
CA MET A 74 14.23 7.35 -21.60
C MET A 74 14.60 8.31 -20.48
N LEU A 75 13.93 9.45 -20.44
CA LEU A 75 14.24 10.48 -19.46
C LEU A 75 14.04 9.93 -18.03
N MET A 76 12.93 9.22 -17.82
CA MET A 76 12.61 8.65 -16.53
C MET A 76 13.58 7.52 -16.16
N ALA A 77 13.94 6.70 -17.15
CA ALA A 77 14.97 5.69 -16.93
C ALA A 77 16.28 6.30 -16.46
N ILE A 78 16.73 7.36 -17.14
CA ILE A 78 17.92 8.12 -16.74
C ILE A 78 17.73 8.76 -15.35
N ARG A 79 16.55 9.30 -15.10
CA ARG A 79 16.24 9.94 -13.82
C ARG A 79 16.31 8.94 -12.67
N LEU A 80 15.86 7.71 -12.89
CA LEU A 80 15.80 6.72 -11.82
C LEU A 80 17.05 5.83 -11.73
N ARG A 81 17.68 5.58 -12.88
CA ARG A 81 18.85 4.70 -12.92
C ARG A 81 20.21 5.41 -13.09
N GLY A 82 20.20 6.69 -13.45
CA GLY A 82 21.42 7.50 -13.51
C GLY A 82 22.31 7.31 -14.73
N MET A 83 23.40 8.08 -14.77
CA MET A 83 24.46 7.96 -15.77
C MET A 83 25.81 8.25 -15.12
N ASP A 84 26.85 7.52 -15.51
CA ASP A 84 28.21 7.81 -15.06
C ASP A 84 28.80 8.99 -15.82
N LEU A 85 29.99 9.43 -15.41
CA LEU A 85 30.60 10.66 -15.93
C LEU A 85 30.82 10.60 -17.43
N GLU A 86 31.24 9.42 -17.90
CA GLU A 86 31.50 9.21 -19.31
C GLU A 86 30.22 9.33 -20.15
N GLU A 87 29.14 8.71 -19.68
CA GLU A 87 27.82 8.83 -20.29
C GLU A 87 27.38 10.29 -20.33
N THR A 88 27.49 10.96 -19.18
CA THR A 88 27.12 12.38 -19.05
C THR A 88 27.91 13.25 -20.04
N SER A 89 29.21 13.00 -20.12
CA SER A 89 30.09 13.71 -21.05
C SER A 89 29.72 13.52 -22.52
N VAL A 90 29.44 12.28 -22.90
CA VAL A 90 28.97 11.96 -24.27
C VAL A 90 27.59 12.56 -24.56
N LEU A 91 26.71 12.56 -23.58
CA LEU A 91 25.38 13.17 -23.74
C LEU A 91 25.50 14.68 -23.98
N THR A 92 26.45 15.32 -23.28
CA THR A 92 26.70 16.76 -23.41
C THR A 92 27.19 17.10 -24.82
N GLN A 93 28.10 16.27 -25.32
CA GLN A 93 28.63 16.44 -26.67
C GLN A 93 27.58 16.19 -27.73
N ALA A 94 26.74 15.16 -27.53
CA ALA A 94 25.71 14.80 -28.51
C ALA A 94 24.65 15.91 -28.60
N LEU A 95 24.24 16.45 -27.45
CA LEU A 95 23.31 17.56 -27.44
C LEU A 95 23.90 18.83 -28.11
N ALA A 96 25.16 19.13 -27.84
CA ALA A 96 25.85 20.29 -28.45
C ALA A 96 25.96 20.18 -29.96
N GLN A 97 26.28 18.97 -30.44
CA GLN A 97 26.51 18.70 -31.85
C GLN A 97 25.22 18.38 -32.62
N SER A 98 24.08 18.45 -31.96
CA SER A 98 22.78 18.15 -32.58
C SER A 98 22.31 19.30 -33.46
N GLY A 99 22.95 20.46 -33.31
CA GLY A 99 22.72 21.58 -34.21
C GLY A 99 24.04 22.17 -34.65
N GLN A 100 24.04 23.48 -34.86
CA GLN A 100 25.21 24.19 -35.36
C GLN A 100 26.06 24.68 -34.22
N GLN A 101 27.36 24.76 -34.48
CA GLN A 101 28.32 25.41 -33.59
C GLN A 101 28.45 26.87 -34.01
N LEU A 102 28.45 27.78 -33.04
CA LEU A 102 28.55 29.21 -33.33
C LEU A 102 30.00 29.65 -33.57
N GLU A 103 30.21 30.38 -34.66
CA GLU A 103 31.52 30.91 -35.03
C GLU A 103 31.44 32.42 -34.98
N TRP A 104 32.46 33.05 -34.40
CA TRP A 104 32.47 34.51 -34.28
C TRP A 104 33.78 35.11 -34.79
N PRO A 105 33.78 36.39 -35.20
CA PRO A 105 35.02 37.07 -35.55
C PRO A 105 36.12 36.82 -34.52
N GLU A 106 37.33 36.63 -35.01
CA GLU A 106 38.52 36.38 -34.18
C GLU A 106 38.72 37.43 -33.08
N ALA A 107 38.42 38.68 -33.40
CA ALA A 107 38.57 39.80 -32.47
C ALA A 107 37.68 39.70 -31.24
N TRP A 108 36.61 38.89 -31.33
CA TRP A 108 35.63 38.71 -30.26
C TRP A 108 36.01 37.60 -29.29
N ARG A 109 36.91 36.72 -29.69
CA ARG A 109 37.28 35.49 -28.95
C ARG A 109 37.41 35.69 -27.44
N GLN A 110 38.07 36.77 -27.05
CA GLN A 110 38.31 37.09 -25.64
C GLN A 110 37.12 37.77 -24.96
N GLN A 111 36.26 38.41 -25.74
CA GLN A 111 35.13 39.17 -25.21
C GLN A 111 33.92 38.28 -24.88
N LEU A 112 33.91 37.07 -25.43
CA LEU A 112 32.79 36.15 -25.31
C LEU A 112 32.70 35.49 -23.95
N VAL A 113 31.65 35.85 -23.21
CA VAL A 113 31.40 35.34 -21.85
C VAL A 113 29.91 35.05 -21.65
N ASP A 114 29.59 34.22 -20.66
CA ASP A 114 28.20 33.94 -20.36
C ASP A 114 28.00 33.47 -18.91
N LYS A 115 26.75 33.55 -18.47
CA LYS A 115 26.38 33.12 -17.15
C LYS A 115 25.15 32.22 -17.29
N HIS A 116 25.11 31.16 -16.50
CA HIS A 116 23.93 30.31 -16.48
C HIS A 116 23.54 29.94 -15.05
N SER A 117 22.26 29.75 -14.83
CA SER A 117 21.75 29.30 -13.55
C SER A 117 21.15 27.90 -13.66
N THR A 118 21.30 27.10 -12.61
CA THR A 118 20.58 25.84 -12.51
C THR A 118 19.10 26.07 -12.19
N GLY A 119 18.78 27.26 -11.68
CA GLY A 119 17.40 27.62 -11.39
C GLY A 119 17.25 28.17 -9.99
N GLY A 120 16.41 29.17 -9.83
CA GLY A 120 16.22 29.81 -8.56
C GLY A 120 14.99 30.68 -8.70
N VAL A 121 14.19 30.70 -7.65
CA VAL A 121 12.90 31.39 -7.66
C VAL A 121 13.16 32.87 -7.55
N GLY A 122 12.64 33.61 -8.53
CA GLY A 122 12.86 35.06 -8.62
C GLY A 122 14.25 35.48 -9.06
N ASP A 123 15.00 34.53 -9.62
CA ASP A 123 16.34 34.85 -10.10
C ASP A 123 16.26 35.48 -11.50
N LYS A 124 16.44 36.80 -11.57
CA LYS A 124 16.42 37.51 -12.85
C LYS A 124 17.75 38.21 -13.13
N VAL A 125 18.82 37.63 -12.62
CA VAL A 125 20.17 38.12 -12.81
C VAL A 125 20.53 38.23 -14.29
N SER A 126 20.10 37.26 -15.09
CA SER A 126 20.44 37.16 -16.49
C SER A 126 19.87 38.30 -17.35
N LEU A 127 18.66 38.74 -17.05
CA LEU A 127 18.05 39.90 -17.70
C LEU A 127 18.91 41.17 -17.54
N VAL A 128 19.56 41.29 -16.39
CA VAL A 128 20.39 42.45 -16.05
C VAL A 128 21.82 42.23 -16.50
N LEU A 129 22.32 41.00 -16.29
CA LEU A 129 23.76 40.73 -16.42
C LEU A 129 24.22 40.71 -17.85
N ALA A 130 23.38 40.21 -18.75
CA ALA A 130 23.74 40.13 -20.17
C ALA A 130 24.01 41.51 -20.77
N PRO A 131 23.05 42.46 -20.66
CA PRO A 131 23.31 43.83 -21.12
C PRO A 131 24.35 44.60 -20.33
N ALA A 132 24.50 44.32 -19.03
CA ALA A 132 25.53 44.96 -18.21
C ALA A 132 26.94 44.57 -18.63
N LEU A 133 27.13 43.28 -18.93
CA LEU A 133 28.40 42.78 -19.46
C LEU A 133 28.70 43.35 -20.85
N ALA A 134 27.68 43.48 -21.71
CA ALA A 134 27.89 44.15 -23.00
C ALA A 134 28.39 45.57 -22.80
N ALA A 135 27.88 46.24 -21.78
CA ALA A 135 28.28 47.62 -21.44
C ALA A 135 29.71 47.70 -20.91
N CYS A 136 30.21 46.56 -20.42
CA CYS A 136 31.59 46.46 -19.93
C CYS A 136 32.53 45.99 -21.02
N GLY A 137 32.05 46.03 -22.26
CA GLY A 137 32.85 45.64 -23.42
C GLY A 137 32.99 44.14 -23.62
N CYS A 138 32.00 43.37 -23.15
CA CYS A 138 31.95 41.93 -23.38
C CYS A 138 30.90 41.56 -24.46
N LYS A 139 30.98 40.34 -24.97
CA LYS A 139 29.95 39.81 -25.86
C LYS A 139 29.26 38.63 -25.18
N VAL A 140 27.93 38.68 -25.12
CA VAL A 140 27.16 37.67 -24.40
C VAL A 140 26.12 37.05 -25.34
N PRO A 141 26.49 35.91 -25.97
CA PRO A 141 25.62 35.16 -26.87
C PRO A 141 24.77 34.14 -26.09
N MET A 142 23.87 34.63 -25.24
CA MET A 142 23.20 33.74 -24.28
C MET A 142 22.11 32.87 -24.89
N ILE A 143 22.35 31.56 -24.92
CA ILE A 143 21.29 30.60 -25.22
C ILE A 143 20.73 30.15 -23.86
N SER A 144 19.45 30.44 -23.65
CA SER A 144 18.84 30.26 -22.35
C SER A 144 17.74 29.22 -22.40
N GLY A 145 16.78 29.31 -21.48
CA GLY A 145 15.75 28.29 -21.37
C GLY A 145 14.43 28.81 -20.86
N ARG A 146 13.37 28.06 -21.11
CA ARG A 146 12.04 28.35 -20.60
C ARG A 146 11.93 27.84 -19.15
N GLY A 147 10.71 27.86 -18.61
CA GLY A 147 10.49 27.31 -17.29
C GLY A 147 10.83 25.84 -17.18
N LEU A 148 11.08 25.39 -15.97
CA LEU A 148 11.48 24.02 -15.74
C LEU A 148 11.00 23.65 -14.33
N GLY A 149 9.94 22.84 -14.26
CA GLY A 149 9.34 22.47 -12.97
C GLY A 149 8.66 23.68 -12.34
N HIS A 150 9.08 24.03 -11.11
CA HIS A 150 8.49 25.19 -10.44
C HIS A 150 9.38 26.44 -10.50
N THR A 151 10.41 26.40 -11.35
CA THR A 151 11.32 27.53 -11.55
C THR A 151 11.11 28.16 -12.94
N GLY A 152 11.00 29.48 -12.98
CA GLY A 152 10.75 30.19 -14.23
C GLY A 152 12.01 30.33 -15.05
N GLY A 153 11.83 30.48 -16.34
CA GLY A 153 12.97 30.59 -17.25
C GLY A 153 13.03 31.94 -17.91
N THR A 154 14.25 32.43 -18.16
CA THR A 154 14.52 33.72 -18.77
C THR A 154 13.73 33.96 -20.05
N LEU A 155 13.63 32.94 -20.89
CA LEU A 155 12.94 33.07 -22.17
C LEU A 155 11.46 33.42 -22.03
N ASP A 156 10.80 32.82 -21.04
CA ASP A 156 9.40 33.11 -20.75
C ASP A 156 9.23 34.52 -20.20
N LYS A 157 10.19 34.97 -19.39
CA LYS A 157 10.19 36.32 -18.82
C LYS A 157 10.26 37.34 -19.92
N LEU A 158 11.17 37.15 -20.87
CA LEU A 158 11.36 38.10 -21.99
C LEU A 158 10.15 38.19 -22.90
N GLU A 159 9.40 37.09 -23.04
CA GLU A 159 8.19 37.06 -23.86
C GLU A 159 7.00 37.86 -23.32
N SER A 160 7.13 38.41 -22.11
CA SER A 160 6.14 39.37 -21.62
C SER A 160 6.31 40.71 -22.32
N ILE A 161 7.49 40.90 -22.90
CA ILE A 161 7.73 42.10 -23.73
C ILE A 161 7.18 41.82 -25.12
N PRO A 162 6.11 42.56 -25.52
CA PRO A 162 5.45 42.38 -26.81
C PRO A 162 6.43 42.42 -27.98
N GLY A 163 6.42 41.38 -28.79
CA GLY A 163 7.27 41.33 -30.00
C GLY A 163 8.65 40.74 -29.82
N PHE A 164 9.05 40.44 -28.58
CA PHE A 164 10.38 39.88 -28.35
C PHE A 164 10.46 38.45 -28.91
N ASN A 165 11.42 38.23 -29.81
CA ASN A 165 11.55 36.94 -30.48
C ASN A 165 12.77 36.19 -29.94
N VAL A 166 12.51 35.05 -29.31
CA VAL A 166 13.56 34.25 -28.66
C VAL A 166 14.28 33.34 -29.65
N ILE A 167 13.69 33.16 -30.83
CA ILE A 167 14.26 32.33 -31.86
C ILE A 167 15.01 33.18 -32.89
N GLN A 168 16.32 32.94 -32.95
CA GLN A 168 17.24 33.80 -33.67
C GLN A 168 18.29 32.91 -34.30
N SER A 169 18.52 33.08 -35.61
CA SER A 169 19.48 32.23 -36.32
C SER A 169 20.91 32.57 -35.90
N PRO A 170 21.86 31.62 -36.09
CA PRO A 170 23.28 31.89 -35.91
C PRO A 170 23.79 33.18 -36.56
N GLU A 171 23.31 33.50 -37.77
CA GLU A 171 23.71 34.75 -38.43
C GLU A 171 23.02 35.98 -37.85
N GLN A 172 21.76 35.84 -37.43
CA GLN A 172 21.07 36.93 -36.74
C GLN A 172 21.76 37.25 -35.41
N MET A 173 22.21 36.21 -34.71
CA MET A 173 22.95 36.36 -33.46
C MET A 173 24.24 37.17 -33.59
N GLN A 174 24.88 37.08 -34.76
CA GLN A 174 26.02 37.92 -35.14
C GLN A 174 25.63 39.38 -35.13
N VAL A 175 24.51 39.69 -35.78
CA VAL A 175 23.97 41.05 -35.85
C VAL A 175 23.66 41.58 -34.46
N LEU A 176 22.97 40.78 -33.64
CA LEU A 176 22.61 41.20 -32.26
C LEU A 176 23.83 41.55 -31.40
N LEU A 177 24.86 40.69 -31.46
CA LEU A 177 26.12 40.91 -30.75
C LEU A 177 26.90 42.11 -31.31
N ASP A 178 26.69 42.41 -32.58
CA ASP A 178 27.22 43.59 -33.24
C ASP A 178 26.49 44.85 -32.79
N GLN A 179 25.17 44.76 -32.61
CA GLN A 179 24.34 45.91 -32.25
C GLN A 179 24.30 46.22 -30.75
N ALA A 180 24.02 45.21 -29.93
CA ALA A 180 23.82 45.41 -28.49
C ALA A 180 24.95 44.84 -27.64
N GLY A 181 25.76 43.95 -28.23
CA GLY A 181 26.86 43.30 -27.54
C GLY A 181 26.37 42.07 -26.82
N CYS A 182 25.07 41.80 -26.98
CA CYS A 182 24.41 40.71 -26.28
C CYS A 182 23.15 40.28 -27.00
N CYS A 183 22.66 39.11 -26.61
CA CYS A 183 21.37 38.57 -27.00
C CYS A 183 20.95 37.47 -26.01
N ILE A 184 19.64 37.23 -25.91
CA ILE A 184 19.13 36.12 -25.15
C ILE A 184 18.16 35.34 -26.02
N VAL A 185 18.56 34.13 -26.38
CA VAL A 185 17.86 33.33 -27.37
C VAL A 185 17.58 31.95 -26.82
N GLY A 186 16.68 31.23 -27.49
CA GLY A 186 16.33 29.90 -27.07
C GLY A 186 16.90 28.87 -28.01
N GLN A 187 16.84 27.61 -27.60
CA GLN A 187 17.13 26.50 -28.49
C GLN A 187 16.14 26.45 -29.66
N SER A 188 16.62 25.97 -30.80
CA SER A 188 15.84 25.97 -32.04
C SER A 188 16.34 24.82 -32.88
N GLU A 189 15.93 24.76 -34.14
CA GLU A 189 16.38 23.71 -35.05
C GLU A 189 17.87 23.79 -35.40
N GLN A 190 18.43 25.00 -35.32
CA GLN A 190 19.85 25.19 -35.62
C GLN A 190 20.70 25.15 -34.36
N LEU A 191 20.11 25.53 -33.23
CA LEU A 191 20.85 25.62 -31.97
C LEU A 191 20.41 24.58 -30.94
N VAL A 192 21.30 23.63 -30.66
CA VAL A 192 21.06 22.61 -29.65
C VAL A 192 19.60 22.07 -29.68
N PRO A 193 19.10 21.68 -30.90
CA PRO A 193 17.69 21.29 -30.96
C PRO A 193 17.33 20.18 -29.98
N ALA A 194 18.27 19.26 -29.74
CA ALA A 194 18.04 18.08 -28.89
C ALA A 194 17.82 18.45 -27.43
N ASP A 195 18.50 19.51 -26.96
CA ASP A 195 18.24 20.03 -25.61
C ASP A 195 16.87 20.66 -25.51
N GLY A 196 16.50 21.44 -26.53
CA GLY A 196 15.17 22.02 -26.61
C GLY A 196 14.06 21.00 -26.42
N ILE A 197 14.11 19.92 -27.19
CA ILE A 197 13.12 18.83 -27.12
C ILE A 197 13.06 18.21 -25.72
N LEU A 198 14.22 17.82 -25.21
CA LEU A 198 14.35 17.12 -23.93
C LEU A 198 14.01 18.00 -22.72
N TYR A 199 14.41 19.27 -22.80
CA TYR A 199 14.14 20.30 -21.79
C TYR A 199 12.64 20.48 -21.63
N ALA A 200 11.96 20.66 -22.77
CA ALA A 200 10.51 20.83 -22.80
C ALA A 200 9.80 19.61 -22.20
N ALA A 201 10.32 18.42 -22.48
CA ALA A 201 9.76 17.22 -21.93
C ALA A 201 10.11 17.06 -20.44
N ARG A 202 11.37 17.37 -20.09
CA ARG A 202 11.80 17.30 -18.67
C ARG A 202 10.96 18.16 -17.73
N ASP A 203 10.69 19.39 -18.16
CA ASP A 203 9.79 20.32 -17.46
C ASP A 203 8.56 19.61 -16.88
N VAL A 204 7.90 18.78 -17.68
CA VAL A 204 6.55 18.31 -17.39
C VAL A 204 6.45 16.81 -17.06
N THR A 205 7.61 16.15 -16.91
CA THR A 205 7.65 14.72 -16.65
C THR A 205 8.39 14.33 -15.38
N ALA A 206 8.68 15.31 -14.51
CA ALA A 206 9.41 15.05 -13.28
C ALA A 206 10.81 14.46 -13.53
N THR A 207 11.50 14.98 -14.53
CA THR A 207 12.84 14.51 -14.86
C THR A 207 13.84 15.68 -14.94
N VAL A 208 13.47 16.81 -14.33
CA VAL A 208 14.33 17.97 -14.24
C VAL A 208 15.51 17.72 -13.32
N ASP A 209 15.25 17.10 -12.16
CA ASP A 209 16.27 17.02 -11.09
C ASP A 209 17.20 15.81 -11.25
N SER A 210 17.86 15.78 -12.40
CA SER A 210 18.79 14.71 -12.72
C SER A 210 20.15 15.36 -13.02
N LEU A 211 21.15 14.99 -12.21
CA LEU A 211 22.52 15.46 -12.32
C LEU A 211 23.09 15.38 -13.78
N PRO A 212 23.07 14.18 -14.39
CA PRO A 212 23.55 14.07 -15.79
C PRO A 212 22.73 14.87 -16.81
N LEU A 213 21.41 14.90 -16.64
CA LEU A 213 20.55 15.68 -17.52
C LEU A 213 20.81 17.18 -17.40
N ILE A 214 20.97 17.68 -16.16
CA ILE A 214 21.23 19.12 -15.92
C ILE A 214 22.58 19.55 -16.50
N THR A 215 23.60 18.74 -16.22
CA THR A 215 24.96 18.94 -16.70
C THR A 215 25.02 19.02 -18.22
N ALA A 216 24.44 18.02 -18.87
CA ALA A 216 24.39 17.96 -20.32
C ALA A 216 23.61 19.12 -20.89
N SER A 217 22.48 19.44 -20.26
CA SER A 217 21.61 20.55 -20.70
C SER A 217 22.29 21.93 -20.66
N ILE A 218 22.91 22.24 -19.53
CA ILE A 218 23.57 23.54 -19.36
C ILE A 218 24.78 23.66 -20.27
N LEU A 219 25.67 22.67 -20.18
CA LEU A 219 26.94 22.66 -20.89
C LEU A 219 26.85 22.60 -22.41
N SER A 220 25.87 21.86 -22.93
CA SER A 220 25.67 21.78 -24.38
C SER A 220 25.40 23.14 -25.01
N LYS A 221 24.52 23.91 -24.38
CA LYS A 221 24.22 25.27 -24.81
C LYS A 221 25.43 26.19 -24.75
N LYS A 222 26.22 26.09 -23.69
CA LYS A 222 27.33 27.01 -23.50
C LYS A 222 28.52 26.65 -24.38
N LEU A 223 28.63 25.36 -24.72
CA LEU A 223 29.67 24.82 -25.58
C LEU A 223 29.55 25.32 -27.02
N VAL A 224 28.32 25.42 -27.52
CA VAL A 224 28.10 25.87 -28.89
C VAL A 224 28.32 27.38 -29.06
N GLU A 225 28.35 28.12 -27.94
CA GLU A 225 28.48 29.59 -27.96
C GLU A 225 29.91 30.08 -28.21
N GLY A 226 30.89 29.20 -28.07
CA GLY A 226 32.29 29.54 -28.31
C GLY A 226 32.83 30.58 -27.33
N LEU A 227 32.67 30.30 -26.03
CA LEU A 227 32.99 31.28 -24.97
C LEU A 227 34.43 31.20 -24.50
N SER A 228 34.95 32.32 -24.02
CA SER A 228 36.25 32.31 -23.36
C SER A 228 36.10 31.97 -21.87
N ALA A 229 34.92 32.24 -21.31
CA ALA A 229 34.66 31.97 -19.90
C ALA A 229 33.18 31.77 -19.61
N LEU A 230 32.88 30.88 -18.68
CA LEU A 230 31.51 30.62 -18.26
C LEU A 230 31.42 30.64 -16.75
N VAL A 231 30.39 31.30 -16.24
CA VAL A 231 30.05 31.15 -14.83
C VAL A 231 28.69 30.48 -14.68
N VAL A 232 28.62 29.45 -13.88
CA VAL A 232 27.35 28.82 -13.60
C VAL A 232 26.96 29.01 -12.12
N ASP A 233 25.82 29.64 -11.92
CA ASP A 233 25.29 29.87 -10.59
C ASP A 233 24.41 28.69 -10.18
N VAL A 234 24.90 27.94 -9.18
CA VAL A 234 24.23 26.74 -8.67
C VAL A 234 23.66 27.09 -7.29
N LYS A 235 22.35 27.23 -7.19
CA LYS A 235 21.82 27.60 -5.91
C LYS A 235 21.23 26.44 -5.13
N PHE A 236 21.29 26.55 -3.81
CA PHE A 236 20.73 25.52 -2.95
C PHE A 236 19.73 26.12 -1.96
N GLY A 237 19.06 25.25 -1.21
CA GLY A 237 18.06 25.67 -0.24
C GLY A 237 16.74 25.58 -0.96
N ALA A 238 15.70 25.12 -0.26
CA ALA A 238 14.43 24.76 -0.91
C ALA A 238 13.91 25.80 -1.91
N GLY A 239 13.04 25.35 -2.80
CA GLY A 239 12.76 26.05 -4.03
C GLY A 239 13.71 25.44 -5.04
N ALA A 240 14.99 25.38 -4.69
CA ALA A 240 16.07 25.01 -5.61
C ALA A 240 16.07 23.54 -5.98
N VAL A 241 16.75 23.23 -7.09
CA VAL A 241 16.96 21.87 -7.56
C VAL A 241 17.68 20.98 -6.52
N PHE A 242 18.45 21.59 -5.61
CA PHE A 242 19.10 20.89 -4.50
C PHE A 242 18.90 21.66 -3.21
N PRO A 243 17.86 21.33 -2.43
CA PRO A 243 17.72 21.86 -1.05
C PRO A 243 18.97 21.78 -0.12
N ASN A 244 20.07 21.22 -0.62
CA ASN A 244 21.26 21.01 0.20
C ASN A 244 22.59 21.46 -0.46
N GLN A 245 23.46 22.10 0.33
CA GLN A 245 24.73 22.67 -0.15
C GLN A 245 25.72 21.67 -0.76
N GLU A 246 25.85 20.49 -0.14
CA GLU A 246 26.79 19.49 -0.60
C GLU A 246 26.33 18.84 -1.91
N GLN A 247 25.01 18.65 -2.02
CA GLN A 247 24.38 18.10 -3.22
C GLN A 247 24.69 18.99 -4.43
N ALA A 248 24.26 20.24 -4.30
CA ALA A 248 24.59 21.35 -5.19
C ALA A 248 26.09 21.47 -5.43
N ARG A 249 26.88 21.26 -4.40
CA ARG A 249 28.33 21.23 -4.58
C ARG A 249 28.79 20.15 -5.59
N GLU A 250 28.22 18.95 -5.49
CA GLU A 250 28.53 17.86 -6.44
C GLU A 250 28.19 18.24 -7.88
N LEU A 251 27.05 18.92 -8.06
CA LEU A 251 26.64 19.40 -9.38
C LEU A 251 27.59 20.48 -9.89
N ALA A 252 27.98 21.38 -9.01
CA ALA A 252 28.92 22.45 -9.36
C ALA A 252 30.26 21.90 -9.82
N LYS A 253 30.76 20.89 -9.10
CA LYS A 253 32.02 20.25 -9.42
C LYS A 253 31.95 19.44 -10.71
N THR A 254 30.78 18.85 -10.99
CA THR A 254 30.56 18.10 -12.21
C THR A 254 30.55 19.04 -13.43
N LEU A 255 29.87 20.17 -13.29
CA LEU A 255 29.77 21.18 -14.35
C LEU A 255 31.12 21.74 -14.75
N VAL A 256 31.95 21.99 -13.75
CA VAL A 256 33.29 22.53 -13.92
C VAL A 256 34.26 21.48 -14.46
N GLY A 257 34.13 20.25 -13.97
CA GLY A 257 35.00 19.15 -14.37
C GLY A 257 34.73 18.69 -15.78
N VAL A 258 33.45 18.47 -16.12
CA VAL A 258 33.07 18.07 -17.46
C VAL A 258 33.33 19.22 -18.43
N GLY A 259 32.99 20.44 -18.02
CA GLY A 259 33.27 21.65 -18.79
C GLY A 259 34.71 21.73 -19.25
N ALA A 260 35.62 21.63 -18.29
CA ALA A 260 37.06 21.68 -18.53
C ALA A 260 37.55 20.59 -19.47
N SER A 261 37.06 19.36 -19.26
CA SER A 261 37.41 18.20 -20.10
C SER A 261 36.92 18.39 -21.53
N LEU A 262 35.93 19.28 -21.71
CA LEU A 262 35.37 19.54 -23.04
C LEU A 262 35.90 20.83 -23.64
N GLY A 263 36.90 21.42 -22.98
CA GLY A 263 37.63 22.57 -23.50
C GLY A 263 37.10 23.95 -23.08
N LEU A 264 36.25 23.99 -22.08
CA LEU A 264 35.63 25.25 -21.68
C LEU A 264 36.06 25.70 -20.29
N ARG A 265 36.38 26.98 -20.17
CA ARG A 265 36.80 27.59 -18.91
C ARG A 265 35.54 27.90 -18.09
N VAL A 266 35.28 27.08 -17.09
CA VAL A 266 34.06 27.19 -16.29
C VAL A 266 34.36 27.42 -14.81
N ALA A 267 33.61 28.33 -14.20
CA ALA A 267 33.55 28.42 -12.75
C ALA A 267 32.09 28.30 -12.26
N ALA A 268 31.89 27.71 -11.10
CA ALA A 268 30.57 27.68 -10.51
C ALA A 268 30.48 28.58 -9.29
N ALA A 269 29.31 29.16 -9.06
CA ALA A 269 29.02 29.84 -7.82
C ALA A 269 27.90 29.14 -7.07
N LEU A 270 28.16 28.78 -5.81
CA LEU A 270 27.17 28.15 -4.93
C LEU A 270 26.48 29.25 -4.18
N THR A 271 25.15 29.31 -4.28
CA THR A 271 24.38 30.43 -3.72
C THR A 271 23.15 29.94 -2.95
N ALA A 272 22.82 30.67 -1.87
CA ALA A 272 21.72 30.33 -1.00
C ALA A 272 21.13 31.62 -0.55
N MET A 273 19.90 31.57 -0.07
CA MET A 273 19.13 32.75 0.26
C MET A 273 18.07 32.30 1.26
N ASP A 274 17.67 33.21 2.14
CA ASP A 274 16.53 32.94 2.99
C ASP A 274 15.26 33.61 2.45
N LYS A 275 15.25 33.87 1.15
CA LYS A 275 14.09 34.39 0.43
C LYS A 275 14.24 34.23 -1.10
N PRO A 276 13.15 34.44 -1.87
CA PRO A 276 13.33 34.59 -3.33
C PRO A 276 14.28 35.73 -3.66
N LEU A 277 14.91 35.71 -4.84
CA LEU A 277 15.78 36.82 -5.19
C LEU A 277 14.96 38.10 -5.52
N GLY A 278 15.26 39.17 -4.81
CA GLY A 278 14.51 40.41 -4.94
C GLY A 278 13.11 40.32 -4.36
N ARG A 279 12.16 41.02 -4.99
CA ARG A 279 10.81 41.09 -4.47
C ARG A 279 9.77 40.50 -5.41
N CYS A 280 10.14 40.38 -6.68
CA CYS A 280 9.20 40.00 -7.74
C CYS A 280 9.45 38.58 -8.21
N VAL A 281 8.38 37.77 -8.24
CA VAL A 281 8.43 36.43 -8.80
C VAL A 281 7.36 36.38 -9.89
N GLY A 282 7.71 35.86 -11.06
CA GLY A 282 6.80 35.81 -12.20
C GLY A 282 7.53 36.09 -13.50
N HIS A 283 6.90 36.84 -14.38
CA HIS A 283 7.47 37.10 -15.69
C HIS A 283 7.51 38.59 -16.02
N ALA A 284 6.36 39.19 -16.31
CA ALA A 284 6.29 40.64 -16.47
C ALA A 284 6.87 41.36 -15.24
N LEU A 285 6.50 40.90 -14.05
CA LEU A 285 7.02 41.44 -12.80
C LEU A 285 8.56 41.42 -12.70
N GLU A 286 9.17 40.30 -13.10
CA GLU A 286 10.63 40.14 -13.05
C GLU A 286 11.38 41.02 -14.07
N VAL A 287 10.76 41.25 -15.24
CA VAL A 287 11.28 42.22 -16.22
C VAL A 287 11.31 43.62 -15.59
N GLU A 288 10.21 43.94 -14.92
CA GLU A 288 10.05 45.20 -14.23
C GLU A 288 11.12 45.42 -13.19
N GLU A 289 11.35 44.42 -12.33
CA GLU A 289 12.41 44.50 -11.32
C GLU A 289 13.81 44.56 -11.93
N ALA A 290 14.02 43.85 -13.04
CA ALA A 290 15.32 43.85 -13.73
C ALA A 290 15.64 45.25 -14.24
N LEU A 291 14.63 45.88 -14.85
CA LEU A 291 14.69 47.28 -15.26
C LEU A 291 15.01 48.26 -14.09
N LEU A 292 14.48 48.00 -12.91
CA LEU A 292 14.80 48.76 -11.69
C LEU A 292 16.29 48.72 -11.38
N CYS A 293 16.87 47.53 -11.46
CA CYS A 293 18.27 47.29 -11.17
C CYS A 293 19.17 48.05 -12.18
N MET A 294 18.72 48.08 -13.43
CA MET A 294 19.44 48.78 -14.50
C MET A 294 19.23 50.30 -14.43
N ASP A 295 18.25 50.73 -13.63
CA ASP A 295 18.10 52.13 -13.24
C ASP A 295 19.11 52.58 -12.17
N GLY A 296 19.95 51.67 -11.68
CA GLY A 296 20.79 51.93 -10.51
C GLY A 296 20.08 51.71 -9.18
N ALA A 297 18.88 51.13 -9.24
CA ALA A 297 18.06 50.93 -8.04
C ALA A 297 17.74 49.47 -7.80
N GLY A 298 16.50 49.16 -7.38
CA GLY A 298 16.08 47.79 -7.12
C GLY A 298 16.59 47.29 -5.78
N PRO A 299 16.24 46.05 -5.40
CA PRO A 299 16.68 45.47 -4.11
C PRO A 299 18.19 45.16 -4.09
N PRO A 300 18.83 45.23 -2.90
CA PRO A 300 20.26 45.00 -2.76
C PRO A 300 20.73 43.59 -3.10
N ASP A 301 19.96 42.57 -2.70
CA ASP A 301 20.33 41.18 -2.99
C ASP A 301 20.46 40.96 -4.50
N LEU A 302 19.51 41.49 -5.28
CA LEU A 302 19.57 41.36 -6.74
C LEU A 302 20.81 42.01 -7.33
N ARG A 303 21.07 43.26 -6.94
CA ARG A 303 22.27 43.97 -7.34
C ARG A 303 23.57 43.29 -6.90
N ASP A 304 23.60 42.81 -5.65
CA ASP A 304 24.75 42.10 -5.09
C ASP A 304 25.09 40.88 -5.92
N LEU A 305 24.07 40.15 -6.38
CA LEU A 305 24.26 38.91 -7.12
C LEU A 305 24.69 39.17 -8.55
N VAL A 306 24.12 40.21 -9.17
CA VAL A 306 24.50 40.64 -10.51
C VAL A 306 25.97 41.06 -10.52
N THR A 307 26.37 41.91 -9.58
CA THR A 307 27.76 42.40 -9.48
C THR A 307 28.75 41.31 -9.09
N THR A 308 28.37 40.48 -8.10
CA THR A 308 29.18 39.30 -7.69
C THR A 308 29.46 38.35 -8.86
N LEU A 309 28.40 37.92 -9.54
CA LEU A 309 28.53 36.99 -10.67
C LEU A 309 29.16 37.61 -11.92
N GLY A 310 28.83 38.87 -12.17
CA GLY A 310 29.46 39.62 -13.27
C GLY A 310 30.94 39.79 -13.11
N GLY A 311 31.35 40.13 -11.88
CA GLY A 311 32.75 40.40 -11.53
C GLY A 311 33.58 39.13 -11.52
N ALA A 312 32.96 38.05 -11.08
CA ALA A 312 33.56 36.71 -11.16
C ALA A 312 33.92 36.38 -12.60
N LEU A 313 32.98 36.68 -13.50
CA LEU A 313 33.11 36.43 -14.91
C LEU A 313 34.19 37.28 -15.57
N LEU A 314 34.16 38.59 -15.31
CA LEU A 314 35.18 39.50 -15.81
C LEU A 314 36.58 39.13 -15.33
N TRP A 315 36.69 38.67 -14.08
CA TRP A 315 37.95 38.14 -13.54
C TRP A 315 38.38 36.86 -14.25
N LEU A 316 37.43 35.94 -14.40
CA LEU A 316 37.64 34.63 -15.02
C LEU A 316 38.08 34.74 -16.47
N SER A 317 37.52 35.69 -17.21
CA SER A 317 37.90 35.92 -18.61
C SER A 317 39.14 36.78 -18.80
N GLY A 318 39.68 37.32 -17.70
CA GLY A 318 40.89 38.15 -17.76
C GLY A 318 40.64 39.62 -18.05
N HIS A 319 39.40 40.06 -17.90
CA HIS A 319 39.03 41.46 -18.11
C HIS A 319 39.08 42.31 -16.84
N ALA A 320 39.22 41.66 -15.69
CA ALA A 320 39.41 42.36 -14.42
C ALA A 320 40.51 41.68 -13.62
N GLY A 321 41.27 42.47 -12.88
CA GLY A 321 42.39 41.96 -12.08
C GLY A 321 41.93 41.05 -10.93
N THR A 322 40.84 41.45 -10.29
CA THR A 322 40.22 40.66 -9.23
C THR A 322 38.70 40.60 -9.45
N GLN A 323 38.03 39.73 -8.70
CA GLN A 323 36.56 39.69 -8.73
C GLN A 323 35.95 41.01 -8.23
N ALA A 324 36.53 41.58 -7.17
CA ALA A 324 36.09 42.86 -6.62
C ALA A 324 36.21 44.04 -7.60
N GLN A 325 37.28 44.09 -8.40
CA GLN A 325 37.43 45.10 -9.48
C GLN A 325 36.35 44.92 -10.55
N GLY A 326 36.12 43.67 -10.95
CA GLY A 326 35.06 43.34 -11.90
C GLY A 326 33.66 43.72 -11.44
N ALA A 327 33.36 43.42 -10.17
CA ALA A 327 32.05 43.75 -9.55
C ALA A 327 31.76 45.24 -9.54
N ALA A 328 32.79 46.05 -9.26
CA ALA A 328 32.71 47.52 -9.31
C ALA A 328 32.48 48.02 -10.74
N ARG A 329 33.09 47.34 -11.70
CA ARG A 329 32.93 47.64 -13.12
C ARG A 329 31.46 47.38 -13.55
N VAL A 330 30.89 46.24 -13.14
CA VAL A 330 29.50 45.92 -13.42
C VAL A 330 28.56 46.90 -12.71
N ALA A 331 28.79 47.17 -11.42
CA ALA A 331 28.03 48.19 -10.67
C ALA A 331 28.00 49.55 -11.40
N ALA A 332 29.14 50.00 -11.90
CA ALA A 332 29.22 51.24 -12.66
C ALA A 332 28.30 51.25 -13.88
N ALA A 333 28.18 50.11 -14.55
CA ALA A 333 27.32 49.97 -15.72
C ALA A 333 25.83 50.03 -15.35
N LEU A 334 25.51 49.64 -14.11
CA LEU A 334 24.16 49.72 -13.59
C LEU A 334 23.82 51.15 -13.24
N ASP A 335 24.84 51.94 -12.91
CA ASP A 335 24.67 53.29 -12.38
C ASP A 335 24.72 54.41 -13.43
N ASP A 336 25.32 54.15 -14.59
CA ASP A 336 25.47 55.22 -15.58
C ASP A 336 24.53 55.07 -16.79
N GLY A 337 23.60 54.11 -16.70
CA GLY A 337 22.56 53.94 -17.71
C GLY A 337 22.98 53.09 -18.89
N SER A 338 24.22 52.60 -18.88
CA SER A 338 24.76 51.91 -20.05
C SER A 338 24.26 50.47 -20.17
N ALA A 339 24.12 49.77 -19.06
CA ALA A 339 23.44 48.45 -19.05
C ALA A 339 22.01 48.58 -19.60
N LEU A 340 21.26 49.54 -19.08
CA LEU A 340 19.90 49.85 -19.58
C LEU A 340 19.90 50.17 -21.09
N GLY A 341 20.85 51.00 -21.52
CA GLY A 341 21.05 51.30 -22.94
C GLY A 341 21.25 50.07 -23.82
N ARG A 342 22.11 49.16 -23.38
CA ARG A 342 22.39 47.90 -24.08
C ARG A 342 21.17 46.99 -24.13
N PHE A 343 20.38 47.00 -23.05
CA PHE A 343 19.19 46.18 -22.95
C PHE A 343 18.15 46.66 -23.96
N GLU A 344 17.96 47.96 -24.02
CA GLU A 344 17.08 48.57 -25.03
C GLU A 344 17.46 48.18 -26.48
N ARG A 345 18.76 48.22 -26.79
CA ARG A 345 19.27 47.80 -28.11
C ARG A 345 18.94 46.34 -28.40
N MET A 346 19.17 45.47 -27.39
CA MET A 346 18.86 44.03 -27.50
C MET A 346 17.36 43.78 -27.77
N LEU A 347 16.50 44.51 -27.10
CA LEU A 347 15.06 44.35 -27.23
C LEU A 347 14.61 44.68 -28.63
N ALA A 348 15.10 45.79 -29.16
CA ALA A 348 14.73 46.27 -30.47
C ALA A 348 15.29 45.37 -31.56
N ALA A 349 16.52 44.89 -31.34
CA ALA A 349 17.20 44.02 -32.28
C ALA A 349 16.51 42.65 -32.38
N GLN A 350 15.82 42.24 -31.32
CA GLN A 350 15.15 40.94 -31.27
C GLN A 350 13.63 40.97 -31.51
N GLY A 351 13.14 42.03 -32.16
CA GLY A 351 11.74 42.11 -32.56
C GLY A 351 10.84 43.09 -31.81
N VAL A 352 11.29 43.60 -30.66
CA VAL A 352 10.50 44.62 -29.94
C VAL A 352 10.48 45.92 -30.75
N ASP A 353 9.28 46.47 -30.95
CA ASP A 353 9.11 47.78 -31.60
C ASP A 353 9.99 48.84 -30.91
N PRO A 354 10.84 49.52 -31.69
CA PRO A 354 11.77 50.53 -31.19
C PRO A 354 11.11 51.55 -30.23
N GLY A 355 9.90 51.99 -30.57
CA GLY A 355 9.14 52.96 -29.77
C GLY A 355 8.73 52.41 -28.41
N LEU A 356 8.33 51.14 -28.39
CA LEU A 356 8.01 50.43 -27.15
C LEU A 356 9.26 50.10 -26.32
N ALA A 357 10.33 49.63 -26.97
CA ALA A 357 11.60 49.35 -26.28
C ALA A 357 12.11 50.60 -25.56
N ARG A 358 12.11 51.74 -26.24
CA ARG A 358 12.52 53.02 -25.67
C ARG A 358 11.57 53.49 -24.55
N ALA A 359 10.27 53.36 -24.80
CA ALA A 359 9.24 53.71 -23.82
C ALA A 359 9.32 52.84 -22.56
N LEU A 360 9.72 51.59 -22.73
CA LEU A 360 9.88 50.67 -21.61
C LEU A 360 11.13 50.96 -20.78
N CYS A 361 12.24 51.18 -21.46
CA CYS A 361 13.54 51.40 -20.79
C CYS A 361 13.68 52.75 -20.12
N SER A 362 13.20 53.81 -20.77
CA SER A 362 13.28 55.16 -20.21
C SER A 362 12.06 55.52 -19.35
N GLY A 363 11.06 54.63 -19.30
CA GLY A 363 9.83 54.87 -18.57
C GLY A 363 9.95 54.66 -17.07
N SER A 364 8.98 55.21 -16.34
CA SER A 364 8.90 55.07 -14.89
C SER A 364 8.37 53.70 -14.55
N PRO A 365 8.58 53.22 -13.30
CA PRO A 365 7.97 51.96 -12.91
C PRO A 365 6.49 51.82 -13.34
N ALA A 366 5.69 52.86 -13.12
CA ALA A 366 4.25 52.84 -13.43
C ALA A 366 3.95 52.77 -14.93
N GLU A 367 4.79 53.41 -15.73
CA GLU A 367 4.66 53.32 -17.19
C GLU A 367 5.02 51.94 -17.72
N ARG A 368 6.08 51.34 -17.18
CA ARG A 368 6.44 49.96 -17.47
C ARG A 368 5.32 48.95 -17.18
N ARG A 369 4.68 49.06 -16.00
CA ARG A 369 3.55 48.20 -15.64
C ARG A 369 2.47 48.24 -16.70
N GLN A 370 2.27 49.43 -17.27
CA GLN A 370 1.26 49.69 -18.28
C GLN A 370 1.55 49.01 -19.61
N LEU A 371 2.83 48.92 -19.95
CA LEU A 371 3.27 48.39 -21.24
C LEU A 371 3.38 46.87 -21.23
N LEU A 372 3.50 46.28 -20.05
CA LEU A 372 3.68 44.84 -19.92
C LEU A 372 2.40 44.19 -19.40
N PRO A 373 2.20 42.90 -19.69
CA PRO A 373 0.98 42.21 -19.22
C PRO A 373 0.74 42.34 -17.70
N ARG A 374 -0.52 42.58 -17.34
CA ARG A 374 -0.96 42.71 -15.95
C ARG A 374 -2.02 41.67 -15.66
N ALA A 375 -1.92 41.01 -14.51
CA ALA A 375 -2.99 40.10 -14.08
C ALA A 375 -4.24 40.92 -13.81
N ARG A 376 -5.41 40.35 -14.05
CA ARG A 376 -6.68 41.08 -13.88
C ARG A 376 -6.93 41.46 -12.43
N GLU A 377 -6.47 40.62 -11.52
CA GLU A 377 -6.78 40.78 -10.09
C GLU A 377 -5.54 40.80 -9.21
N GLN A 378 -5.68 41.43 -8.05
CA GLN A 378 -4.64 41.53 -7.04
C GLN A 378 -5.22 41.30 -5.67
N GLU A 379 -4.49 40.55 -4.85
CA GLU A 379 -4.81 40.48 -3.43
C GLU A 379 -3.53 40.49 -2.58
N GLU A 380 -3.68 41.03 -1.38
CA GLU A 380 -2.57 41.13 -0.46
C GLU A 380 -2.81 40.21 0.72
N LEU A 381 -1.75 39.51 1.11
CA LEU A 381 -1.77 38.69 2.33
C LEU A 381 -1.15 39.52 3.44
N LEU A 382 -1.80 39.52 4.60
CA LEU A 382 -1.40 40.34 5.74
C LEU A 382 -0.71 39.49 6.80
N ALA A 383 0.19 40.14 7.55
CA ALA A 383 0.92 39.49 8.63
C ALA A 383 -0.01 39.07 9.77
N PRO A 384 0.02 37.78 10.15
CA PRO A 384 -0.89 37.26 11.18
C PRO A 384 -0.58 37.76 12.58
N ALA A 385 0.66 38.20 12.82
CA ALA A 385 1.07 38.72 14.12
C ALA A 385 2.26 39.67 14.00
N ASP A 386 2.65 40.24 15.13
CA ASP A 386 3.92 40.94 15.29
C ASP A 386 5.06 39.96 15.13
N GLY A 387 6.15 40.42 14.53
CA GLY A 387 7.34 39.60 14.39
C GLY A 387 8.37 40.22 13.47
N THR A 388 9.59 39.69 13.56
CA THR A 388 10.65 39.94 12.62
C THR A 388 10.57 38.86 11.54
N VAL A 389 10.59 39.28 10.28
CA VAL A 389 10.65 38.36 9.15
C VAL A 389 11.97 37.61 9.23
N GLU A 390 11.91 36.33 9.58
CA GLU A 390 13.08 35.47 9.57
C GLU A 390 13.38 34.97 8.17
N LEU A 391 12.33 34.73 7.39
CA LEU A 391 12.44 34.02 6.12
C LEU A 391 11.13 34.08 5.34
N VAL A 392 11.26 34.18 4.01
CA VAL A 392 10.11 33.98 3.12
C VAL A 392 10.45 32.77 2.26
N ARG A 393 9.78 31.65 2.55
CA ARG A 393 10.07 30.38 1.88
C ARG A 393 9.71 30.42 0.40
N ALA A 394 10.71 30.21 -0.46
CA ALA A 394 10.56 30.32 -1.91
C ALA A 394 9.70 29.21 -2.52
N LEU A 395 9.81 28.00 -1.99
CA LEU A 395 9.19 26.84 -2.61
C LEU A 395 7.65 26.92 -2.66
N PRO A 396 6.99 27.22 -1.51
CA PRO A 396 5.54 27.32 -1.52
C PRO A 396 5.05 28.40 -2.48
N LEU A 397 5.85 29.45 -2.65
CA LEU A 397 5.50 30.55 -3.52
C LEU A 397 5.60 30.14 -5.01
N ALA A 398 6.69 29.47 -5.35
CA ALA A 398 6.88 28.87 -6.67
C ALA A 398 5.73 27.93 -7.09
N LEU A 399 5.32 27.05 -6.17
CA LEU A 399 4.32 26.02 -6.42
C LEU A 399 2.93 26.63 -6.69
N VAL A 400 2.54 27.60 -5.87
CA VAL A 400 1.26 28.28 -6.00
C VAL A 400 1.22 29.13 -7.30
N LEU A 401 2.28 29.87 -7.58
CA LEU A 401 2.34 30.66 -8.81
C LEU A 401 2.32 29.82 -10.06
N HIS A 402 2.99 28.67 -10.00
CA HIS A 402 2.93 27.66 -11.07
C HIS A 402 1.48 27.28 -11.40
N GLU A 403 0.70 26.90 -10.38
CA GLU A 403 -0.72 26.54 -10.54
C GLU A 403 -1.62 27.69 -11.04
N LEU A 404 -1.23 28.94 -10.77
CA LEU A 404 -2.00 30.10 -11.23
C LEU A 404 -1.74 30.50 -12.68
N GLY A 405 -0.81 29.82 -13.34
CA GLY A 405 -0.52 30.06 -14.77
C GLY A 405 0.88 30.55 -15.05
N ALA A 406 1.71 30.64 -14.01
CA ALA A 406 3.11 31.01 -14.18
C ALA A 406 4.01 29.81 -14.54
N GLY A 407 3.45 28.59 -14.55
CA GLY A 407 4.17 27.40 -14.95
C GLY A 407 3.35 26.52 -15.86
N ARG A 408 3.95 25.44 -16.35
CA ARG A 408 3.28 24.51 -17.29
C ARG A 408 2.98 23.14 -16.70
N SER A 409 1.83 22.58 -17.03
CA SER A 409 1.50 21.18 -16.74
C SER A 409 1.69 20.29 -17.97
N ARG A 410 1.95 20.91 -19.10
CA ARG A 410 2.25 20.21 -20.35
C ARG A 410 3.08 21.09 -21.24
N ALA A 411 3.86 20.48 -22.12
CA ALA A 411 4.79 21.18 -23.00
C ALA A 411 4.08 22.05 -24.02
N GLY A 412 4.63 23.22 -24.29
CA GLY A 412 4.07 24.13 -25.29
C GLY A 412 2.87 24.92 -24.80
N GLU A 413 2.48 24.71 -23.53
CA GLU A 413 1.35 25.40 -22.92
C GLU A 413 1.72 26.86 -22.67
N PRO A 414 0.91 27.80 -23.17
CA PRO A 414 1.14 29.24 -22.95
C PRO A 414 1.00 29.62 -21.47
N LEU A 415 1.79 30.61 -21.06
CA LEU A 415 1.81 31.06 -19.67
C LEU A 415 0.98 32.32 -19.50
N ARG A 416 0.49 32.54 -18.28
CA ARG A 416 -0.11 33.83 -17.94
C ARG A 416 0.99 34.71 -17.35
N LEU A 417 1.52 35.58 -18.21
CA LEU A 417 2.77 36.32 -17.98
C LEU A 417 2.62 37.47 -16.99
N GLY A 418 1.37 37.88 -16.74
CA GLY A 418 1.07 38.89 -15.73
C GLY A 418 0.98 38.32 -14.32
N VAL A 419 0.74 37.02 -14.23
CA VAL A 419 0.67 36.33 -12.93
C VAL A 419 2.03 36.34 -12.21
N GLY A 420 1.98 36.46 -10.89
CA GLY A 420 3.16 36.52 -10.06
C GLY A 420 2.86 37.06 -8.68
N ALA A 421 3.92 37.36 -7.94
CA ALA A 421 3.79 37.87 -6.58
C ALA A 421 4.91 38.86 -6.30
N GLU A 422 4.60 39.86 -5.48
CA GLU A 422 5.59 40.84 -5.02
C GLU A 422 5.71 40.76 -3.51
N LEU A 423 6.94 40.55 -3.02
CA LEU A 423 7.23 40.66 -1.59
C LEU A 423 7.21 42.12 -1.22
N LEU A 424 6.45 42.44 -0.19
CA LEU A 424 6.25 43.83 0.24
C LEU A 424 7.09 44.13 1.49
N VAL A 425 7.79 43.12 1.98
CA VAL A 425 8.62 43.27 3.17
C VAL A 425 10.02 42.69 2.92
N ASP A 426 10.98 43.10 3.74
CA ASP A 426 12.33 42.55 3.71
C ASP A 426 12.48 41.47 4.78
N VAL A 427 13.40 40.54 4.54
CA VAL A 427 13.85 39.62 5.56
C VAL A 427 14.65 40.45 6.57
N GLY A 428 14.32 40.27 7.85
CA GLY A 428 14.97 41.01 8.92
C GLY A 428 14.17 42.21 9.38
N GLN A 429 13.07 42.47 8.70
CA GLN A 429 12.21 43.62 8.98
C GLN A 429 11.21 43.27 10.07
N ARG A 430 11.05 44.17 11.04
CA ARG A 430 10.00 44.05 12.06
C ARG A 430 8.67 44.55 11.51
N LEU A 431 7.62 43.75 11.61
CA LEU A 431 6.32 44.16 11.10
C LEU A 431 5.17 43.93 12.07
N ARG A 432 4.15 44.76 11.91
CA ARG A 432 2.95 44.72 12.74
C ARG A 432 1.93 43.77 12.10
N ARG A 433 1.00 43.26 12.91
CA ARG A 433 -0.06 42.43 12.37
C ARG A 433 -0.99 43.24 11.47
N GLY A 434 -1.44 42.63 10.38
CA GLY A 434 -2.34 43.27 9.43
C GLY A 434 -1.60 44.09 8.38
N THR A 435 -0.28 44.08 8.44
CA THR A 435 0.52 44.76 7.42
C THR A 435 0.76 43.84 6.22
N PRO A 436 0.51 44.34 4.99
CA PRO A 436 0.64 43.50 3.82
C PRO A 436 2.09 43.07 3.58
N TRP A 437 2.31 41.78 3.39
CA TRP A 437 3.65 41.25 3.18
C TRP A 437 3.82 40.66 1.79
N LEU A 438 2.72 40.29 1.15
CA LEU A 438 2.75 39.71 -0.19
C LEU A 438 1.55 40.20 -0.99
N ARG A 439 1.81 40.70 -2.20
CA ARG A 439 0.77 40.98 -3.16
C ARG A 439 0.81 39.92 -4.26
N VAL A 440 -0.31 39.20 -4.43
CA VAL A 440 -0.45 38.18 -5.47
C VAL A 440 -1.21 38.75 -6.68
N HIS A 441 -0.66 38.58 -7.88
CA HIS A 441 -1.32 38.95 -9.13
C HIS A 441 -1.87 37.70 -9.80
N ARG A 442 -3.19 37.60 -9.87
CA ARG A 442 -3.86 36.41 -10.39
C ARG A 442 -4.93 36.79 -11.41
N ASP A 443 -5.21 35.86 -12.31
CA ASP A 443 -6.18 36.05 -13.38
C ASP A 443 -7.55 35.53 -13.01
N GLY A 444 -7.62 34.65 -12.02
CA GLY A 444 -8.87 34.05 -11.55
C GLY A 444 -9.47 34.82 -10.38
N PRO A 445 -10.63 34.37 -9.88
CA PRO A 445 -11.31 35.11 -8.80
C PRO A 445 -10.69 34.99 -7.40
N ALA A 446 -9.85 33.98 -7.18
CA ALA A 446 -9.41 33.64 -5.81
C ALA A 446 -8.19 32.75 -5.75
N LEU A 447 -7.48 32.80 -4.63
CA LEU A 447 -6.61 31.69 -4.28
C LEU A 447 -7.50 30.64 -3.63
N SER A 448 -7.32 29.38 -4.01
CA SER A 448 -7.96 28.28 -3.31
C SER A 448 -7.47 28.28 -1.86
N GLY A 449 -8.25 27.70 -0.95
CA GLY A 449 -7.86 27.56 0.44
C GLY A 449 -6.47 26.97 0.59
N PRO A 450 -6.24 25.78 0.01
CA PRO A 450 -4.92 25.16 0.05
C PRO A 450 -3.78 26.06 -0.44
N GLN A 451 -4.00 26.82 -1.51
CA GLN A 451 -2.96 27.74 -1.98
C GLN A 451 -2.85 29.02 -1.12
N SER A 452 -3.98 29.47 -0.57
CA SER A 452 -3.96 30.57 0.37
C SER A 452 -3.15 30.18 1.62
N ARG A 453 -3.40 28.97 2.11
CA ARG A 453 -2.69 28.43 3.27
C ARG A 453 -1.20 28.18 2.99
N ALA A 454 -0.90 27.66 1.81
CA ALA A 454 0.46 27.42 1.40
C ALA A 454 1.28 28.71 1.36
N LEU A 455 0.66 29.82 0.95
CA LEU A 455 1.38 31.08 0.86
C LEU A 455 1.63 31.69 2.25
N GLN A 456 0.65 31.53 3.13
CA GLN A 456 0.74 32.00 4.53
C GLN A 456 1.87 31.33 5.30
N GLU A 457 2.06 30.03 5.08
CA GLU A 457 3.14 29.29 5.70
C GLU A 457 4.53 29.60 5.15
N ALA A 458 4.59 30.35 4.04
CA ALA A 458 5.88 30.81 3.49
C ALA A 458 6.49 31.89 4.38
N LEU A 459 5.65 32.70 5.00
CA LEU A 459 6.13 33.75 5.89
C LEU A 459 6.53 33.23 7.28
N VAL A 460 7.83 33.31 7.57
CA VAL A 460 8.37 32.88 8.86
C VAL A 460 8.65 34.09 9.73
N LEU A 461 7.99 34.15 10.87
CA LEU A 461 8.15 35.25 11.82
C LEU A 461 8.75 34.75 13.15
N SER A 462 9.48 35.63 13.83
CA SER A 462 10.08 35.31 15.12
C SER A 462 10.08 36.49 16.08
N ASP A 463 10.50 36.23 17.31
CA ASP A 463 10.60 37.23 18.36
C ASP A 463 11.89 38.05 18.31
N ARG A 464 12.84 37.58 17.51
CA ARG A 464 14.16 38.19 17.40
C ARG A 464 14.14 39.69 17.08
N ALA A 465 15.26 40.36 17.39
CA ALA A 465 15.44 41.76 17.04
C ALA A 465 15.61 41.89 15.53
N PRO A 466 15.10 42.98 14.93
CA PRO A 466 15.26 43.23 13.49
C PRO A 466 16.73 43.30 13.07
N PHE A 467 17.01 42.82 11.87
CA PHE A 467 18.37 42.71 11.36
C PHE A 467 18.43 43.04 9.87
N ALA A 468 19.63 43.36 9.38
CA ALA A 468 19.83 43.68 7.98
C ALA A 468 19.66 42.44 7.12
N ALA A 469 18.95 42.59 6.00
CA ALA A 469 18.76 41.52 5.04
C ALA A 469 20.12 40.99 4.60
N PRO A 470 20.42 39.72 4.93
CA PRO A 470 21.68 39.11 4.49
C PRO A 470 21.76 39.09 2.97
N LEU A 471 22.95 39.39 2.47
CA LEU A 471 23.22 39.35 1.05
C LEU A 471 23.54 37.92 0.65
N PRO A 472 23.05 37.49 -0.53
CA PRO A 472 23.14 36.11 -0.96
C PRO A 472 24.51 35.47 -0.68
N PHE A 473 24.48 34.23 -0.20
CA PHE A 473 25.67 33.40 -0.13
C PHE A 473 26.17 33.16 -1.57
N ALA A 474 27.47 33.30 -1.78
CA ALA A 474 28.05 33.07 -3.09
C ALA A 474 29.50 32.60 -2.99
N GLU A 475 29.68 31.29 -2.93
CA GLU A 475 31.01 30.69 -2.91
C GLU A 475 31.37 30.24 -4.32
N LEU A 476 32.61 30.50 -4.71
CA LEU A 476 33.10 30.06 -6.01
C LEU A 476 33.74 28.66 -6.02
N VAL A 477 33.43 27.91 -7.09
CA VAL A 477 34.12 26.67 -7.41
C VAL A 477 34.83 26.95 -8.73
N LEU A 478 36.17 26.95 -8.62
CA LEU A 478 37.04 27.47 -9.64
C LEU A 478 37.67 26.35 -10.48
N PRO A 479 37.96 26.66 -11.75
CA PRO A 479 38.71 25.77 -12.64
C PRO A 479 40.18 25.70 -12.18
N LYS B 34 5.64 -17.36 10.20
CA LYS B 34 4.69 -17.72 11.28
C LYS B 34 3.34 -16.99 11.16
N GLN B 35 2.26 -17.78 11.16
CA GLN B 35 0.89 -17.24 11.20
C GLN B 35 0.67 -16.43 12.47
N LEU B 36 -0.43 -15.69 12.53
CA LEU B 36 -0.73 -14.89 13.72
C LEU B 36 -1.23 -15.68 14.93
N PRO B 37 -2.18 -16.62 14.75
CA PRO B 37 -2.66 -17.37 15.93
C PRO B 37 -1.54 -18.11 16.67
N GLU B 38 -0.50 -18.50 15.91
CA GLU B 38 0.67 -19.23 16.43
C GLU B 38 1.58 -18.30 17.22
N LEU B 39 1.74 -17.07 16.74
CA LEU B 39 2.50 -16.04 17.44
C LEU B 39 1.89 -15.73 18.82
N ILE B 40 0.57 -15.53 18.84
CA ILE B 40 -0.18 -15.31 20.09
C ILE B 40 -0.05 -16.48 21.05
N ARG B 41 -0.16 -17.70 20.52
CA ARG B 41 -0.06 -18.93 21.31
C ARG B 41 1.32 -19.04 21.98
N MET B 42 2.38 -18.75 21.23
CA MET B 42 3.75 -18.73 21.76
C MET B 42 3.89 -17.82 22.98
N LYS B 43 3.41 -16.58 22.85
CA LYS B 43 3.47 -15.59 23.94
C LYS B 43 2.54 -15.97 25.09
N ARG B 44 1.35 -16.43 24.75
CA ARG B 44 0.39 -16.93 25.73
C ARG B 44 1.02 -17.97 26.67
N ASP B 45 1.83 -18.88 26.11
CA ASP B 45 2.48 -19.93 26.90
C ASP B 45 3.75 -19.48 27.63
N GLY B 46 4.06 -18.19 27.56
CA GLY B 46 5.24 -17.64 28.23
C GLY B 46 6.50 -17.82 27.42
N GLY B 47 6.35 -18.18 26.14
CA GLY B 47 7.47 -18.32 25.23
C GLY B 47 8.02 -16.99 24.74
N ARG B 48 9.28 -17.04 24.30
CA ARG B 48 9.97 -15.91 23.73
C ARG B 48 9.63 -15.80 22.25
N LEU B 49 9.39 -14.57 21.78
CA LEU B 49 9.16 -14.33 20.36
C LEU B 49 10.45 -13.90 19.68
N SER B 50 10.72 -14.47 18.51
CA SER B 50 11.95 -14.17 17.80
C SER B 50 11.87 -12.81 17.15
N GLU B 51 13.00 -12.31 16.66
CA GLU B 51 13.01 -11.04 15.94
C GLU B 51 12.04 -11.10 14.76
N ALA B 52 12.08 -12.22 14.03
CA ALA B 52 11.17 -12.48 12.89
C ALA B 52 9.69 -12.47 13.30
N ASP B 53 9.39 -13.11 14.43
CA ASP B 53 8.04 -13.16 14.98
C ASP B 53 7.49 -11.76 15.29
N ILE B 54 8.27 -10.97 16.04
CA ILE B 54 7.88 -9.62 16.44
C ILE B 54 7.64 -8.73 15.20
N ARG B 55 8.61 -8.73 14.28
CA ARG B 55 8.48 -7.98 13.03
C ARG B 55 7.28 -8.41 12.18
N GLY B 56 7.02 -9.72 12.13
CA GLY B 56 5.84 -10.26 11.46
C GLY B 56 4.53 -9.76 12.08
N PHE B 57 4.45 -9.80 13.40
CA PHE B 57 3.25 -9.31 14.09
C PHE B 57 3.04 -7.81 13.83
N VAL B 58 4.12 -7.04 13.91
CA VAL B 58 4.08 -5.59 13.68
C VAL B 58 3.66 -5.27 12.24
N ALA B 59 4.22 -6.01 11.27
CA ALA B 59 3.82 -5.90 9.87
C ALA B 59 2.33 -6.18 9.65
N ALA B 60 1.83 -7.24 10.28
CA ALA B 60 0.42 -7.61 10.19
C ALA B 60 -0.49 -6.53 10.77
N VAL B 61 -0.05 -5.88 11.85
CA VAL B 61 -0.77 -4.76 12.45
C VAL B 61 -0.90 -3.57 11.47
N VAL B 62 0.22 -3.20 10.85
CA VAL B 62 0.27 -2.09 9.89
C VAL B 62 -0.58 -2.30 8.62
N ASN B 63 -0.57 -3.51 8.05
CA ASN B 63 -1.27 -3.76 6.79
C ASN B 63 -2.74 -4.21 6.95
N GLY B 64 -3.18 -4.37 8.18
CA GLY B 64 -4.56 -4.76 8.47
C GLY B 64 -4.81 -6.26 8.57
N SER B 65 -3.79 -7.07 8.30
CA SER B 65 -3.90 -8.54 8.42
C SER B 65 -4.21 -9.00 9.84
N ALA B 66 -3.65 -8.29 10.82
CA ALA B 66 -3.98 -8.55 12.21
C ALA B 66 -5.32 -7.91 12.48
N GLN B 67 -6.31 -8.74 12.77
CA GLN B 67 -7.62 -8.25 13.13
C GLN B 67 -7.63 -7.77 14.58
N GLY B 68 -8.62 -6.95 14.93
CA GLY B 68 -8.76 -6.39 16.27
C GLY B 68 -8.54 -7.41 17.35
N ALA B 69 -9.28 -8.52 17.30
CA ALA B 69 -9.23 -9.56 18.33
C ALA B 69 -7.85 -10.16 18.53
N GLN B 70 -7.08 -10.21 17.44
CA GLN B 70 -5.71 -10.72 17.47
C GLN B 70 -4.73 -9.71 18.07
N ILE B 71 -4.99 -8.43 17.84
CA ILE B 71 -4.24 -7.36 18.48
C ILE B 71 -4.51 -7.37 20.00
N GLY B 72 -5.79 -7.42 20.39
CA GLY B 72 -6.15 -7.50 21.80
C GLY B 72 -5.56 -8.69 22.53
N ALA B 73 -5.60 -9.85 21.90
CA ALA B 73 -5.07 -11.09 22.48
C ALA B 73 -3.55 -11.08 22.60
N MET B 74 -2.87 -10.55 21.59
CA MET B 74 -1.42 -10.41 21.67
C MET B 74 -1.01 -9.43 22.77
N LEU B 75 -1.71 -8.31 22.84
CA LEU B 75 -1.43 -7.29 23.85
C LEU B 75 -1.61 -7.84 25.26
N MET B 76 -2.70 -8.59 25.48
CA MET B 76 -2.97 -9.21 26.79
C MET B 76 -1.99 -10.33 27.14
N ALA B 77 -1.59 -11.10 26.14
CA ALA B 77 -0.55 -12.11 26.33
C ALA B 77 0.75 -11.46 26.81
N ILE B 78 1.17 -10.40 26.11
CA ILE B 78 2.35 -9.62 26.48
C ILE B 78 2.19 -8.96 27.88
N ARG B 79 1.00 -8.43 28.17
CA ARG B 79 0.70 -7.84 29.46
C ARG B 79 0.79 -8.86 30.60
N LEU B 80 0.35 -10.10 30.36
CA LEU B 80 0.34 -11.10 31.43
C LEU B 80 1.60 -11.98 31.51
N ARG B 81 2.25 -12.19 30.37
CA ARG B 81 3.42 -13.06 30.30
C ARG B 81 4.76 -12.34 30.10
N GLY B 82 4.72 -11.06 29.72
CA GLY B 82 5.92 -10.21 29.64
C GLY B 82 6.79 -10.39 28.42
N MET B 83 7.87 -9.61 28.36
CA MET B 83 8.89 -9.70 27.31
C MET B 83 10.25 -9.40 27.92
N ASP B 84 11.29 -10.09 27.49
CA ASP B 84 12.65 -9.79 27.93
C ASP B 84 13.21 -8.58 27.18
N LEU B 85 14.41 -8.13 27.58
CA LEU B 85 14.99 -6.90 27.06
C LEU B 85 15.21 -6.92 25.55
N GLU B 86 15.58 -8.09 25.03
CA GLU B 86 15.84 -8.28 23.61
C GLU B 86 14.54 -8.17 22.81
N GLU B 87 13.48 -8.84 23.28
CA GLU B 87 12.13 -8.72 22.72
C GLU B 87 11.68 -7.26 22.71
N THR B 88 11.80 -6.60 23.87
CA THR B 88 11.42 -5.19 24.03
C THR B 88 12.16 -4.30 23.02
N SER B 89 13.46 -4.54 22.88
CA SER B 89 14.31 -3.79 21.94
C SER B 89 13.91 -3.98 20.49
N VAL B 90 13.64 -5.23 20.12
CA VAL B 90 13.16 -5.52 18.77
C VAL B 90 11.77 -4.92 18.51
N LEU B 91 10.90 -4.95 19.52
CA LEU B 91 9.56 -4.38 19.41
C LEU B 91 9.63 -2.87 19.20
N THR B 92 10.60 -2.23 19.86
CA THR B 92 10.83 -0.78 19.73
C THR B 92 11.28 -0.42 18.31
N GLN B 93 12.20 -1.23 17.77
CA GLN B 93 12.72 -1.07 16.41
C GLN B 93 11.65 -1.30 15.34
N ALA B 94 10.85 -2.34 15.55
CA ALA B 94 9.78 -2.69 14.61
C ALA B 94 8.70 -1.60 14.56
N LEU B 95 8.31 -1.08 15.73
CA LEU B 95 7.36 0.04 15.78
C LEU B 95 7.91 1.32 15.13
N ALA B 96 9.19 1.61 15.37
CA ALA B 96 9.83 2.79 14.76
C ALA B 96 9.88 2.67 13.24
N GLN B 97 10.20 1.47 12.75
CA GLN B 97 10.43 1.20 11.34
C GLN B 97 9.14 0.90 10.57
N SER B 98 8.00 0.89 11.27
CA SER B 98 6.69 0.63 10.66
C SER B 98 6.21 1.80 9.79
N GLY B 99 6.79 2.97 9.98
CA GLY B 99 6.57 4.10 9.08
C GLY B 99 7.88 4.73 8.63
N GLN B 100 7.82 6.04 8.39
CA GLN B 100 8.97 6.79 7.90
C GLN B 100 9.83 7.28 9.04
N GLN B 101 11.14 7.38 8.79
CA GLN B 101 12.11 8.02 9.66
C GLN B 101 12.17 9.49 9.24
N LEU B 102 12.19 10.38 10.22
CA LEU B 102 12.30 11.82 9.94
C LEU B 102 13.74 12.28 9.69
N GLU B 103 13.91 13.05 8.61
CA GLU B 103 15.19 13.59 8.19
C GLU B 103 15.11 15.11 8.26
N TRP B 104 16.13 15.73 8.83
CA TRP B 104 16.12 17.18 8.97
C TRP B 104 17.41 17.80 8.42
N PRO B 105 17.37 19.10 8.06
CA PRO B 105 18.60 19.81 7.70
C PRO B 105 19.72 19.56 8.70
N GLU B 106 20.93 19.40 8.19
CA GLU B 106 22.14 19.15 8.99
C GLU B 106 22.33 20.18 10.10
N ALA B 107 21.99 21.43 9.80
CA ALA B 107 22.16 22.55 10.74
C ALA B 107 21.28 22.41 11.99
N TRP B 108 20.23 21.60 11.90
CA TRP B 108 19.28 21.37 12.98
C TRP B 108 19.70 20.23 13.93
N ARG B 109 20.61 19.37 13.47
CA ARG B 109 21.01 18.16 14.20
C ARG B 109 21.16 18.36 15.71
N GLN B 110 21.83 19.45 16.10
CA GLN B 110 22.09 19.77 17.51
C GLN B 110 20.93 20.42 18.23
N GLN B 111 20.04 21.08 17.46
CA GLN B 111 18.90 21.80 18.03
C GLN B 111 17.72 20.89 18.37
N LEU B 112 17.71 19.68 17.80
CA LEU B 112 16.57 18.77 17.93
C LEU B 112 16.53 18.10 19.31
N VAL B 113 15.50 18.43 20.08
CA VAL B 113 15.29 17.89 21.42
C VAL B 113 13.82 17.56 21.65
N ASP B 114 13.54 16.67 22.61
CA ASP B 114 12.17 16.34 22.97
C ASP B 114 12.03 15.85 24.41
N LYS B 115 10.82 15.93 24.91
CA LYS B 115 10.44 15.48 26.24
C LYS B 115 9.24 14.57 26.06
N HIS B 116 9.19 13.48 26.84
CA HIS B 116 8.02 12.62 26.85
C HIS B 116 7.66 12.23 28.29
N SER B 117 6.37 12.04 28.56
CA SER B 117 5.91 11.55 29.85
C SER B 117 5.35 10.15 29.71
N THR B 118 5.49 9.33 30.75
CA THR B 118 4.81 8.04 30.83
C THR B 118 3.32 8.24 31.18
N GLY B 119 2.97 9.44 31.64
CA GLY B 119 1.59 9.77 31.97
C GLY B 119 1.50 10.30 33.39
N GLY B 120 0.66 11.30 33.57
CA GLY B 120 0.51 11.97 34.86
C GLY B 120 -0.76 12.78 34.81
N VAL B 121 -1.55 12.73 35.88
CA VAL B 121 -2.83 13.41 35.93
C VAL B 121 -2.63 14.92 36.04
N GLY B 122 -3.17 15.64 35.07
CA GLY B 122 -3.00 17.08 35.00
C GLY B 122 -1.63 17.55 34.50
N ASP B 123 -0.87 16.66 33.87
CA ASP B 123 0.48 16.99 33.41
C ASP B 123 0.38 17.62 32.04
N LYS B 124 0.49 18.94 32.00
CA LYS B 124 0.44 19.68 30.73
C LYS B 124 1.77 20.37 30.43
N VAL B 125 2.85 19.81 30.97
CA VAL B 125 4.21 20.32 30.73
C VAL B 125 4.52 20.47 29.23
N SER B 126 4.06 19.53 28.41
CA SER B 126 4.42 19.48 26.98
C SER B 126 3.79 20.61 26.16
N LEU B 127 2.59 21.03 26.54
CA LEU B 127 1.93 22.16 25.91
C LEU B 127 2.77 23.42 26.07
N VAL B 128 3.43 23.53 27.22
CA VAL B 128 4.27 24.68 27.57
C VAL B 128 5.72 24.51 27.09
N LEU B 129 6.25 23.29 27.21
CA LEU B 129 7.69 23.06 27.05
C LEU B 129 8.12 23.04 25.60
N ALA B 130 7.27 22.53 24.72
CA ALA B 130 7.57 22.49 23.29
C ALA B 130 7.84 23.89 22.74
N PRO B 131 6.87 24.83 22.90
CA PRO B 131 7.12 26.19 22.43
C PRO B 131 8.18 26.95 23.25
N ALA B 132 8.29 26.64 24.55
CA ALA B 132 9.34 27.28 25.37
C ALA B 132 10.75 26.93 24.91
N LEU B 133 10.96 25.67 24.54
CA LEU B 133 12.24 25.21 24.00
C LEU B 133 12.52 25.81 22.61
N ALA B 134 11.50 25.89 21.76
CA ALA B 134 11.61 26.60 20.47
C ALA B 134 12.08 28.04 20.70
N ALA B 135 11.55 28.69 21.74
CA ALA B 135 11.96 30.05 22.10
C ALA B 135 13.40 30.15 22.61
N CYS B 136 13.93 29.02 23.10
CA CYS B 136 15.33 28.93 23.53
C CYS B 136 16.26 28.48 22.38
N GLY B 137 15.76 28.54 21.14
CA GLY B 137 16.57 28.16 19.98
C GLY B 137 16.72 26.66 19.73
N CYS B 138 15.75 25.88 20.18
CA CYS B 138 15.72 24.44 19.95
C CYS B 138 14.63 24.10 18.94
N LYS B 139 14.71 22.89 18.39
CA LYS B 139 13.66 22.36 17.51
C LYS B 139 13.01 21.17 18.23
N VAL B 140 11.68 21.18 18.32
CA VAL B 140 10.96 20.13 19.04
C VAL B 140 9.91 19.49 18.11
N PRO B 141 10.31 18.39 17.43
CA PRO B 141 9.43 17.66 16.52
C PRO B 141 8.60 16.61 17.26
N MET B 142 7.73 17.05 18.16
CA MET B 142 7.10 16.13 19.11
C MET B 142 6.00 15.28 18.49
N ILE B 143 6.24 13.97 18.39
CA ILE B 143 5.18 13.00 18.15
C ILE B 143 4.68 12.52 19.53
N SER B 144 3.39 12.78 19.80
CA SER B 144 2.80 12.56 21.12
C SER B 144 1.72 11.49 21.08
N GLY B 145 0.80 11.53 22.04
CA GLY B 145 -0.27 10.55 22.08
C GLY B 145 -1.59 11.05 22.62
N ARG B 146 -2.64 10.27 22.39
CA ARG B 146 -3.95 10.53 22.95
C ARG B 146 -3.99 9.99 24.38
N GLY B 147 -5.19 10.00 24.95
CA GLY B 147 -5.38 9.48 26.30
C GLY B 147 -5.02 8.01 26.37
N LEU B 148 -4.80 7.53 27.60
CA LEU B 148 -4.34 6.18 27.81
C LEU B 148 -4.78 5.75 29.21
N GLY B 149 -5.81 4.90 29.29
CA GLY B 149 -6.39 4.53 30.58
C GLY B 149 -7.07 5.72 31.24
N HIS B 150 -6.69 6.03 32.48
CA HIS B 150 -7.25 7.21 33.17
C HIS B 150 -6.35 8.46 33.11
N THR B 151 -5.36 8.45 32.20
CA THR B 151 -4.46 9.58 32.01
C THR B 151 -4.70 10.25 30.64
N GLY B 152 -4.79 11.57 30.63
CA GLY B 152 -5.08 12.31 29.40
C GLY B 152 -3.85 12.43 28.54
N GLY B 153 -4.05 12.70 27.27
CA GLY B 153 -2.95 12.79 26.34
C GLY B 153 -2.94 14.13 25.65
N THR B 154 -1.74 14.62 25.39
CA THR B 154 -1.50 15.94 24.80
C THR B 154 -2.30 16.17 23.53
N LEU B 155 -2.40 15.15 22.67
CA LEU B 155 -3.17 15.29 21.42
C LEU B 155 -4.66 15.62 21.63
N ASP B 156 -5.28 15.01 22.64
CA ASP B 156 -6.67 15.27 22.98
C ASP B 156 -6.86 16.67 23.58
N LYS B 157 -5.90 17.10 24.41
CA LYS B 157 -5.91 18.47 24.94
C LYS B 157 -5.86 19.52 23.83
N LEU B 158 -4.91 19.37 22.90
CA LEU B 158 -4.80 20.29 21.74
C LEU B 158 -6.04 20.37 20.88
N GLU B 159 -6.75 19.25 20.75
CA GLU B 159 -8.00 19.20 19.93
C GLU B 159 -9.20 19.98 20.46
N SER B 160 -9.09 20.51 21.69
CA SER B 160 -10.07 21.49 22.18
C SER B 160 -9.91 22.83 21.45
N ILE B 161 -8.75 23.04 20.84
CA ILE B 161 -8.51 24.24 20.06
C ILE B 161 -9.09 24.01 18.65
N PRO B 162 -10.17 24.73 18.30
CA PRO B 162 -10.86 24.55 17.03
C PRO B 162 -9.92 24.66 15.83
N GLY B 163 -9.89 23.61 15.01
CA GLY B 163 -9.08 23.59 13.80
C GLY B 163 -7.68 23.01 13.94
N PHE B 164 -7.26 22.70 15.16
CA PHE B 164 -5.93 22.14 15.36
C PHE B 164 -5.83 20.73 14.79
N ASN B 165 -4.94 20.55 13.82
CA ASN B 165 -4.75 19.26 13.18
C ASN B 165 -3.52 18.52 13.72
N VAL B 166 -3.76 17.39 14.39
CA VAL B 166 -2.68 16.57 14.97
C VAL B 166 -1.97 15.72 13.93
N ILE B 167 -2.59 15.56 12.77
CA ILE B 167 -2.02 14.75 11.70
C ILE B 167 -1.30 15.61 10.66
N GLN B 168 0.00 15.36 10.54
CA GLN B 168 0.90 16.24 9.84
C GLN B 168 1.98 15.37 9.18
N SER B 169 2.18 15.54 7.88
CA SER B 169 3.14 14.72 7.16
C SER B 169 4.57 15.07 7.53
N PRO B 170 5.53 14.15 7.32
CA PRO B 170 6.95 14.44 7.51
C PRO B 170 7.43 15.75 6.86
N GLU B 171 6.94 16.08 5.66
CA GLU B 171 7.29 17.33 4.98
C GLU B 171 6.58 18.56 5.57
N GLN B 172 5.33 18.38 6.02
CA GLN B 172 4.62 19.43 6.74
C GLN B 172 5.31 19.75 8.05
N MET B 173 5.84 18.72 8.71
CA MET B 173 6.56 18.90 9.98
C MET B 173 7.82 19.75 9.82
N GLN B 174 8.45 19.67 8.65
CA GLN B 174 9.58 20.53 8.29
C GLN B 174 9.16 21.98 8.32
N VAL B 175 7.98 22.25 7.74
CA VAL B 175 7.43 23.60 7.66
C VAL B 175 7.11 24.14 9.06
N LEU B 176 6.51 23.29 9.89
CA LEU B 176 6.17 23.67 11.27
C LEU B 176 7.41 24.06 12.10
N LEU B 177 8.45 23.23 12.04
CA LEU B 177 9.70 23.49 12.72
C LEU B 177 10.39 24.73 12.18
N ASP B 178 10.16 25.00 10.89
CA ASP B 178 10.67 26.20 10.24
C ASP B 178 9.93 27.43 10.75
N GLN B 179 8.61 27.31 10.91
CA GLN B 179 7.77 28.43 11.32
C GLN B 179 7.71 28.74 12.83
N ALA B 180 7.55 27.71 13.66
CA ALA B 180 7.41 27.89 15.09
C ALA B 180 8.57 27.32 15.91
N GLY B 181 9.43 26.51 15.27
CA GLY B 181 10.53 25.84 15.98
C GLY B 181 10.05 24.61 16.71
N CYS B 182 8.75 24.32 16.57
CA CYS B 182 8.12 23.22 17.27
C CYS B 182 6.85 22.79 16.57
N CYS B 183 6.36 21.61 16.95
CA CYS B 183 5.08 21.05 16.53
C CYS B 183 4.72 19.92 17.47
N ILE B 184 3.44 19.64 17.60
CA ILE B 184 2.96 18.49 18.36
C ILE B 184 2.00 17.69 17.49
N VAL B 185 2.44 16.51 17.09
CA VAL B 185 1.70 15.68 16.14
C VAL B 185 1.39 14.29 16.72
N GLY B 186 0.52 13.56 16.03
CA GLY B 186 0.20 12.21 16.45
C GLY B 186 0.78 11.20 15.47
N GLN B 187 0.71 9.94 15.87
CA GLN B 187 1.03 8.86 14.98
C GLN B 187 0.00 8.81 13.84
N SER B 188 0.47 8.42 12.65
CA SER B 188 -0.34 8.38 11.44
C SER B 188 0.14 7.22 10.59
N GLU B 189 -0.25 7.19 9.32
CA GLU B 189 0.17 6.14 8.39
C GLU B 189 1.64 6.26 8.00
N GLN B 190 2.19 7.47 8.10
CA GLN B 190 3.58 7.69 7.74
C GLN B 190 4.48 7.62 8.95
N LEU B 191 3.93 7.97 10.12
CA LEU B 191 4.68 8.06 11.36
C LEU B 191 4.27 7.00 12.39
N VAL B 192 5.18 6.08 12.67
CA VAL B 192 4.97 5.04 13.67
C VAL B 192 3.51 4.52 13.65
N PRO B 193 3.01 4.10 12.46
CA PRO B 193 1.61 3.67 12.40
C PRO B 193 1.30 2.53 13.36
N ALA B 194 2.25 1.62 13.54
CA ALA B 194 2.05 0.45 14.41
C ALA B 194 1.86 0.83 15.88
N ASP B 195 2.53 1.90 16.32
CA ASP B 195 2.32 2.40 17.68
C ASP B 195 0.94 2.99 17.84
N GLY B 196 0.50 3.75 16.84
CA GLY B 196 -0.84 4.32 16.86
C GLY B 196 -1.92 3.27 17.03
N ILE B 197 -1.86 2.21 16.21
CA ILE B 197 -2.83 1.11 16.30
C ILE B 197 -2.85 0.47 17.72
N LEU B 198 -1.68 0.05 18.21
CA LEU B 198 -1.52 -0.63 19.47
C LEU B 198 -1.82 0.25 20.69
N TYR B 199 -1.44 1.53 20.60
CA TYR B 199 -1.72 2.54 21.61
C TYR B 199 -3.22 2.71 21.81
N ALA B 200 -3.95 2.84 20.70
CA ALA B 200 -5.39 3.02 20.69
C ALA B 200 -6.09 1.79 21.28
N ALA B 201 -5.56 0.61 20.99
CA ALA B 201 -6.06 -0.62 21.58
C ALA B 201 -5.69 -0.76 23.06
N ARG B 202 -4.44 -0.44 23.40
CA ARG B 202 -3.95 -0.52 24.78
C ARG B 202 -4.78 0.33 25.74
N ASP B 203 -5.08 1.56 25.34
CA ASP B 203 -6.00 2.45 26.05
C ASP B 203 -7.23 1.74 26.67
N VAL B 204 -7.88 0.89 25.86
CA VAL B 204 -9.22 0.40 26.17
C VAL B 204 -9.28 -1.12 26.46
N THR B 205 -8.12 -1.76 26.63
CA THR B 205 -8.04 -3.21 26.83
C THR B 205 -7.27 -3.61 28.08
N ALA B 206 -6.96 -2.63 28.95
CA ALA B 206 -6.21 -2.89 30.19
C ALA B 206 -4.80 -3.44 29.94
N THR B 207 -4.15 -2.92 28.91
CA THR B 207 -2.81 -3.37 28.54
C THR B 207 -1.83 -2.17 28.46
N VAL B 208 -2.18 -1.11 29.17
CA VAL B 208 -1.35 0.11 29.20
C VAL B 208 -0.14 -0.10 30.08
N ASP B 209 -0.33 -0.75 31.24
CA ASP B 209 0.70 -0.80 32.27
C ASP B 209 1.66 -2.00 32.06
N SER B 210 2.28 -2.02 30.90
CA SER B 210 3.21 -3.06 30.54
C SER B 210 4.54 -2.39 30.25
N LEU B 211 5.56 -2.81 30.99
CA LEU B 211 6.91 -2.30 30.88
C LEU B 211 7.47 -2.34 29.42
N PRO B 212 7.48 -3.54 28.79
CA PRO B 212 7.89 -3.62 27.39
C PRO B 212 7.04 -2.81 26.40
N LEU B 213 5.73 -2.76 26.62
CA LEU B 213 4.83 -2.00 25.74
C LEU B 213 5.06 -0.48 25.88
N ILE B 214 5.19 0.00 27.12
CA ILE B 214 5.50 1.42 27.36
C ILE B 214 6.84 1.83 26.75
N THR B 215 7.88 1.03 27.02
CA THR B 215 9.23 1.30 26.51
C THR B 215 9.25 1.38 24.98
N ALA B 216 8.66 0.39 24.33
CA ALA B 216 8.57 0.35 22.86
C ALA B 216 7.74 1.51 22.31
N SER B 217 6.64 1.82 22.99
CA SER B 217 5.75 2.91 22.58
C SER B 217 6.39 4.29 22.62
N ILE B 218 6.99 4.64 23.74
CA ILE B 218 7.67 5.93 23.89
C ILE B 218 8.88 6.07 22.95
N LEU B 219 9.78 5.07 23.00
CA LEU B 219 11.04 5.10 22.28
C LEU B 219 10.93 5.03 20.76
N SER B 220 9.93 4.31 20.25
CA SER B 220 9.73 4.25 18.80
C SER B 220 9.41 5.62 18.20
N LYS B 221 8.54 6.38 18.86
CA LYS B 221 8.20 7.73 18.44
C LYS B 221 9.40 8.66 18.50
N LYS B 222 10.20 8.54 19.55
CA LYS B 222 11.32 9.46 19.78
C LYS B 222 12.49 9.14 18.87
N LEU B 223 12.64 7.86 18.54
CA LEU B 223 13.65 7.37 17.61
C LEU B 223 13.48 7.90 16.18
N VAL B 224 12.25 7.99 15.70
CA VAL B 224 12.00 8.46 14.33
C VAL B 224 12.15 9.97 14.16
N GLU B 225 12.17 10.71 15.28
CA GLU B 225 12.29 12.16 15.24
C GLU B 225 13.72 12.67 14.97
N GLY B 226 14.72 11.79 15.07
CA GLY B 226 16.12 12.16 14.86
C GLY B 226 16.64 13.20 15.84
N LEU B 227 16.54 12.89 17.13
CA LEU B 227 16.86 13.83 18.20
C LEU B 227 18.32 13.79 18.63
N SER B 228 18.84 14.92 19.12
CA SER B 228 20.15 14.92 19.76
C SER B 228 20.06 14.56 21.24
N ALA B 229 18.88 14.78 21.84
CA ALA B 229 18.65 14.52 23.27
C ALA B 229 17.18 14.30 23.59
N LEU B 230 16.92 13.34 24.47
CA LEU B 230 15.56 13.09 24.92
C LEU B 230 15.49 13.08 26.45
N VAL B 231 14.49 13.73 27.01
CA VAL B 231 14.19 13.53 28.43
C VAL B 231 12.83 12.85 28.57
N VAL B 232 12.80 11.76 29.33
CA VAL B 232 11.52 11.15 29.64
C VAL B 232 11.17 11.34 31.12
N ASP B 233 10.00 11.89 31.36
CA ASP B 233 9.50 12.11 32.69
C ASP B 233 8.66 10.90 33.12
N VAL B 234 9.22 10.14 34.05
CA VAL B 234 8.56 8.96 34.62
C VAL B 234 8.03 9.28 36.01
N LYS B 235 6.73 9.18 36.17
CA LYS B 235 6.11 9.55 37.44
C LYS B 235 5.64 8.33 38.23
N PHE B 236 5.69 8.47 39.55
CA PHE B 236 5.23 7.42 40.46
C PHE B 236 4.21 7.97 41.44
N GLY B 237 3.53 7.08 42.15
CA GLY B 237 2.56 7.47 43.17
C GLY B 237 1.16 7.62 42.63
N ALA B 238 0.20 7.74 43.55
CA ALA B 238 -1.22 8.06 43.25
C ALA B 238 -1.87 7.44 42.01
N GLY B 239 -1.94 8.24 40.94
CA GLY B 239 -2.63 7.87 39.71
C GLY B 239 -1.69 7.51 38.55
N ALA B 240 -0.38 7.57 38.81
CA ALA B 240 0.64 7.22 37.83
C ALA B 240 0.45 5.80 37.33
N VAL B 241 0.96 5.55 36.13
CA VAL B 241 0.92 4.21 35.54
C VAL B 241 1.56 3.20 36.50
N PHE B 242 2.69 3.57 37.10
CA PHE B 242 3.34 2.74 38.12
C PHE B 242 3.43 3.48 39.46
N PRO B 243 2.37 3.37 40.29
CA PRO B 243 2.25 4.02 41.63
C PRO B 243 3.32 3.67 42.68
N ASN B 244 4.22 2.74 42.36
CA ASN B 244 5.37 2.45 43.22
C ASN B 244 6.64 3.10 42.66
N GLN B 245 7.40 3.80 43.51
CA GLN B 245 8.61 4.51 43.07
C GLN B 245 9.69 3.59 42.50
N GLU B 246 9.75 2.36 42.99
CA GLU B 246 10.75 1.40 42.53
C GLU B 246 10.36 0.83 41.15
N GLN B 247 9.08 0.46 41.00
CA GLN B 247 8.50 0.08 39.71
C GLN B 247 8.90 1.06 38.60
N ALA B 248 8.69 2.35 38.91
CA ALA B 248 8.97 3.48 38.03
C ALA B 248 10.46 3.65 37.78
N ARG B 249 11.28 3.40 38.79
CA ARG B 249 12.73 3.45 38.60
C ARG B 249 13.21 2.43 37.55
N GLU B 250 12.68 1.20 37.62
CA GLU B 250 12.99 0.13 36.65
C GLU B 250 12.60 0.55 35.23
N LEU B 251 11.44 1.20 35.10
CA LEU B 251 10.98 1.70 33.82
C LEU B 251 11.91 2.79 33.27
N ALA B 252 12.33 3.69 34.16
CA ALA B 252 13.24 4.77 33.80
C ALA B 252 14.59 4.24 33.32
N LYS B 253 15.11 3.22 34.00
CA LYS B 253 16.38 2.58 33.65
C LYS B 253 16.30 1.79 32.35
N THR B 254 15.14 1.18 32.09
CA THR B 254 14.90 0.44 30.86
C THR B 254 14.86 1.40 29.67
N LEU B 255 14.19 2.55 29.85
CA LEU B 255 14.03 3.56 28.80
C LEU B 255 15.37 4.13 28.39
N VAL B 256 16.23 4.37 29.38
CA VAL B 256 17.54 4.95 29.18
C VAL B 256 18.51 3.91 28.60
N GLY B 257 18.45 2.69 29.12
CA GLY B 257 19.29 1.59 28.66
C GLY B 257 19.00 1.14 27.24
N VAL B 258 17.71 0.91 26.93
CA VAL B 258 17.31 0.52 25.58
C VAL B 258 17.55 1.70 24.62
N GLY B 259 17.15 2.90 25.04
CA GLY B 259 17.40 4.13 24.27
C GLY B 259 18.84 4.25 23.81
N ALA B 260 19.78 4.12 24.74
CA ALA B 260 21.21 4.24 24.48
C ALA B 260 21.71 3.15 23.53
N SER B 261 21.20 1.93 23.70
CA SER B 261 21.58 0.80 22.87
C SER B 261 21.09 0.98 21.44
N LEU B 262 20.07 1.81 21.28
CA LEU B 262 19.48 2.12 19.97
C LEU B 262 19.96 3.44 19.39
N GLY B 263 20.98 4.01 20.02
CA GLY B 263 21.66 5.19 19.49
C GLY B 263 21.14 6.54 19.93
N LEU B 264 20.27 6.55 20.94
CA LEU B 264 19.66 7.80 21.40
C LEU B 264 20.15 8.25 22.78
N ARG B 265 20.46 9.55 22.88
CA ARG B 265 20.88 10.15 24.14
C ARG B 265 19.63 10.46 24.98
N VAL B 266 19.38 9.62 25.97
CA VAL B 266 18.18 9.70 26.81
C VAL B 266 18.53 9.89 28.27
N ALA B 267 17.75 10.74 28.94
CA ALA B 267 17.74 10.80 30.39
C ALA B 267 16.30 10.65 30.85
N ALA B 268 16.12 10.10 32.05
CA ALA B 268 14.80 10.00 32.66
C ALA B 268 14.73 10.89 33.90
N ALA B 269 13.57 11.48 34.14
CA ALA B 269 13.30 12.14 35.42
C ALA B 269 12.17 11.42 36.17
N LEU B 270 12.37 11.17 37.46
CA LEU B 270 11.35 10.55 38.29
C LEU B 270 10.64 11.63 39.07
N THR B 271 9.30 11.70 38.95
CA THR B 271 8.52 12.80 39.55
C THR B 271 7.22 12.33 40.28
N ALA B 272 6.81 13.03 41.36
CA ALA B 272 5.42 12.90 41.94
C ALA B 272 4.44 13.21 40.78
N MET B 273 3.32 12.51 40.62
CA MET B 273 2.11 12.54 41.44
C MET B 273 1.66 11.22 42.09
N ASP B 274 1.35 11.14 43.39
CA ASP B 274 0.71 12.13 44.30
C ASP B 274 0.31 13.53 43.81
N LYS B 275 -1.01 13.79 43.81
CA LYS B 275 -1.56 15.11 43.43
C LYS B 275 -1.65 15.28 41.92
N PRO B 276 -2.64 16.05 41.46
CA PRO B 276 -2.50 16.47 40.07
C PRO B 276 -1.44 17.58 39.92
N LEU B 277 -0.88 17.73 38.73
CA LEU B 277 0.00 18.87 38.44
C LEU B 277 -0.84 20.11 38.10
N GLY B 278 -0.57 21.20 38.80
CA GLY B 278 -1.36 22.42 38.68
C GLY B 278 -2.73 22.31 39.32
N ARG B 279 -3.69 23.00 38.72
CA ARG B 279 -5.05 23.05 39.26
C ARG B 279 -6.12 22.44 38.36
N CYS B 280 -5.80 22.31 37.08
CA CYS B 280 -6.73 21.93 36.04
C CYS B 280 -6.47 20.51 35.56
N VAL B 281 -7.52 19.69 35.55
CA VAL B 281 -7.44 18.38 34.95
C VAL B 281 -8.54 18.33 33.88
N GLY B 282 -8.18 17.86 32.69
CA GLY B 282 -9.10 17.75 31.57
C GLY B 282 -8.40 18.06 30.27
N HIS B 283 -9.05 18.85 29.43
CA HIS B 283 -8.53 19.14 28.07
C HIS B 283 -8.52 20.62 27.74
N ALA B 284 -9.69 21.21 27.50
CA ALA B 284 -9.77 22.67 27.37
C ALA B 284 -9.15 23.35 28.61
N LEU B 285 -9.49 22.84 29.80
CA LEU B 285 -9.02 23.40 31.07
C LEU B 285 -7.49 23.40 31.20
N GLU B 286 -6.85 22.34 30.69
CA GLU B 286 -5.39 22.21 30.72
C GLU B 286 -4.66 23.11 29.72
N VAL B 287 -5.26 23.32 28.53
CA VAL B 287 -4.79 24.32 27.55
C VAL B 287 -4.79 25.71 28.19
N GLU B 288 -5.88 25.99 28.92
CA GLU B 288 -6.06 27.26 29.60
C GLU B 288 -4.97 27.50 30.63
N GLU B 289 -4.69 26.50 31.46
CA GLU B 289 -3.63 26.59 32.50
C GLU B 289 -2.23 26.66 31.88
N ALA B 290 -2.03 25.94 30.77
CA ALA B 290 -0.78 25.99 30.00
C ALA B 290 -0.51 27.40 29.50
N LEU B 291 -1.54 28.03 28.95
CA LEU B 291 -1.53 29.44 28.56
C LEU B 291 -1.17 30.40 29.68
N LEU B 292 -1.64 30.11 30.89
CA LEU B 292 -1.27 30.87 32.09
C LEU B 292 0.22 30.82 32.39
N CYS B 293 0.81 29.64 32.25
CA CYS B 293 2.22 29.42 32.50
C CYS B 293 3.07 30.18 31.46
N MET B 294 2.60 30.22 30.23
CA MET B 294 3.26 30.97 29.16
C MET B 294 3.04 32.47 29.29
N ASP B 295 2.05 32.88 30.10
CA ASP B 295 1.87 34.26 30.55
C ASP B 295 2.89 34.70 31.62
N GLY B 296 3.70 33.76 32.11
CA GLY B 296 4.63 34.04 33.21
C GLY B 296 3.98 33.78 34.56
N ALA B 297 2.77 33.21 34.55
CA ALA B 297 1.98 33.02 35.76
C ALA B 297 1.66 31.53 36.00
N GLY B 298 0.44 31.25 36.43
CA GLY B 298 0.01 29.88 36.68
C GLY B 298 0.61 29.36 37.98
N PRO B 299 0.33 28.08 38.31
CA PRO B 299 0.80 27.48 39.56
C PRO B 299 2.32 27.14 39.59
N PRO B 300 2.95 27.23 40.79
CA PRO B 300 4.40 27.04 40.90
C PRO B 300 4.87 25.63 40.52
N ASP B 301 4.11 24.60 40.87
CA ASP B 301 4.50 23.22 40.57
C ASP B 301 4.62 22.98 39.06
N LEU B 302 3.64 23.50 38.30
CA LEU B 302 3.67 23.39 36.84
C LEU B 302 4.92 24.11 36.27
N ARG B 303 5.18 25.33 36.71
CA ARG B 303 6.32 26.10 36.22
C ARG B 303 7.63 25.42 36.61
N ASP B 304 7.67 24.92 37.84
CA ASP B 304 8.83 24.24 38.38
C ASP B 304 9.21 23.01 37.53
N LEU B 305 8.20 22.25 37.11
CA LEU B 305 8.43 21.06 36.32
C LEU B 305 8.84 21.39 34.88
N VAL B 306 8.20 22.41 34.30
CA VAL B 306 8.56 22.90 32.96
C VAL B 306 10.05 23.31 32.92
N THR B 307 10.47 24.12 33.91
CA THR B 307 11.84 24.65 33.97
C THR B 307 12.86 23.55 34.35
N THR B 308 12.46 22.67 35.27
CA THR B 308 13.30 21.54 35.67
C THR B 308 13.60 20.62 34.48
N LEU B 309 12.54 20.18 33.80
CA LEU B 309 12.66 19.27 32.65
C LEU B 309 13.27 19.96 31.42
N GLY B 310 12.90 21.21 31.18
CA GLY B 310 13.48 21.98 30.07
C GLY B 310 14.98 22.16 30.25
N GLY B 311 15.37 22.54 31.47
CA GLY B 311 16.78 22.79 31.81
C GLY B 311 17.63 21.52 31.75
N ALA B 312 17.06 20.42 32.27
CA ALA B 312 17.67 19.09 32.12
C ALA B 312 17.99 18.86 30.66
N LEU B 313 17.04 19.15 29.79
CA LEU B 313 17.14 18.86 28.36
C LEU B 313 18.19 19.75 27.67
N LEU B 314 18.15 21.05 27.95
CA LEU B 314 19.16 21.98 27.43
C LEU B 314 20.56 21.59 27.87
N TRP B 315 20.69 21.11 29.11
CA TRP B 315 21.97 20.62 29.62
C TRP B 315 22.42 19.36 28.89
N LEU B 316 21.49 18.41 28.78
CA LEU B 316 21.69 17.12 28.12
C LEU B 316 22.12 17.26 26.66
N SER B 317 21.54 18.23 25.95
CA SER B 317 21.86 18.46 24.55
C SER B 317 23.08 19.36 24.33
N GLY B 318 23.65 19.88 25.43
CA GLY B 318 24.83 20.74 25.39
C GLY B 318 24.55 22.21 25.09
N HIS B 319 23.30 22.64 25.26
CA HIS B 319 22.93 24.03 25.06
C HIS B 319 23.00 24.86 26.34
N ALA B 320 23.06 24.19 27.49
CA ALA B 320 23.32 24.87 28.76
C ALA B 320 24.46 24.20 29.51
N GLY B 321 25.21 24.99 30.27
CA GLY B 321 26.36 24.50 31.05
C GLY B 321 25.96 23.57 32.19
N THR B 322 24.86 23.91 32.86
CA THR B 322 24.28 23.11 33.92
C THR B 322 22.77 23.05 33.73
N GLN B 323 22.11 22.15 34.45
CA GLN B 323 20.65 22.09 34.47
C GLN B 323 20.01 23.38 35.02
N ALA B 324 20.63 23.96 36.05
CA ALA B 324 20.18 25.22 36.63
C ALA B 324 20.28 26.41 35.67
N GLN B 325 21.32 26.46 34.84
CA GLN B 325 21.43 27.49 33.80
C GLN B 325 20.34 27.31 32.73
N GLY B 326 20.07 26.05 32.39
CA GLY B 326 19.00 25.73 31.42
C GLY B 326 17.60 26.10 31.91
N ALA B 327 17.32 25.78 33.18
CA ALA B 327 16.06 26.09 33.84
C ALA B 327 15.77 27.57 33.92
N ALA B 328 16.82 28.37 34.12
CA ALA B 328 16.71 29.83 34.11
C ALA B 328 16.40 30.35 32.71
N ARG B 329 17.01 29.72 31.71
CA ARG B 329 16.80 30.04 30.31
C ARG B 329 15.34 29.77 29.96
N VAL B 330 14.82 28.60 30.32
CA VAL B 330 13.42 28.26 30.07
C VAL B 330 12.46 29.20 30.81
N ALA B 331 12.74 29.48 32.08
CA ALA B 331 11.96 30.46 32.86
C ALA B 331 11.88 31.83 32.20
N ALA B 332 12.99 32.27 31.63
CA ALA B 332 13.05 33.56 30.93
C ALA B 332 12.10 33.58 29.72
N ALA B 333 12.04 32.46 28.99
CA ALA B 333 11.14 32.34 27.83
C ALA B 333 9.66 32.34 28.25
N LEU B 334 9.38 31.95 29.49
CA LEU B 334 8.02 31.99 30.04
C LEU B 334 7.65 33.40 30.43
N ASP B 335 8.67 34.20 30.74
CA ASP B 335 8.49 35.54 31.30
C ASP B 335 8.45 36.67 30.28
N ASP B 336 9.08 36.47 29.12
CA ASP B 336 9.16 37.55 28.12
C ASP B 336 8.20 37.43 26.91
N GLY B 337 7.36 36.41 26.90
CA GLY B 337 6.26 36.27 25.94
C GLY B 337 6.65 35.42 24.76
N SER B 338 7.90 34.97 24.74
CA SER B 338 8.44 34.29 23.57
C SER B 338 7.97 32.85 23.44
N ALA B 339 7.77 32.15 24.58
CA ALA B 339 7.18 30.82 24.55
C ALA B 339 5.75 30.91 24.02
N LEU B 340 5.01 31.88 24.55
CA LEU B 340 3.65 32.14 24.13
C LEU B 340 3.57 32.48 22.65
N GLY B 341 4.50 33.31 22.18
CA GLY B 341 4.65 33.64 20.76
C GLY B 341 4.89 32.43 19.89
N ARG B 342 5.75 31.51 20.33
CA ARG B 342 6.04 30.28 19.58
C ARG B 342 4.82 29.38 19.54
N PHE B 343 4.10 29.29 20.66
CA PHE B 343 2.90 28.49 20.75
C PHE B 343 1.82 28.96 19.79
N GLU B 344 1.64 30.27 19.70
CA GLU B 344 0.72 30.88 18.74
C GLU B 344 1.06 30.53 17.27
N ARG B 345 2.36 30.53 16.95
CA ARG B 345 2.83 30.18 15.60
C ARG B 345 2.55 28.72 15.29
N MET B 346 2.75 27.86 16.30
CA MET B 346 2.49 26.43 16.18
C MET B 346 1.02 26.12 15.94
N LEU B 347 0.15 26.78 16.69
CA LEU B 347 -1.30 26.61 16.53
C LEU B 347 -1.74 26.95 15.12
N ALA B 348 -1.28 28.10 14.61
CA ALA B 348 -1.70 28.60 13.31
C ALA B 348 -1.16 27.72 12.20
N ALA B 349 0.09 27.29 12.35
CA ALA B 349 0.73 26.44 11.36
C ALA B 349 0.10 25.05 11.30
N GLN B 350 -0.57 24.63 12.38
CA GLN B 350 -1.22 23.31 12.41
C GLN B 350 -2.74 23.30 12.16
N GLY B 351 -3.28 24.41 11.66
CA GLY B 351 -4.68 24.43 11.25
C GLY B 351 -5.55 25.43 11.99
N VAL B 352 -5.10 25.93 13.13
CA VAL B 352 -5.89 26.91 13.85
C VAL B 352 -5.96 28.23 13.07
N ASP B 353 -7.17 28.75 12.92
CA ASP B 353 -7.38 30.04 12.30
C ASP B 353 -6.48 31.10 12.98
N PRO B 354 -5.66 31.81 12.19
CA PRO B 354 -4.74 32.84 12.70
C PRO B 354 -5.39 33.85 13.66
N GLY B 355 -6.59 34.33 13.33
CA GLY B 355 -7.33 35.24 14.20
C GLY B 355 -7.71 34.62 15.54
N LEU B 356 -8.13 33.36 15.54
CA LEU B 356 -8.41 32.61 16.77
C LEU B 356 -7.13 32.31 17.57
N ALA B 357 -6.06 31.90 16.89
CA ALA B 357 -4.79 31.60 17.56
C ALA B 357 -4.27 32.84 18.31
N ARG B 358 -4.28 33.99 17.64
CA ARG B 358 -3.92 35.28 18.25
C ARG B 358 -4.88 35.69 19.37
N ALA B 359 -6.17 35.52 19.14
CA ALA B 359 -7.18 35.87 20.16
C ALA B 359 -7.04 35.00 21.41
N LEU B 360 -6.65 33.76 21.22
CA LEU B 360 -6.47 32.81 22.33
C LEU B 360 -5.19 33.08 23.12
N CYS B 361 -4.09 33.38 22.43
CA CYS B 361 -2.81 33.59 23.07
C CYS B 361 -2.65 34.95 23.74
N SER B 362 -3.18 36.01 23.11
CA SER B 362 -3.11 37.35 23.69
C SER B 362 -4.29 37.64 24.61
N GLY B 363 -5.27 36.74 24.65
CA GLY B 363 -6.49 36.97 25.41
C GLY B 363 -6.35 36.77 26.91
N SER B 364 -7.29 37.33 27.66
CA SER B 364 -7.36 37.12 29.09
C SER B 364 -7.85 35.70 29.41
N PRO B 365 -7.62 35.22 30.65
CA PRO B 365 -8.19 33.93 31.04
C PRO B 365 -9.69 33.76 30.70
N ALA B 366 -10.50 34.79 30.97
CA ALA B 366 -11.95 34.78 30.66
C ALA B 366 -12.26 34.75 29.16
N GLU B 367 -11.44 35.40 28.34
CA GLU B 367 -11.61 35.35 26.88
C GLU B 367 -11.26 33.98 26.29
N ARG B 368 -10.20 33.39 26.82
CA ARG B 368 -9.80 32.02 26.47
C ARG B 368 -10.89 30.98 26.78
N ARG B 369 -11.51 31.05 27.97
CA ARG B 369 -12.62 30.17 28.34
C ARG B 369 -13.74 30.23 27.32
N GLN B 370 -13.97 31.42 26.79
CA GLN B 370 -15.01 31.68 25.80
C GLN B 370 -14.74 30.99 24.47
N LEU B 371 -13.47 30.95 24.10
CA LEU B 371 -13.04 30.44 22.80
C LEU B 371 -12.93 28.93 22.77
N LEU B 372 -12.77 28.32 23.94
CA LEU B 372 -12.55 26.88 24.03
C LEU B 372 -13.82 26.21 24.55
N PRO B 373 -14.01 24.92 24.25
CA PRO B 373 -15.19 24.19 24.75
C PRO B 373 -15.38 24.28 26.27
N ARG B 374 -16.63 24.50 26.67
CA ARG B 374 -17.05 24.62 28.06
C ARG B 374 -18.10 23.57 28.34
N ALA B 375 -17.99 22.89 29.48
CA ALA B 375 -19.05 21.96 29.94
C ALA B 375 -20.31 22.76 30.27
N ARG B 376 -21.46 22.18 30.01
CA ARG B 376 -22.73 22.88 30.24
C ARG B 376 -22.99 23.23 31.69
N GLU B 377 -22.44 22.43 32.60
CA GLU B 377 -22.76 22.55 34.01
C GLU B 377 -21.50 22.59 34.87
N GLN B 378 -21.63 23.23 36.03
CA GLN B 378 -20.57 23.30 37.02
C GLN B 378 -21.11 23.03 38.40
N GLU B 379 -20.35 22.29 39.20
CA GLU B 379 -20.62 22.20 40.62
C GLU B 379 -19.33 22.22 41.43
N GLU B 380 -19.43 22.80 42.62
CA GLU B 380 -18.32 22.87 43.54
C GLU B 380 -18.55 21.93 44.71
N LEU B 381 -17.48 21.23 45.09
CA LEU B 381 -17.48 20.40 46.27
C LEU B 381 -16.85 21.23 47.39
N LEU B 382 -17.46 21.18 48.57
CA LEU B 382 -17.04 21.99 49.69
C LEU B 382 -16.30 21.16 50.74
N ALA B 383 -15.45 21.82 51.51
CA ALA B 383 -14.67 21.15 52.54
C ALA B 383 -15.58 20.70 53.68
N PRO B 384 -15.51 19.40 54.05
CA PRO B 384 -16.38 18.84 55.08
C PRO B 384 -16.04 19.32 56.50
N ALA B 385 -14.81 19.77 56.71
CA ALA B 385 -14.35 20.28 58.01
C ALA B 385 -13.20 21.27 57.89
N ASP B 386 -12.79 21.82 59.04
CA ASP B 386 -11.54 22.55 59.17
C ASP B 386 -10.39 21.59 58.95
N GLY B 387 -9.35 22.07 58.30
CA GLY B 387 -8.13 21.29 58.14
C GLY B 387 -7.13 21.93 57.22
N THR B 388 -5.90 21.41 57.28
CA THR B 388 -4.86 21.72 56.31
C THR B 388 -4.95 20.66 55.23
N VAL B 389 -5.01 21.09 53.97
CA VAL B 389 -4.92 20.16 52.85
C VAL B 389 -3.58 19.44 52.88
N GLU B 390 -3.60 18.15 53.23
CA GLU B 390 -2.41 17.32 53.17
C GLU B 390 -2.13 16.86 51.75
N LEU B 391 -3.19 16.61 51.00
CA LEU B 391 -3.11 15.91 49.73
C LEU B 391 -4.43 15.98 48.97
N VAL B 392 -4.35 16.07 47.65
CA VAL B 392 -5.50 15.87 46.77
C VAL B 392 -5.16 14.67 45.91
N ARG B 393 -5.80 13.53 46.18
CA ARG B 393 -5.48 12.28 45.51
C ARG B 393 -5.88 12.32 44.03
N ALA B 394 -4.90 12.13 43.14
CA ALA B 394 -5.09 12.27 41.69
C ALA B 394 -5.91 11.14 41.06
N LEU B 395 -5.69 9.91 41.50
CA LEU B 395 -6.37 8.75 40.94
C LEU B 395 -7.92 8.83 40.98
N PRO B 396 -8.54 9.08 42.16
CA PRO B 396 -10.00 9.14 42.18
C PRO B 396 -10.57 10.23 41.29
N LEU B 397 -9.80 11.30 41.12
CA LEU B 397 -10.17 12.42 40.25
C LEU B 397 -10.13 12.02 38.78
N ALA B 398 -9.04 11.38 38.38
CA ALA B 398 -8.87 10.82 37.03
C ALA B 398 -9.97 9.84 36.65
N LEU B 399 -10.32 8.95 37.57
CA LEU B 399 -11.32 7.91 37.34
C LEU B 399 -12.73 8.46 37.11
N VAL B 400 -13.10 9.47 37.91
CA VAL B 400 -14.38 10.15 37.78
C VAL B 400 -14.49 10.98 36.50
N LEU B 401 -13.45 11.75 36.19
CA LEU B 401 -13.46 12.56 34.97
C LEU B 401 -13.47 11.71 33.72
N HIS B 402 -12.74 10.61 33.72
CA HIS B 402 -12.81 9.61 32.66
C HIS B 402 -14.26 9.19 32.33
N GLU B 403 -15.04 8.84 33.36
CA GLU B 403 -16.46 8.42 33.25
C GLU B 403 -17.38 9.52 32.79
N LEU B 404 -17.00 10.78 33.00
CA LEU B 404 -17.82 11.93 32.62
C LEU B 404 -17.60 12.37 31.17
N GLY B 405 -16.65 11.74 30.48
CA GLY B 405 -16.41 12.05 29.08
C GLY B 405 -15.00 12.53 28.75
N ALA B 406 -14.16 12.64 29.77
CA ALA B 406 -12.75 12.97 29.59
C ALA B 406 -11.87 11.78 29.19
N GLY B 407 -12.45 10.59 29.12
CA GLY B 407 -11.70 9.40 28.77
C GLY B 407 -12.51 8.51 27.86
N ARG B 408 -11.92 7.40 27.42
CA ARG B 408 -12.55 6.50 26.44
C ARG B 408 -12.79 5.11 26.99
N SER B 409 -13.94 4.55 26.66
CA SER B 409 -14.27 3.15 26.96
C SER B 409 -14.08 2.29 25.72
N ARG B 410 -13.82 2.94 24.59
CA ARG B 410 -13.56 2.25 23.33
C ARG B 410 -12.76 3.15 22.42
N ALA B 411 -11.99 2.54 21.52
CA ALA B 411 -11.10 3.29 20.63
C ALA B 411 -11.87 4.13 19.62
N GLY B 412 -11.35 5.34 19.36
CA GLY B 412 -11.96 6.24 18.39
C GLY B 412 -13.15 7.00 18.94
N GLU B 413 -13.48 6.76 20.20
CA GLU B 413 -14.59 7.43 20.85
C GLU B 413 -14.21 8.90 21.06
N PRO B 414 -15.09 9.83 20.61
CA PRO B 414 -14.87 11.25 20.85
C PRO B 414 -15.00 11.61 22.33
N LEU B 415 -14.24 12.64 22.75
CA LEU B 415 -14.19 13.06 24.14
C LEU B 415 -15.02 14.31 24.35
N ARG B 416 -15.48 14.51 25.59
CA ARG B 416 -16.10 15.77 25.97
C ARG B 416 -14.99 16.64 26.52
N LEU B 417 -14.50 17.54 25.66
CA LEU B 417 -13.28 18.31 25.90
C LEU B 417 -13.43 19.43 26.91
N GLY B 418 -14.67 19.81 27.23
CA GLY B 418 -14.93 20.84 28.22
C GLY B 418 -15.04 20.26 29.63
N VAL B 419 -15.24 18.95 29.72
CA VAL B 419 -15.29 18.25 31.01
C VAL B 419 -13.92 18.25 31.73
N GLY B 420 -13.95 18.36 33.04
CA GLY B 420 -12.74 18.43 33.82
C GLY B 420 -13.00 18.98 35.21
N ALA B 421 -11.93 19.25 35.94
CA ALA B 421 -12.06 19.75 37.28
C ALA B 421 -10.97 20.77 37.54
N GLU B 422 -11.27 21.74 38.41
CA GLU B 422 -10.31 22.73 38.88
C GLU B 422 -10.12 22.64 40.40
N LEU B 423 -8.88 22.44 40.84
CA LEU B 423 -8.58 22.55 42.26
C LEU B 423 -8.60 24.02 42.60
N LEU B 424 -9.36 24.34 43.65
CA LEU B 424 -9.54 25.71 44.09
C LEU B 424 -8.70 26.01 45.34
N VAL B 425 -7.98 25.00 45.81
CA VAL B 425 -7.11 25.11 46.98
C VAL B 425 -5.72 24.55 46.68
N ASP B 426 -4.75 24.97 47.49
CA ASP B 426 -3.39 24.43 47.43
C ASP B 426 -3.21 23.33 48.46
N VAL B 427 -2.30 22.40 48.21
CA VAL B 427 -1.82 21.51 49.23
C VAL B 427 -1.01 22.34 50.21
N GLY B 428 -1.26 22.16 51.51
CA GLY B 428 -0.59 22.90 52.55
C GLY B 428 -1.41 24.07 53.05
N GLN B 429 -2.51 24.33 52.37
CA GLN B 429 -3.41 25.45 52.70
C GLN B 429 -4.38 25.06 53.83
N ARG B 430 -4.56 25.95 54.80
CA ARG B 430 -5.58 25.79 55.84
C ARG B 430 -6.92 26.28 55.32
N LEU B 431 -7.95 25.46 55.44
CA LEU B 431 -9.28 25.86 54.96
C LEU B 431 -10.40 25.61 55.96
N ARG B 432 -11.44 26.43 55.84
CA ARG B 432 -12.63 26.36 56.68
C ARG B 432 -13.64 25.42 56.05
N ARG B 433 -14.55 24.88 56.88
CA ARG B 433 -15.61 24.03 56.34
C ARG B 433 -16.59 24.83 55.48
N GLY B 434 -17.05 24.21 54.40
CA GLY B 434 -17.96 24.86 53.47
C GLY B 434 -17.26 25.70 52.40
N THR B 435 -15.93 25.71 52.43
CA THR B 435 -15.17 26.42 51.41
C THR B 435 -14.94 25.52 50.20
N PRO B 436 -15.25 26.03 49.00
CA PRO B 436 -15.12 25.19 47.79
C PRO B 436 -13.67 24.81 47.55
N TRP B 437 -13.42 23.52 47.30
CA TRP B 437 -12.08 23.01 47.08
C TRP B 437 -11.90 22.44 45.68
N LEU B 438 -13.02 22.08 45.05
CA LEU B 438 -13.03 21.52 43.70
C LEU B 438 -14.22 22.01 42.91
N ARG B 439 -13.97 22.47 41.68
CA ARG B 439 -15.04 22.78 40.73
C ARG B 439 -15.02 21.74 39.62
N VAL B 440 -16.14 21.04 39.46
CA VAL B 440 -16.28 20.00 38.44
C VAL B 440 -17.08 20.56 37.28
N HIS B 441 -16.58 20.37 36.07
CA HIS B 441 -17.26 20.78 34.85
C HIS B 441 -17.80 19.53 34.17
N ARG B 442 -19.13 19.46 34.03
CA ARG B 442 -19.78 18.25 33.55
C ARG B 442 -20.91 18.60 32.59
N ASP B 443 -21.22 17.67 31.70
CA ASP B 443 -22.28 17.82 30.70
C ASP B 443 -23.60 17.16 31.13
N GLY B 444 -23.54 16.24 32.10
CA GLY B 444 -24.74 15.58 32.61
C GLY B 444 -25.42 16.41 33.69
N PRO B 445 -26.64 16.00 34.09
CA PRO B 445 -27.42 16.65 35.15
C PRO B 445 -26.80 16.58 36.56
N ALA B 446 -25.92 15.60 36.79
CA ALA B 446 -25.33 15.40 38.13
C ALA B 446 -24.17 14.42 38.12
N LEU B 447 -23.50 14.32 39.27
CA LEU B 447 -22.60 13.23 39.58
C LEU B 447 -23.42 12.17 40.27
N SER B 448 -23.14 10.91 39.97
CA SER B 448 -23.74 9.81 40.74
C SER B 448 -23.22 9.86 42.18
N GLY B 449 -23.94 9.22 43.09
CA GLY B 449 -23.49 9.11 44.47
C GLY B 449 -22.09 8.55 44.64
N PRO B 450 -21.79 7.43 43.95
CA PRO B 450 -20.44 6.84 43.93
C PRO B 450 -19.33 7.79 43.41
N GLN B 451 -19.57 8.52 42.33
CA GLN B 451 -18.58 9.48 41.85
C GLN B 451 -18.46 10.77 42.68
N SER B 452 -19.57 11.19 43.29
CA SER B 452 -19.55 12.29 44.23
C SER B 452 -18.74 11.90 45.48
N ARG B 453 -18.96 10.69 45.97
CA ARG B 453 -18.22 10.14 47.10
C ARG B 453 -16.73 9.96 46.76
N ALA B 454 -16.45 9.49 45.55
CA ALA B 454 -15.08 9.20 45.12
C ALA B 454 -14.25 10.48 45.08
N LEU B 455 -14.89 11.58 44.69
CA LEU B 455 -14.22 12.87 44.62
C LEU B 455 -13.94 13.46 46.01
N GLN B 456 -14.85 13.21 46.94
CA GLN B 456 -14.76 13.73 48.31
C GLN B 456 -13.60 13.10 49.05
N GLU B 457 -13.41 11.81 48.86
CA GLU B 457 -12.31 11.07 49.47
C GLU B 457 -10.95 11.39 48.84
N ALA B 458 -10.94 12.15 47.76
CA ALA B 458 -9.69 12.63 47.15
C ALA B 458 -9.04 13.72 48.01
N LEU B 459 -9.88 14.54 48.65
CA LEU B 459 -9.41 15.56 49.61
C LEU B 459 -8.97 14.99 50.96
N VAL B 460 -7.67 15.06 51.24
CA VAL B 460 -7.12 14.63 52.53
C VAL B 460 -6.84 15.85 53.41
N LEU B 461 -7.48 15.90 54.57
CA LEU B 461 -7.30 16.98 55.55
C LEU B 461 -6.64 16.48 56.83
N SER B 462 -5.91 17.36 57.50
CA SER B 462 -5.28 17.03 58.79
C SER B 462 -5.26 18.20 59.76
N ASP B 463 -4.86 17.91 61.00
CA ASP B 463 -4.74 18.89 62.07
C ASP B 463 -3.47 19.75 61.99
N ARG B 464 -2.53 19.32 61.15
CA ARG B 464 -1.22 19.93 61.03
C ARG B 464 -1.27 21.43 60.76
N ALA B 465 -0.16 22.11 61.06
CA ALA B 465 0.01 23.52 60.72
C ALA B 465 0.14 23.65 59.21
N PRO B 466 -0.40 24.75 58.63
CA PRO B 466 -0.28 25.02 57.18
C PRO B 466 1.18 25.09 56.72
N PHE B 467 1.43 24.69 55.46
CA PHE B 467 2.78 24.59 54.93
C PHE B 467 2.84 24.90 53.44
N ALA B 468 4.03 25.26 52.95
CA ALA B 468 4.19 25.61 51.55
C ALA B 468 4.01 24.38 50.67
N ALA B 469 3.33 24.57 49.55
CA ALA B 469 3.11 23.49 48.58
C ALA B 469 4.45 22.97 48.10
N PRO B 470 4.76 21.70 48.42
CA PRO B 470 6.01 21.12 47.96
C PRO B 470 6.09 21.11 46.45
N LEU B 471 7.26 21.44 45.93
CA LEU B 471 7.50 21.41 44.50
C LEU B 471 7.87 19.99 44.12
N PRO B 472 7.34 19.50 42.97
CA PRO B 472 7.46 18.10 42.56
C PRO B 472 8.90 17.55 42.58
N PHE B 473 9.00 16.28 42.99
CA PHE B 473 10.25 15.52 43.10
C PHE B 473 10.79 15.27 41.71
N ALA B 474 12.07 15.55 41.48
CA ALA B 474 12.65 15.39 40.13
C ALA B 474 14.06 14.76 40.11
N GLU B 475 14.13 13.45 40.32
CA GLU B 475 15.41 12.73 40.28
C GLU B 475 15.76 12.32 38.86
N LEU B 476 16.97 12.64 38.45
CA LEU B 476 17.41 12.42 37.08
C LEU B 476 18.22 11.13 36.95
N VAL B 477 17.75 10.23 36.09
CA VAL B 477 18.51 9.02 35.73
C VAL B 477 19.25 9.28 34.40
N LEU B 478 20.58 9.24 34.46
CA LEU B 478 21.44 9.70 33.38
C LEU B 478 21.97 8.56 32.53
N PRO B 479 22.36 8.86 31.28
CA PRO B 479 23.15 7.92 30.49
C PRO B 479 24.63 8.03 30.86
N LYS C 34 -4.58 16.56 -8.55
CA LYS C 34 -3.16 16.76 -8.95
C LYS C 34 -3.03 16.78 -10.46
N GLN C 35 -2.00 17.47 -10.95
CA GLN C 35 -1.73 17.48 -12.38
C GLN C 35 -0.69 16.39 -12.70
N LEU C 36 -0.56 16.06 -13.99
CA LEU C 36 0.32 14.96 -14.45
C LEU C 36 1.78 14.94 -13.97
N PRO C 37 2.50 16.09 -14.02
CA PRO C 37 3.90 16.05 -13.58
C PRO C 37 3.93 15.68 -12.10
N GLU C 38 2.91 16.08 -11.36
CA GLU C 38 2.79 15.74 -9.94
C GLU C 38 2.46 14.26 -9.76
N LEU C 39 1.54 13.74 -10.57
CA LEU C 39 1.23 12.31 -10.59
C LEU C 39 2.45 11.45 -10.93
N ILE C 40 3.17 11.82 -11.99
CA ILE C 40 4.41 11.15 -12.40
C ILE C 40 5.48 11.20 -11.29
N ARG C 41 5.62 12.37 -10.68
CA ARG C 41 6.59 12.58 -9.62
C ARG C 41 6.30 11.64 -8.42
N MET C 42 5.03 11.54 -8.02
CA MET C 42 4.62 10.64 -6.93
C MET C 42 5.06 9.19 -7.19
N LYS C 43 4.77 8.69 -8.39
CA LYS C 43 5.13 7.32 -8.76
C LYS C 43 6.65 7.13 -8.94
N ARG C 44 7.29 8.12 -9.58
CA ARG C 44 8.75 8.19 -9.68
C ARG C 44 9.43 7.99 -8.31
N ASP C 45 8.90 8.60 -7.26
CA ASP C 45 9.49 8.51 -5.91
C ASP C 45 9.12 7.23 -5.17
N GLY C 46 8.39 6.34 -5.85
CA GLY C 46 7.92 5.08 -5.27
C GLY C 46 6.67 5.23 -4.42
N GLY C 47 6.00 6.36 -4.56
CA GLY C 47 4.75 6.60 -3.81
C GLY C 47 3.58 5.88 -4.44
N ARG C 48 2.54 5.70 -3.62
CA ARG C 48 1.29 5.09 -4.02
C ARG C 48 0.39 6.15 -4.65
N LEU C 49 -0.27 5.78 -5.74
CA LEU C 49 -1.25 6.66 -6.37
C LEU C 49 -2.66 6.32 -5.88
N SER C 50 -3.42 7.35 -5.53
CA SER C 50 -4.80 7.17 -5.07
C SER C 50 -5.71 6.73 -6.22
N GLU C 51 -6.92 6.29 -5.86
CA GLU C 51 -7.94 5.99 -6.85
C GLU C 51 -8.18 7.19 -7.75
N ALA C 52 -8.29 8.37 -7.14
CA ALA C 52 -8.47 9.64 -7.85
C ALA C 52 -7.31 9.94 -8.81
N ASP C 53 -6.09 9.75 -8.33
CA ASP C 53 -4.88 9.93 -9.12
C ASP C 53 -4.84 9.07 -10.38
N ILE C 54 -5.02 7.75 -10.21
CA ILE C 54 -5.08 6.79 -11.31
C ILE C 54 -6.18 7.15 -12.33
N ARG C 55 -7.40 7.40 -11.84
CA ARG C 55 -8.50 7.79 -12.73
C ARG C 55 -8.23 9.11 -13.50
N GLY C 56 -7.58 10.07 -12.82
CA GLY C 56 -7.17 11.31 -13.44
C GLY C 56 -6.15 11.12 -14.56
N PHE C 57 -5.12 10.31 -14.29
CA PHE C 57 -4.16 9.96 -15.31
C PHE C 57 -4.79 9.25 -16.52
N VAL C 58 -5.66 8.28 -16.24
CA VAL C 58 -6.36 7.54 -17.30
C VAL C 58 -7.26 8.47 -18.13
N ALA C 59 -7.98 9.36 -17.45
CA ALA C 59 -8.80 10.38 -18.11
C ALA C 59 -7.98 11.31 -19.02
N ALA C 60 -6.83 11.74 -18.55
CA ALA C 60 -5.94 12.60 -19.31
C ALA C 60 -5.41 11.89 -20.55
N VAL C 61 -5.13 10.60 -20.44
CA VAL C 61 -4.71 9.76 -21.58
C VAL C 61 -5.81 9.75 -22.66
N VAL C 62 -7.05 9.52 -22.24
CA VAL C 62 -8.21 9.39 -23.17
C VAL C 62 -8.56 10.69 -23.92
N ASN C 63 -8.50 11.82 -23.23
CA ASN C 63 -8.88 13.08 -23.84
C ASN C 63 -7.74 13.84 -24.54
N GLY C 64 -6.52 13.31 -24.47
CA GLY C 64 -5.37 13.90 -25.15
C GLY C 64 -4.54 14.85 -24.28
N SER C 65 -4.98 15.06 -23.04
CA SER C 65 -4.32 16.01 -22.15
C SER C 65 -2.96 15.52 -21.75
N ALA C 66 -2.83 14.21 -21.59
CA ALA C 66 -1.55 13.59 -21.33
C ALA C 66 -0.82 13.47 -22.66
N GLN C 67 0.27 14.24 -22.76
CA GLN C 67 1.13 14.21 -23.95
C GLN C 67 1.97 12.94 -23.93
N GLY C 68 2.47 12.56 -25.11
CA GLY C 68 3.28 11.38 -25.29
C GLY C 68 4.36 11.21 -24.22
N ALA C 69 5.17 12.24 -24.01
CA ALA C 69 6.27 12.20 -23.07
C ALA C 69 5.81 11.88 -21.64
N GLN C 70 4.61 12.35 -21.29
CA GLN C 70 4.04 12.14 -19.97
C GLN C 70 3.52 10.71 -19.81
N ILE C 71 2.97 10.15 -20.89
CA ILE C 71 2.59 8.74 -20.94
C ILE C 71 3.85 7.82 -20.81
N GLY C 72 4.90 8.11 -21.56
CA GLY C 72 6.14 7.35 -21.46
C GLY C 72 6.79 7.38 -20.07
N ALA C 73 6.80 8.56 -19.46
CA ALA C 73 7.39 8.76 -18.14
C ALA C 73 6.56 8.07 -17.05
N MET C 74 5.25 8.20 -17.11
CA MET C 74 4.41 7.47 -16.17
C MET C 74 4.61 5.95 -16.32
N LEU C 75 4.67 5.48 -17.57
CA LEU C 75 4.78 4.05 -17.81
C LEU C 75 6.11 3.50 -17.30
N MET C 76 7.18 4.27 -17.48
CA MET C 76 8.50 3.88 -17.00
C MET C 76 8.60 3.98 -15.47
N ALA C 77 8.01 5.03 -14.89
CA ALA C 77 7.89 5.13 -13.43
C ALA C 77 7.22 3.87 -12.88
N ILE C 78 6.06 3.50 -13.43
CA ILE C 78 5.34 2.28 -13.03
C ILE C 78 6.17 1.02 -13.27
N ARG C 79 6.87 0.98 -14.40
CA ARG C 79 7.74 -0.16 -14.75
C ARG C 79 8.87 -0.36 -13.75
N LEU C 80 9.48 0.74 -13.30
CA LEU C 80 10.61 0.70 -12.35
C LEU C 80 10.23 0.67 -10.86
N ARG C 81 9.12 1.33 -10.50
CA ARG C 81 8.74 1.49 -9.09
C ARG C 81 7.56 0.59 -8.67
N GLY C 82 6.82 0.05 -9.65
CA GLY C 82 5.71 -0.86 -9.42
C GLY C 82 4.38 -0.26 -8.96
N MET C 83 3.42 -1.14 -8.73
CA MET C 83 2.11 -0.80 -8.14
C MET C 83 1.64 -1.93 -7.22
N ASP C 84 0.97 -1.61 -6.12
CA ASP C 84 0.38 -2.63 -5.26
C ASP C 84 -0.95 -3.15 -5.85
N LEU C 85 -1.54 -4.16 -5.20
CA LEU C 85 -2.73 -4.81 -5.74
C LEU C 85 -3.93 -3.88 -5.88
N GLU C 86 -4.10 -2.98 -4.92
CA GLU C 86 -5.17 -1.99 -4.96
C GLU C 86 -5.00 -1.01 -6.14
N GLU C 87 -3.79 -0.50 -6.33
CA GLU C 87 -3.44 0.33 -7.50
C GLU C 87 -3.72 -0.41 -8.79
N THR C 88 -3.23 -1.64 -8.90
CA THR C 88 -3.43 -2.49 -10.07
C THR C 88 -4.91 -2.67 -10.39
N SER C 89 -5.70 -2.96 -9.36
CA SER C 89 -7.15 -3.14 -9.49
C SER C 89 -7.86 -1.88 -9.97
N VAL C 90 -7.55 -0.74 -9.37
CA VAL C 90 -8.10 0.55 -9.80
C VAL C 90 -7.68 0.90 -11.25
N LEU C 91 -6.45 0.53 -11.64
CA LEU C 91 -5.97 0.83 -12.99
C LEU C 91 -6.72 -0.03 -13.99
N THR C 92 -7.06 -1.25 -13.57
CA THR C 92 -7.84 -2.18 -14.42
C THR C 92 -9.24 -1.64 -14.66
N GLN C 93 -9.83 -1.09 -13.60
CA GLN C 93 -11.18 -0.55 -13.64
C GLN C 93 -11.22 0.71 -14.48
N ALA C 94 -10.25 1.59 -14.26
CA ALA C 94 -10.16 2.85 -15.02
C ALA C 94 -9.99 2.61 -16.51
N LEU C 95 -9.14 1.66 -16.89
CA LEU C 95 -8.97 1.30 -18.30
C LEU C 95 -10.25 0.68 -18.90
N ALA C 96 -10.93 -0.17 -18.14
CA ALA C 96 -12.20 -0.77 -18.60
C ALA C 96 -13.26 0.29 -18.82
N GLN C 97 -13.34 1.21 -17.86
CA GLN C 97 -14.35 2.27 -17.86
C GLN C 97 -14.02 3.48 -18.76
N SER C 98 -12.87 3.45 -19.42
CA SER C 98 -12.46 4.55 -20.32
C SER C 98 -13.21 4.56 -21.65
N GLY C 99 -13.89 3.47 -21.96
CA GLY C 99 -14.83 3.43 -23.07
C GLY C 99 -16.16 2.80 -22.67
N GLN C 100 -16.83 2.22 -23.65
CA GLN C 100 -18.11 1.56 -23.44
C GLN C 100 -17.97 0.16 -22.87
N GLN C 101 -18.95 -0.23 -22.07
CA GLN C 101 -19.18 -1.61 -21.66
C GLN C 101 -20.08 -2.28 -22.70
N LEU C 102 -19.74 -3.50 -23.09
CA LEU C 102 -20.54 -4.27 -24.04
C LEU C 102 -21.73 -4.95 -23.39
N GLU C 103 -22.89 -4.80 -24.02
CA GLU C 103 -24.15 -5.39 -23.56
C GLU C 103 -24.62 -6.36 -24.63
N TRP C 104 -25.08 -7.54 -24.22
CA TRP C 104 -25.51 -8.55 -25.17
C TRP C 104 -26.88 -9.09 -24.77
N PRO C 105 -27.64 -9.67 -25.73
CA PRO C 105 -28.88 -10.37 -25.42
C PRO C 105 -28.71 -11.33 -24.24
N GLU C 106 -29.73 -11.36 -23.38
CA GLU C 106 -29.74 -12.21 -22.20
C GLU C 106 -29.45 -13.67 -22.50
N ALA C 107 -29.93 -14.14 -23.65
CA ALA C 107 -29.80 -15.54 -24.06
C ALA C 107 -28.35 -15.95 -24.31
N TRP C 108 -27.49 -14.95 -24.52
CA TRP C 108 -26.06 -15.15 -24.78
C TRP C 108 -25.19 -15.19 -23.52
N ARG C 109 -25.74 -14.75 -22.39
CA ARG C 109 -25.00 -14.61 -21.13
C ARG C 109 -24.07 -15.79 -20.82
N GLN C 110 -24.59 -17.00 -21.01
CA GLN C 110 -23.86 -18.23 -20.69
C GLN C 110 -22.91 -18.68 -21.81
N GLN C 111 -23.19 -18.24 -23.04
CA GLN C 111 -22.40 -18.60 -24.21
C GLN C 111 -21.11 -17.79 -24.33
N LEU C 112 -21.07 -16.65 -23.65
CA LEU C 112 -19.97 -15.68 -23.79
C LEU C 112 -18.69 -16.12 -23.09
N VAL C 113 -17.65 -16.40 -23.88
CA VAL C 113 -16.35 -16.92 -23.38
C VAL C 113 -15.22 -16.29 -24.16
N ASP C 114 -14.03 -16.25 -23.56
CA ASP C 114 -12.86 -15.74 -24.24
C ASP C 114 -11.58 -16.35 -23.69
N LYS C 115 -10.53 -16.29 -24.49
CA LYS C 115 -9.20 -16.72 -24.12
C LYS C 115 -8.25 -15.56 -24.44
N HIS C 116 -7.30 -15.31 -23.55
CA HIS C 116 -6.27 -14.32 -23.81
C HIS C 116 -4.89 -14.87 -23.45
N SER C 117 -3.87 -14.47 -24.21
CA SER C 117 -2.49 -14.82 -23.91
C SER C 117 -1.74 -13.60 -23.37
N THR C 118 -0.78 -13.84 -22.49
CA THR C 118 0.21 -12.82 -22.14
C THR C 118 1.25 -12.59 -23.27
N GLY C 119 1.37 -13.58 -24.16
CA GLY C 119 2.28 -13.47 -25.31
C GLY C 119 3.00 -14.78 -25.46
N GLY C 120 3.52 -15.08 -26.62
CA GLY C 120 4.18 -16.36 -26.86
C GLY C 120 4.56 -16.31 -28.32
N VAL C 121 5.83 -16.57 -28.59
CA VAL C 121 6.35 -16.52 -29.95
C VAL C 121 5.71 -17.67 -30.73
N GLY C 122 5.05 -17.32 -31.84
CA GLY C 122 4.40 -18.28 -32.71
C GLY C 122 3.07 -18.79 -32.17
N ASP C 123 2.54 -18.12 -31.16
CA ASP C 123 1.24 -18.49 -30.60
C ASP C 123 0.09 -17.92 -31.41
N LYS C 124 -0.53 -18.78 -32.22
CA LYS C 124 -1.69 -18.40 -33.03
C LYS C 124 -2.94 -19.16 -32.61
N VAL C 125 -2.98 -19.57 -31.34
CA VAL C 125 -4.14 -20.29 -30.77
C VAL C 125 -5.45 -19.54 -31.00
N SER C 126 -5.42 -18.22 -30.82
CA SER C 126 -6.62 -17.38 -30.90
C SER C 126 -7.28 -17.30 -32.27
N LEU C 127 -6.48 -17.31 -33.33
CA LEU C 127 -6.99 -17.38 -34.72
C LEU C 127 -7.85 -18.63 -34.95
N VAL C 128 -7.48 -19.71 -34.27
CA VAL C 128 -8.15 -21.00 -34.36
C VAL C 128 -9.28 -21.14 -33.31
N LEU C 129 -9.01 -20.71 -32.08
CA LEU C 129 -9.89 -21.01 -30.95
C LEU C 129 -11.18 -20.18 -30.97
N ALA C 130 -11.09 -18.92 -31.40
CA ALA C 130 -12.28 -18.08 -31.51
C ALA C 130 -13.36 -18.71 -32.39
N PRO C 131 -13.04 -19.00 -33.68
CA PRO C 131 -14.02 -19.70 -34.51
C PRO C 131 -14.36 -21.12 -34.05
N ALA C 132 -13.40 -21.86 -33.48
CA ALA C 132 -13.69 -23.23 -33.01
C ALA C 132 -14.72 -23.23 -31.90
N LEU C 133 -14.59 -22.29 -30.98
CA LEU C 133 -15.55 -22.11 -29.88
C LEU C 133 -16.93 -21.69 -30.36
N ALA C 134 -16.97 -20.76 -31.33
CA ALA C 134 -18.20 -20.43 -32.04
C ALA C 134 -18.89 -21.69 -32.61
N ALA C 135 -18.10 -22.59 -33.21
CA ALA C 135 -18.60 -23.86 -33.74
C ALA C 135 -19.12 -24.82 -32.65
N CYS C 136 -18.65 -24.64 -31.43
CA CYS C 136 -19.10 -25.42 -30.28
C CYS C 136 -20.29 -24.75 -29.58
N GLY C 137 -20.90 -23.75 -30.22
CA GLY C 137 -22.05 -23.06 -29.69
C GLY C 137 -21.74 -22.03 -28.63
N CYS C 138 -20.55 -21.43 -28.71
CA CYS C 138 -20.17 -20.34 -27.82
C CYS C 138 -20.16 -19.03 -28.60
N LYS C 139 -20.11 -17.92 -27.86
CA LYS C 139 -19.94 -16.59 -28.43
C LYS C 139 -18.64 -16.02 -27.92
N VAL C 140 -17.80 -15.56 -28.85
CA VAL C 140 -16.46 -15.08 -28.51
C VAL C 140 -16.28 -13.65 -29.04
N PRO C 141 -16.53 -12.66 -28.16
CA PRO C 141 -16.37 -11.25 -28.49
C PRO C 141 -14.95 -10.77 -28.18
N MET C 142 -13.96 -11.30 -28.88
CA MET C 142 -12.57 -11.08 -28.51
C MET C 142 -12.04 -9.69 -28.87
N ILE C 143 -11.75 -8.90 -27.84
CA ILE C 143 -10.92 -7.72 -27.99
C ILE C 143 -9.47 -8.14 -27.74
N SER C 144 -8.63 -7.90 -28.74
CA SER C 144 -7.26 -8.40 -28.76
C SER C 144 -6.27 -7.25 -28.84
N GLY C 145 -5.06 -7.53 -29.31
CA GLY C 145 -4.05 -6.49 -29.42
C GLY C 145 -3.07 -6.70 -30.54
N ARG C 146 -2.29 -5.65 -30.80
CA ARG C 146 -1.21 -5.69 -31.77
C ARG C 146 0.05 -6.26 -31.14
N GLY C 147 1.16 -6.12 -31.86
CA GLY C 147 2.45 -6.54 -31.35
C GLY C 147 2.84 -5.84 -30.07
N LEU C 148 3.73 -6.47 -29.32
CA LEU C 148 4.15 -5.96 -28.02
C LEU C 148 5.57 -6.46 -27.78
N GLY C 149 6.54 -5.58 -27.94
CA GLY C 149 7.94 -5.97 -27.78
C GLY C 149 8.35 -6.89 -28.91
N HIS C 150 8.90 -8.06 -28.56
CA HIS C 150 9.28 -9.05 -29.59
C HIS C 150 8.22 -10.15 -29.84
N THR C 151 7.02 -9.94 -29.34
CA THR C 151 5.93 -10.90 -29.50
C THR C 151 4.82 -10.33 -30.37
N GLY C 152 4.44 -11.08 -31.41
CA GLY C 152 3.41 -10.64 -32.35
C GLY C 152 2.01 -10.66 -31.76
N GLY C 153 1.13 -9.82 -32.31
CA GLY C 153 -0.23 -9.72 -31.79
C GLY C 153 -1.24 -10.16 -32.83
N THR C 154 -2.32 -10.77 -32.36
CA THR C 154 -3.37 -11.33 -33.21
C THR C 154 -3.93 -10.34 -34.24
N LEU C 155 -4.07 -9.07 -33.84
CA LEU C 155 -4.60 -8.04 -34.73
C LEU C 155 -3.71 -7.76 -35.94
N ASP C 156 -2.40 -7.84 -35.76
CA ASP C 156 -1.45 -7.66 -36.87
C ASP C 156 -1.47 -8.86 -37.80
N LYS C 157 -1.67 -10.05 -37.22
CA LYS C 157 -1.75 -11.29 -38.01
C LYS C 157 -2.97 -11.27 -38.91
N LEU C 158 -4.10 -10.80 -38.39
CA LEU C 158 -5.34 -10.75 -39.17
C LEU C 158 -5.29 -9.77 -40.32
N GLU C 159 -4.49 -8.71 -40.14
CA GLU C 159 -4.37 -7.66 -41.14
C GLU C 159 -3.56 -8.06 -42.39
N SER C 160 -2.95 -9.25 -42.37
CA SER C 160 -2.36 -9.78 -43.58
C SER C 160 -3.46 -10.28 -44.52
N ILE C 161 -4.67 -10.44 -43.98
CA ILE C 161 -5.82 -10.75 -44.80
C ILE C 161 -6.41 -9.46 -45.38
N PRO C 162 -6.29 -9.27 -46.70
CA PRO C 162 -6.73 -8.03 -47.36
C PRO C 162 -8.19 -7.65 -47.04
N GLY C 163 -8.39 -6.44 -46.52
CA GLY C 163 -9.72 -5.95 -46.21
C GLY C 163 -10.23 -6.23 -44.79
N PHE C 164 -9.49 -7.04 -44.02
CA PHE C 164 -9.90 -7.35 -42.65
C PHE C 164 -9.83 -6.10 -41.76
N ASN C 165 -10.97 -5.72 -41.18
CA ASN C 165 -11.06 -4.52 -40.35
C ASN C 165 -11.11 -4.88 -38.86
N VAL C 166 -10.08 -4.46 -38.13
CA VAL C 166 -9.97 -4.79 -36.70
C VAL C 166 -10.80 -3.84 -35.84
N ILE C 167 -11.21 -2.71 -36.42
CA ILE C 167 -11.98 -1.71 -35.69
C ILE C 167 -13.45 -1.87 -35.99
N GLN C 168 -14.20 -2.18 -34.94
CA GLN C 168 -15.57 -2.60 -35.05
C GLN C 168 -16.32 -2.00 -33.85
N SER C 169 -17.43 -1.31 -34.12
CA SER C 169 -18.22 -0.67 -33.06
C SER C 169 -18.94 -1.72 -32.22
N PRO C 170 -19.34 -1.36 -30.98
CA PRO C 170 -20.18 -2.23 -30.13
C PRO C 170 -21.41 -2.82 -30.81
N GLU C 171 -22.06 -2.05 -31.68
CA GLU C 171 -23.24 -2.55 -32.41
C GLU C 171 -22.86 -3.45 -33.59
N GLN C 172 -21.73 -3.15 -34.24
CA GLN C 172 -21.20 -4.02 -35.28
C GLN C 172 -20.77 -5.37 -34.71
N MET C 173 -20.20 -5.35 -33.51
CA MET C 173 -19.83 -6.58 -32.80
C MET C 173 -21.04 -7.51 -32.52
N GLN C 174 -22.20 -6.91 -32.30
CA GLN C 174 -23.45 -7.67 -32.16
C GLN C 174 -23.75 -8.46 -33.42
N VAL C 175 -23.58 -7.78 -34.57
CA VAL C 175 -23.82 -8.38 -35.88
C VAL C 175 -22.85 -9.52 -36.14
N LEU C 176 -21.58 -9.31 -35.83
CA LEU C 176 -20.54 -10.32 -36.01
C LEU C 176 -20.84 -11.59 -35.21
N LEU C 177 -21.14 -11.42 -33.92
CA LEU C 177 -21.49 -12.53 -33.02
C LEU C 177 -22.76 -13.23 -33.47
N ASP C 178 -23.63 -12.48 -34.14
CA ASP C 178 -24.86 -13.01 -34.72
C ASP C 178 -24.58 -13.85 -35.97
N GLN C 179 -23.63 -13.39 -36.79
CA GLN C 179 -23.27 -14.05 -38.05
C GLN C 179 -22.27 -15.23 -37.90
N ALA C 180 -21.15 -14.98 -37.22
CA ALA C 180 -20.10 -16.00 -37.10
C ALA C 180 -20.01 -16.64 -35.71
N GLY C 181 -20.62 -16.03 -34.70
CA GLY C 181 -20.55 -16.48 -33.31
C GLY C 181 -19.29 -16.00 -32.64
N CYS C 182 -18.48 -15.27 -33.40
CA CYS C 182 -17.19 -14.77 -32.95
C CYS C 182 -16.77 -13.51 -33.72
N CYS C 183 -15.78 -12.83 -33.17
CA CYS C 183 -15.12 -11.70 -33.79
C CYS C 183 -13.80 -11.50 -33.07
N ILE C 184 -12.84 -10.89 -33.77
CA ILE C 184 -11.57 -10.45 -33.16
C ILE C 184 -11.33 -8.99 -33.55
N VAL C 185 -11.38 -8.14 -32.54
CA VAL C 185 -11.34 -6.69 -32.71
C VAL C 185 -10.24 -6.05 -31.86
N GLY C 186 -9.93 -4.80 -32.18
CA GLY C 186 -8.92 -4.07 -31.46
C GLY C 186 -9.53 -2.99 -30.62
N GLN C 187 -8.73 -2.45 -29.71
CA GLN C 187 -9.15 -1.30 -28.95
C GLN C 187 -9.38 -0.09 -29.88
N SER C 188 -10.33 0.76 -29.50
CA SER C 188 -10.74 1.89 -30.31
C SER C 188 -11.21 3.01 -29.38
N GLU C 189 -11.87 4.01 -29.95
CA GLU C 189 -12.37 5.13 -29.15
C GLU C 189 -13.56 4.75 -28.28
N GLN C 190 -14.28 3.70 -28.68
CA GLN C 190 -15.41 3.20 -27.89
C GLN C 190 -15.01 2.08 -26.95
N LEU C 191 -14.01 1.30 -27.34
CA LEU C 191 -13.59 0.12 -26.58
C LEU C 191 -12.22 0.30 -25.95
N VAL C 192 -12.20 0.32 -24.62
CA VAL C 192 -10.98 0.43 -23.81
C VAL C 192 -9.94 1.38 -24.46
N PRO C 193 -10.35 2.62 -24.82
CA PRO C 193 -9.40 3.46 -25.56
C PRO C 193 -8.10 3.70 -24.79
N ALA C 194 -8.17 3.76 -23.45
CA ALA C 194 -6.98 4.02 -22.62
C ALA C 194 -5.96 2.87 -22.70
N ASP C 195 -6.42 1.64 -22.84
CA ASP C 195 -5.52 0.51 -23.06
C ASP C 195 -4.82 0.61 -24.41
N GLY C 196 -5.57 0.99 -25.44
CA GLY C 196 -5.02 1.11 -26.77
C GLY C 196 -3.85 2.05 -26.82
N ILE C 197 -4.05 3.24 -26.25
CA ILE C 197 -3.02 4.28 -26.15
C ILE C 197 -1.78 3.77 -25.43
N LEU C 198 -1.94 3.27 -24.20
CA LEU C 198 -0.86 2.78 -23.36
C LEU C 198 -0.17 1.52 -23.92
N TYR C 199 -0.96 0.60 -24.43
CA TYR C 199 -0.46 -0.60 -25.10
C TYR C 199 0.48 -0.23 -26.27
N ALA C 200 0.07 0.74 -27.10
CA ALA C 200 0.87 1.18 -28.25
C ALA C 200 2.17 1.84 -27.80
N ALA C 201 2.12 2.57 -26.69
CA ALA C 201 3.30 3.15 -26.11
C ALA C 201 4.19 2.10 -25.46
N ARG C 202 3.61 1.18 -24.68
CA ARG C 202 4.35 0.13 -23.97
C ARG C 202 5.20 -0.72 -24.94
N ASP C 203 4.60 -1.05 -26.07
CA ASP C 203 5.25 -1.81 -27.15
C ASP C 203 6.66 -1.28 -27.44
N VAL C 204 6.82 0.04 -27.45
CA VAL C 204 8.02 0.69 -28.00
C VAL C 204 8.83 1.50 -26.98
N THR C 205 8.51 1.33 -25.69
CA THR C 205 9.17 2.07 -24.59
C THR C 205 9.72 1.16 -23.47
N ALA C 206 9.83 -0.15 -23.75
CA ALA C 206 10.38 -1.11 -22.78
C ALA C 206 9.61 -1.12 -21.46
N THR C 207 8.28 -1.07 -21.58
CA THR C 207 7.39 -1.03 -20.43
C THR C 207 6.30 -2.10 -20.58
N VAL C 208 6.54 -3.05 -21.48
CA VAL C 208 5.69 -4.21 -21.63
C VAL C 208 5.70 -5.14 -20.40
N ASP C 209 6.88 -5.44 -19.87
CA ASP C 209 7.03 -6.51 -18.86
C ASP C 209 6.80 -6.02 -17.41
N SER C 210 5.62 -5.45 -17.20
CA SER C 210 5.22 -4.94 -15.92
C SER C 210 3.97 -5.70 -15.48
N LEU C 211 4.06 -6.30 -14.30
CA LEU C 211 2.98 -7.09 -13.72
C LEU C 211 1.65 -6.29 -13.64
N PRO C 212 1.66 -5.10 -13.00
CA PRO C 212 0.41 -4.31 -12.95
C PRO C 212 -0.09 -3.83 -14.31
N LEU C 213 0.82 -3.47 -15.20
CA LEU C 213 0.43 -3.01 -16.53
C LEU C 213 -0.18 -4.15 -17.36
N ILE C 214 0.43 -5.34 -17.31
CA ILE C 214 -0.11 -6.52 -18.02
C ILE C 214 -1.50 -6.93 -17.49
N THR C 215 -1.62 -7.05 -16.18
CA THR C 215 -2.88 -7.41 -15.51
C THR C 215 -4.01 -6.44 -15.89
N ALA C 216 -3.76 -5.15 -15.77
CA ALA C 216 -4.73 -4.10 -16.07
C ALA C 216 -5.10 -4.12 -17.55
N SER C 217 -4.10 -4.35 -18.41
CA SER C 217 -4.30 -4.39 -19.85
C SER C 217 -5.17 -5.57 -20.31
N ILE C 218 -4.81 -6.77 -19.88
CA ILE C 218 -5.58 -7.95 -20.24
C ILE C 218 -7.01 -7.87 -19.68
N LEU C 219 -7.12 -7.66 -18.37
CA LEU C 219 -8.39 -7.73 -17.66
C LEU C 219 -9.38 -6.63 -18.05
N SER C 220 -8.90 -5.44 -18.39
CA SER C 220 -9.78 -4.35 -18.79
C SER C 220 -10.55 -4.68 -20.08
N LYS C 221 -9.84 -5.24 -21.06
CA LYS C 221 -10.48 -5.73 -22.28
C LYS C 221 -11.51 -6.82 -22.02
N LYS C 222 -11.20 -7.74 -21.09
CA LYS C 222 -12.05 -8.93 -20.91
C LYS C 222 -13.27 -8.57 -20.08
N LEU C 223 -13.09 -7.60 -19.20
CA LEU C 223 -14.16 -7.08 -18.34
C LEU C 223 -15.27 -6.38 -19.12
N VAL C 224 -14.92 -5.64 -20.17
CA VAL C 224 -15.93 -4.95 -20.98
C VAL C 224 -16.73 -5.86 -21.92
N GLU C 225 -16.20 -7.04 -22.21
CA GLU C 225 -16.87 -8.01 -23.09
C GLU C 225 -18.08 -8.71 -22.44
N GLY C 226 -18.22 -8.62 -21.12
CA GLY C 226 -19.34 -9.25 -20.40
C GLY C 226 -19.35 -10.77 -20.51
N LEU C 227 -18.25 -11.40 -20.10
CA LEU C 227 -18.05 -12.84 -20.28
C LEU C 227 -18.62 -13.66 -19.12
N SER C 228 -18.96 -14.93 -19.39
CA SER C 228 -19.28 -15.88 -18.31
C SER C 228 -18.04 -16.62 -17.83
N ALA C 229 -17.02 -16.71 -18.68
CA ALA C 229 -15.77 -17.38 -18.32
C ALA C 229 -14.59 -16.84 -19.14
N LEU C 230 -13.43 -16.72 -18.50
CA LEU C 230 -12.21 -16.32 -19.17
C LEU C 230 -11.07 -17.30 -18.85
N VAL C 231 -10.32 -17.67 -19.87
CA VAL C 231 -9.05 -18.36 -19.63
C VAL C 231 -7.92 -17.46 -20.13
N VAL C 232 -6.93 -17.27 -19.27
CA VAL C 232 -5.73 -16.57 -19.67
C VAL C 232 -4.57 -17.55 -19.73
N ASP C 233 -3.90 -17.58 -20.87
CA ASP C 233 -2.76 -18.46 -21.08
C ASP C 233 -1.50 -17.66 -20.79
N VAL C 234 -0.84 -18.01 -19.69
CA VAL C 234 0.41 -17.40 -19.27
C VAL C 234 1.52 -18.40 -19.54
N LYS C 235 2.55 -18.04 -20.28
CA LYS C 235 3.63 -19.00 -20.40
C LYS C 235 4.87 -18.65 -19.59
N PHE C 236 5.72 -19.65 -19.36
CA PHE C 236 7.08 -19.38 -18.94
C PHE C 236 8.02 -20.09 -19.89
N GLY C 237 9.32 -19.93 -19.71
CA GLY C 237 10.29 -20.47 -20.66
C GLY C 237 10.62 -19.44 -21.75
N ALA C 238 11.52 -19.81 -22.65
CA ALA C 238 12.09 -18.88 -23.66
C ALA C 238 11.08 -18.16 -24.55
N GLY C 239 9.96 -18.81 -24.85
CA GLY C 239 8.90 -18.25 -25.71
C GLY C 239 8.03 -17.17 -25.07
N ALA C 240 8.22 -16.94 -23.76
CA ALA C 240 7.32 -16.11 -22.93
C ALA C 240 7.76 -14.67 -22.65
N VAL C 241 6.81 -13.89 -22.14
CA VAL C 241 7.03 -12.53 -21.62
C VAL C 241 7.92 -12.55 -20.36
N PHE C 242 7.66 -13.53 -19.50
CA PHE C 242 8.44 -13.79 -18.29
C PHE C 242 8.93 -15.23 -18.37
N PRO C 243 10.09 -15.47 -19.01
CA PRO C 243 10.66 -16.82 -19.07
C PRO C 243 10.86 -17.48 -17.71
N ASN C 244 11.00 -16.68 -16.66
CA ASN C 244 11.10 -17.20 -15.30
C ASN C 244 9.75 -17.70 -14.78
N GLN C 245 9.69 -18.98 -14.43
CA GLN C 245 8.46 -19.62 -13.92
C GLN C 245 7.78 -18.93 -12.73
N GLU C 246 8.57 -18.50 -11.74
CA GLU C 246 7.99 -17.82 -10.58
C GLU C 246 7.32 -16.49 -10.93
N GLN C 247 7.93 -15.71 -11.83
CA GLN C 247 7.31 -14.49 -12.33
C GLN C 247 5.99 -14.73 -13.05
N ALA C 248 5.95 -15.81 -13.83
CA ALA C 248 4.76 -16.20 -14.56
C ALA C 248 3.65 -16.72 -13.63
N ARG C 249 3.98 -17.57 -12.66
CA ARG C 249 2.98 -18.06 -11.70
C ARG C 249 2.32 -16.89 -10.96
N GLU C 250 3.14 -15.95 -10.49
CA GLU C 250 2.66 -14.77 -9.78
C GLU C 250 1.72 -13.92 -10.63
N LEU C 251 2.06 -13.78 -11.91
CA LEU C 251 1.21 -13.09 -12.87
C LEU C 251 -0.11 -13.81 -13.10
N ALA C 252 -0.06 -15.13 -13.22
CA ALA C 252 -1.26 -15.96 -13.32
C ALA C 252 -2.18 -15.82 -12.11
N LYS C 253 -1.61 -15.85 -10.91
CA LYS C 253 -2.39 -15.72 -9.67
C LYS C 253 -2.97 -14.32 -9.49
N THR C 254 -2.24 -13.31 -9.95
CA THR C 254 -2.69 -11.92 -9.93
C THR C 254 -3.88 -11.71 -10.87
N LEU C 255 -3.79 -12.25 -12.08
CA LEU C 255 -4.85 -12.14 -13.09
C LEU C 255 -6.15 -12.78 -12.61
N VAL C 256 -6.02 -13.94 -11.98
CA VAL C 256 -7.15 -14.70 -11.42
C VAL C 256 -7.73 -13.98 -10.19
N GLY C 257 -6.85 -13.50 -9.31
CA GLY C 257 -7.26 -12.89 -8.04
C GLY C 257 -7.94 -11.54 -8.22
N VAL C 258 -7.35 -10.69 -9.05
CA VAL C 258 -7.94 -9.40 -9.41
C VAL C 258 -9.21 -9.62 -10.26
N GLY C 259 -9.13 -10.49 -11.27
CA GLY C 259 -10.30 -10.92 -12.07
C GLY C 259 -11.53 -11.27 -11.21
N ALA C 260 -11.37 -12.23 -10.30
CA ALA C 260 -12.43 -12.65 -9.37
C ALA C 260 -12.99 -11.51 -8.51
N SER C 261 -12.10 -10.67 -7.98
CA SER C 261 -12.49 -9.52 -7.16
C SER C 261 -13.27 -8.48 -7.96
N LEU C 262 -13.12 -8.52 -9.28
CA LEU C 262 -13.84 -7.60 -10.18
C LEU C 262 -15.07 -8.24 -10.82
N GLY C 263 -15.43 -9.43 -10.35
CA GLY C 263 -16.66 -10.11 -10.78
C GLY C 263 -16.55 -11.08 -11.94
N LEU C 264 -15.32 -11.41 -12.35
CA LEU C 264 -15.10 -12.25 -13.53
C LEU C 264 -14.63 -13.66 -13.15
N ARG C 265 -15.21 -14.66 -13.81
CA ARG C 265 -14.79 -16.05 -13.64
C ARG C 265 -13.58 -16.32 -14.51
N VAL C 266 -12.40 -16.33 -13.88
CA VAL C 266 -11.12 -16.45 -14.61
C VAL C 266 -10.34 -17.70 -14.19
N ALA C 267 -9.73 -18.37 -15.16
CA ALA C 267 -8.70 -19.35 -14.88
C ALA C 267 -7.45 -18.98 -15.69
N ALA C 268 -6.28 -19.34 -15.17
CA ALA C 268 -5.05 -19.18 -15.93
C ALA C 268 -4.48 -20.55 -16.30
N ALA C 269 -3.83 -20.62 -17.44
CA ALA C 269 -3.06 -21.78 -17.78
C ALA C 269 -1.61 -21.31 -17.88
N LEU C 270 -0.78 -21.82 -16.99
CA LEU C 270 0.66 -21.67 -17.04
C LEU C 270 1.26 -22.78 -17.87
N THR C 271 1.80 -22.41 -19.02
CA THR C 271 2.38 -23.40 -19.92
C THR C 271 3.85 -23.09 -20.21
N ALA C 272 4.73 -24.04 -19.89
CA ALA C 272 6.14 -23.94 -20.28
C ALA C 272 6.31 -24.08 -21.79
N MET C 273 7.14 -23.21 -22.36
CA MET C 273 7.37 -23.25 -23.78
C MET C 273 8.66 -22.51 -24.09
N ASP C 274 9.67 -23.27 -24.51
CA ASP C 274 10.98 -22.72 -24.85
C ASP C 274 11.15 -22.46 -26.37
N LYS C 275 10.36 -23.17 -27.17
CA LYS C 275 10.35 -23.04 -28.62
C LYS C 275 9.09 -22.31 -29.11
N PRO C 276 9.13 -21.76 -30.33
CA PRO C 276 7.86 -21.22 -30.86
C PRO C 276 6.77 -22.29 -30.98
N LEU C 277 5.52 -21.90 -30.84
CA LEU C 277 4.41 -22.82 -31.06
C LEU C 277 4.21 -23.05 -32.56
N GLY C 278 4.14 -24.33 -32.95
CA GLY C 278 4.03 -24.69 -34.34
C GLY C 278 5.33 -24.48 -35.10
N ARG C 279 5.22 -24.19 -36.39
CA ARG C 279 6.39 -24.07 -37.23
C ARG C 279 6.57 -22.67 -37.81
N CYS C 280 5.51 -21.86 -37.74
CA CYS C 280 5.46 -20.57 -38.38
C CYS C 280 5.50 -19.44 -37.34
N VAL C 281 6.40 -18.49 -37.57
CA VAL C 281 6.44 -17.25 -36.79
C VAL C 281 6.37 -16.08 -37.76
N GLY C 282 5.48 -15.14 -37.48
CA GLY C 282 5.24 -13.99 -38.35
C GLY C 282 3.78 -13.58 -38.32
N HIS C 283 3.23 -13.26 -39.50
CA HIS C 283 1.85 -12.78 -39.60
C HIS C 283 1.07 -13.53 -40.66
N ALA C 284 1.33 -13.27 -41.94
CA ALA C 284 0.73 -14.09 -43.02
C ALA C 284 0.98 -15.58 -42.74
N LEU C 285 2.23 -15.92 -42.38
CA LEU C 285 2.65 -17.30 -42.13
C LEU C 285 1.87 -17.97 -40.99
N GLU C 286 1.55 -17.21 -39.95
CA GLU C 286 0.76 -17.73 -38.83
C GLU C 286 -0.74 -17.91 -39.14
N VAL C 287 -1.30 -17.03 -39.98
CA VAL C 287 -2.65 -17.21 -40.54
C VAL C 287 -2.72 -18.53 -41.31
N GLU C 288 -1.71 -18.74 -42.15
CA GLU C 288 -1.57 -19.94 -42.95
C GLU C 288 -1.53 -21.22 -42.12
N GLU C 289 -0.75 -21.21 -41.05
CA GLU C 289 -0.68 -22.35 -40.13
C GLU C 289 -1.96 -22.53 -39.32
N ALA C 290 -2.61 -21.43 -38.95
CA ALA C 290 -3.89 -21.47 -38.26
C ALA C 290 -4.95 -22.18 -39.10
N LEU C 291 -4.94 -21.89 -40.41
CA LEU C 291 -5.84 -22.47 -41.39
C LEU C 291 -5.59 -23.98 -41.57
N LEU C 292 -4.33 -24.39 -41.42
CA LEU C 292 -3.95 -25.80 -41.45
C LEU C 292 -4.57 -26.55 -40.27
N CYS C 293 -4.53 -25.92 -39.10
CA CYS C 293 -5.13 -26.49 -37.89
C CYS C 293 -6.65 -26.63 -38.01
N MET C 294 -7.29 -25.65 -38.66
CA MET C 294 -8.75 -25.69 -38.91
C MET C 294 -9.11 -26.65 -40.04
N ASP C 295 -8.09 -27.09 -40.79
CA ASP C 295 -8.18 -28.16 -41.79
C ASP C 295 -8.19 -29.55 -41.14
N GLY C 296 -8.01 -29.60 -39.83
CA GLY C 296 -7.86 -30.85 -39.10
C GLY C 296 -6.42 -31.35 -39.13
N ALA C 297 -5.50 -30.48 -39.52
CA ALA C 297 -4.11 -30.85 -39.72
C ALA C 297 -3.20 -29.94 -38.89
N GLY C 298 -2.02 -29.62 -39.44
CA GLY C 298 -1.08 -28.74 -38.77
C GLY C 298 -0.28 -29.47 -37.71
N PRO C 299 0.60 -28.73 -37.00
CA PRO C 299 1.46 -29.37 -35.98
C PRO C 299 0.71 -29.76 -34.68
N PRO C 300 1.13 -30.87 -34.04
CA PRO C 300 0.44 -31.39 -32.87
C PRO C 300 0.42 -30.44 -31.67
N ASP C 301 1.52 -29.72 -31.43
CA ASP C 301 1.59 -28.79 -30.31
C ASP C 301 0.56 -27.66 -30.41
N LEU C 302 0.40 -27.10 -31.62
CA LEU C 302 -0.64 -26.10 -31.90
C LEU C 302 -2.04 -26.67 -31.64
N ARG C 303 -2.35 -27.84 -32.18
CA ARG C 303 -3.66 -28.44 -31.95
C ARG C 303 -3.86 -28.78 -30.46
N ASP C 304 -2.82 -29.30 -29.84
CA ASP C 304 -2.87 -29.69 -28.43
C ASP C 304 -3.23 -28.51 -27.54
N LEU C 305 -2.61 -27.36 -27.79
CA LEU C 305 -2.90 -26.13 -27.05
C LEU C 305 -4.31 -25.55 -27.33
N VAL C 306 -4.75 -25.58 -28.59
CA VAL C 306 -6.09 -25.15 -28.93
C VAL C 306 -7.16 -25.98 -28.20
N THR C 307 -7.03 -27.31 -28.26
CA THR C 307 -7.97 -28.23 -27.61
C THR C 307 -7.89 -28.17 -26.07
N THR C 308 -6.67 -28.11 -25.54
CA THR C 308 -6.44 -27.96 -24.09
C THR C 308 -7.09 -26.67 -23.56
N LEU C 309 -6.80 -25.54 -24.18
CA LEU C 309 -7.32 -24.26 -23.71
C LEU C 309 -8.81 -24.08 -24.01
N GLY C 310 -9.27 -24.63 -25.13
CA GLY C 310 -10.68 -24.57 -25.48
C GLY C 310 -11.54 -25.40 -24.53
N GLY C 311 -11.06 -26.60 -24.21
CA GLY C 311 -11.73 -27.50 -23.29
C GLY C 311 -11.76 -27.03 -21.85
N ALA C 312 -10.64 -26.45 -21.39
CA ALA C 312 -10.59 -25.74 -20.12
C ALA C 312 -11.72 -24.74 -20.04
N LEU C 313 -11.90 -23.97 -21.12
CA LEU C 313 -12.89 -22.89 -21.19
C LEU C 313 -14.32 -23.42 -21.16
N LEU C 314 -14.60 -24.41 -22.00
CA LEU C 314 -15.90 -25.06 -22.05
C LEU C 314 -16.25 -25.65 -20.68
N TRP C 315 -15.27 -26.26 -20.01
CA TRP C 315 -15.47 -26.77 -18.66
C TRP C 315 -15.78 -25.64 -17.68
N LEU C 316 -14.97 -24.58 -17.73
CA LEU C 316 -15.06 -23.41 -16.86
C LEU C 316 -16.40 -22.70 -16.97
N SER C 317 -16.92 -22.62 -18.19
CA SER C 317 -18.22 -21.97 -18.44
C SER C 317 -19.43 -22.90 -18.22
N GLY C 318 -19.16 -24.17 -17.90
CA GLY C 318 -20.22 -25.14 -17.67
C GLY C 318 -20.82 -25.79 -18.90
N HIS C 319 -20.13 -25.67 -20.04
CA HIS C 319 -20.58 -26.28 -21.29
C HIS C 319 -20.05 -27.69 -21.50
N ALA C 320 -19.02 -28.06 -20.75
CA ALA C 320 -18.51 -29.43 -20.75
C ALA C 320 -18.37 -29.94 -19.32
N GLY C 321 -18.58 -31.24 -19.13
CA GLY C 321 -18.49 -31.86 -17.80
C GLY C 321 -17.08 -31.92 -17.23
N THR C 322 -16.10 -32.16 -18.09
CA THR C 322 -14.69 -32.13 -17.74
C THR C 322 -13.93 -31.36 -18.82
N GLN C 323 -12.68 -31.01 -18.55
CA GLN C 323 -11.79 -30.39 -19.52
C GLN C 323 -11.55 -31.33 -20.70
N ALA C 324 -11.41 -32.64 -20.42
CA ALA C 324 -11.17 -33.64 -21.46
C ALA C 324 -12.36 -33.79 -22.41
N GLN C 325 -13.57 -33.67 -21.89
CA GLN C 325 -14.80 -33.68 -22.72
C GLN C 325 -14.88 -32.46 -23.61
N GLY C 326 -14.54 -31.29 -23.05
CA GLY C 326 -14.41 -30.06 -23.84
C GLY C 326 -13.37 -30.09 -24.95
N ALA C 327 -12.19 -30.60 -24.64
CA ALA C 327 -11.08 -30.72 -25.62
C ALA C 327 -11.47 -31.60 -26.80
N ALA C 328 -12.21 -32.68 -26.53
CA ALA C 328 -12.72 -33.57 -27.59
C ALA C 328 -13.77 -32.85 -28.45
N ARG C 329 -14.54 -31.99 -27.81
CA ARG C 329 -15.53 -31.16 -28.47
C ARG C 329 -14.84 -30.18 -29.45
N VAL C 330 -13.82 -29.50 -28.95
CA VAL C 330 -13.04 -28.55 -29.77
C VAL C 330 -12.33 -29.27 -30.91
N ALA C 331 -11.69 -30.40 -30.62
CA ALA C 331 -11.04 -31.23 -31.63
C ALA C 331 -11.99 -31.63 -32.77
N ALA C 332 -13.21 -32.02 -32.42
CA ALA C 332 -14.24 -32.36 -33.40
C ALA C 332 -14.56 -31.20 -34.35
N ALA C 333 -14.58 -29.98 -33.82
CA ALA C 333 -14.84 -28.76 -34.61
C ALA C 333 -13.71 -28.47 -35.59
N LEU C 334 -12.48 -28.85 -35.21
CA LEU C 334 -11.32 -28.74 -36.08
C LEU C 334 -11.38 -29.78 -37.19
N ASP C 335 -11.98 -30.92 -36.88
CA ASP C 335 -12.02 -32.06 -37.81
C ASP C 335 -13.14 -32.08 -38.84
N ASP C 336 -14.28 -31.42 -38.55
CA ASP C 336 -15.43 -31.50 -39.45
C ASP C 336 -15.66 -30.26 -40.31
N GLY C 337 -14.74 -29.30 -40.23
CA GLY C 337 -14.75 -28.11 -41.09
C GLY C 337 -15.55 -26.95 -40.51
N SER C 338 -16.12 -27.15 -39.32
CA SER C 338 -17.04 -26.17 -38.75
C SER C 338 -16.35 -24.96 -38.14
N ALA C 339 -15.19 -25.18 -37.53
CA ALA C 339 -14.30 -24.07 -37.10
C ALA C 339 -13.83 -23.24 -38.28
N LEU C 340 -13.44 -23.91 -39.36
CA LEU C 340 -13.03 -23.24 -40.60
C LEU C 340 -14.18 -22.44 -41.20
N GLY C 341 -15.39 -23.02 -41.15
CA GLY C 341 -16.61 -22.36 -41.60
C GLY C 341 -16.90 -21.09 -40.84
N ARG C 342 -16.75 -21.14 -39.52
CA ARG C 342 -16.99 -19.98 -38.66
C ARG C 342 -15.97 -18.88 -38.89
N PHE C 343 -14.74 -19.29 -39.18
CA PHE C 343 -13.64 -18.36 -39.42
C PHE C 343 -13.87 -17.60 -40.72
N GLU C 344 -14.31 -18.30 -41.77
CA GLU C 344 -14.70 -17.69 -43.02
C GLU C 344 -15.84 -16.67 -42.87
N ARG C 345 -16.84 -16.98 -42.04
CA ARG C 345 -17.92 -16.05 -41.74
C ARG C 345 -17.42 -14.78 -41.03
N MET C 346 -16.49 -14.96 -40.08
CA MET C 346 -15.88 -13.87 -39.32
C MET C 346 -15.07 -12.95 -40.24
N LEU C 347 -14.34 -13.54 -41.17
CA LEU C 347 -13.51 -12.77 -42.12
C LEU C 347 -14.37 -11.87 -42.98
N ALA C 348 -15.42 -12.46 -43.56
CA ALA C 348 -16.33 -11.73 -44.44
C ALA C 348 -17.13 -10.66 -43.69
N ALA C 349 -17.51 -10.97 -42.45
CA ALA C 349 -18.29 -10.02 -41.65
C ALA C 349 -17.47 -8.81 -41.22
N GLN C 350 -16.13 -8.98 -41.17
CA GLN C 350 -15.21 -7.93 -40.74
C GLN C 350 -14.48 -7.22 -41.88
N GLY C 351 -14.98 -7.39 -43.10
CA GLY C 351 -14.53 -6.59 -44.24
C GLY C 351 -13.85 -7.34 -45.37
N VAL C 352 -13.43 -8.57 -45.09
CA VAL C 352 -12.82 -9.39 -46.13
C VAL C 352 -13.83 -9.68 -47.24
N ASP C 353 -13.42 -9.42 -48.48
CA ASP C 353 -14.23 -9.74 -49.64
C ASP C 353 -14.68 -11.21 -49.59
N PRO C 354 -16.01 -11.46 -49.65
CA PRO C 354 -16.58 -12.81 -49.58
C PRO C 354 -15.89 -13.84 -50.49
N GLY C 355 -15.56 -13.44 -51.71
CA GLY C 355 -14.86 -14.30 -52.66
C GLY C 355 -13.45 -14.67 -52.24
N LEU C 356 -12.73 -13.71 -51.65
CA LEU C 356 -11.41 -13.95 -51.08
C LEU C 356 -11.49 -14.82 -49.81
N ALA C 357 -12.40 -14.50 -48.89
CA ALA C 357 -12.58 -15.27 -47.65
C ALA C 357 -12.84 -16.76 -47.95
N ARG C 358 -13.75 -17.02 -48.88
CA ARG C 358 -14.04 -18.37 -49.35
C ARG C 358 -12.84 -19.03 -50.06
N ALA C 359 -12.15 -18.28 -50.92
CA ALA C 359 -10.98 -18.78 -51.64
C ALA C 359 -9.83 -19.11 -50.68
N LEU C 360 -9.70 -18.30 -49.63
CA LEU C 360 -8.67 -18.51 -48.60
C LEU C 360 -8.95 -19.74 -47.72
N CYS C 361 -10.19 -19.86 -47.24
CA CYS C 361 -10.56 -20.95 -46.33
C CYS C 361 -10.69 -22.32 -47.01
N SER C 362 -11.24 -22.35 -48.21
CA SER C 362 -11.38 -23.61 -48.95
C SER C 362 -10.14 -23.94 -49.79
N GLY C 363 -9.22 -23.00 -49.88
CA GLY C 363 -8.03 -23.16 -50.70
C GLY C 363 -6.99 -24.09 -50.10
N SER C 364 -6.14 -24.64 -50.96
CA SER C 364 -4.98 -25.44 -50.57
C SER C 364 -3.93 -24.53 -49.91
N PRO C 365 -2.97 -25.12 -49.17
CA PRO C 365 -1.85 -24.32 -48.63
C PRO C 365 -1.15 -23.43 -49.67
N ALA C 366 -0.93 -23.95 -50.87
CA ALA C 366 -0.28 -23.20 -51.96
C ALA C 366 -1.10 -22.04 -52.48
N GLU C 367 -2.42 -22.21 -52.51
CA GLU C 367 -3.34 -21.14 -52.93
C GLU C 367 -3.41 -20.02 -51.89
N ARG C 368 -3.44 -20.41 -50.61
CA ARG C 368 -3.41 -19.46 -49.49
C ARG C 368 -2.16 -18.56 -49.49
N ARG C 369 -1.00 -19.14 -49.74
CA ARG C 369 0.26 -18.38 -49.85
C ARG C 369 0.17 -17.30 -50.91
N GLN C 370 -0.52 -17.61 -52.00
CA GLN C 370 -0.74 -16.69 -53.12
C GLN C 370 -1.62 -15.51 -52.78
N LEU C 371 -2.59 -15.74 -51.90
CA LEU C 371 -3.59 -14.74 -51.54
C LEU C 371 -3.12 -13.80 -50.42
N LEU C 372 -2.14 -14.26 -49.65
CA LEU C 372 -1.64 -13.48 -48.54
C LEU C 372 -0.25 -12.92 -48.87
N PRO C 373 0.14 -11.81 -48.19
CA PRO C 373 1.44 -11.21 -48.47
C PRO C 373 2.59 -12.21 -48.35
N ARG C 374 3.53 -12.12 -49.27
CA ARG C 374 4.75 -12.94 -49.31
C ARG C 374 5.96 -12.03 -49.29
N ALA C 375 6.95 -12.37 -48.48
CA ALA C 375 8.23 -11.68 -48.52
C ALA C 375 8.90 -11.91 -49.88
N ARG C 376 9.66 -10.92 -50.37
CA ARG C 376 10.28 -11.01 -51.70
C ARG C 376 11.32 -12.10 -51.81
N GLU C 377 11.97 -12.38 -50.69
CA GLU C 377 13.12 -13.28 -50.65
C GLU C 377 12.98 -14.35 -49.58
N GLN C 378 13.66 -15.47 -49.82
CA GLN C 378 13.71 -16.58 -48.89
C GLN C 378 15.13 -17.09 -48.78
N GLU C 379 15.55 -17.44 -47.57
CA GLU C 379 16.77 -18.19 -47.40
C GLU C 379 16.65 -19.22 -46.30
N GLU C 380 17.34 -20.34 -46.51
CA GLU C 380 17.28 -21.44 -45.58
C GLU C 380 18.60 -21.52 -44.84
N LEU C 381 18.51 -21.78 -43.53
CA LEU C 381 19.68 -22.05 -42.71
C LEU C 381 19.81 -23.56 -42.57
N LEU C 382 21.03 -24.06 -42.74
CA LEU C 382 21.28 -25.49 -42.74
C LEU C 382 21.91 -25.95 -41.43
N ALA C 383 21.67 -27.22 -41.08
CA ALA C 383 22.23 -27.83 -39.87
C ALA C 383 23.76 -27.90 -39.96
N PRO C 384 24.46 -27.33 -38.95
CA PRO C 384 25.92 -27.36 -38.94
C PRO C 384 26.55 -28.73 -38.69
N ALA C 385 25.79 -29.66 -38.10
CA ALA C 385 26.28 -31.01 -37.84
C ALA C 385 25.14 -32.02 -37.72
N ASP C 386 25.50 -33.30 -37.55
CA ASP C 386 24.58 -34.34 -37.10
C ASP C 386 24.12 -34.02 -35.69
N GLY C 387 22.86 -34.36 -35.41
CA GLY C 387 22.33 -34.23 -34.07
C GLY C 387 20.83 -34.39 -34.01
N THR C 388 20.34 -34.64 -32.80
CA THR C 388 18.93 -34.58 -32.48
C THR C 388 18.63 -33.14 -32.09
N VAL C 389 17.59 -32.56 -32.66
CA VAL C 389 17.10 -31.24 -32.24
C VAL C 389 16.60 -31.35 -30.80
N GLU C 390 17.33 -30.73 -29.88
CA GLU C 390 16.92 -30.64 -28.48
C GLU C 390 15.93 -29.52 -28.28
N LEU C 391 16.11 -28.45 -29.05
CA LEU C 391 15.42 -27.20 -28.82
C LEU C 391 15.65 -26.22 -29.97
N VAL C 392 14.63 -25.43 -30.28
CA VAL C 392 14.76 -24.25 -31.14
C VAL C 392 14.38 -23.05 -30.28
N ARG C 393 15.37 -22.25 -29.89
CA ARG C 393 15.17 -21.14 -28.96
C ARG C 393 14.32 -20.03 -29.59
N ALA C 394 13.21 -19.71 -28.93
CA ALA C 394 12.21 -18.79 -29.46
C ALA C 394 12.67 -17.35 -29.47
N LEU C 395 13.38 -16.93 -28.42
CA LEU C 395 13.79 -15.53 -28.25
C LEU C 395 14.71 -14.98 -29.37
N PRO C 396 15.80 -15.68 -29.74
CA PRO C 396 16.65 -15.17 -30.80
C PRO C 396 15.91 -15.05 -32.14
N LEU C 397 14.95 -15.95 -32.36
CA LEU C 397 14.12 -15.92 -33.55
C LEU C 397 13.21 -14.68 -33.54
N ALA C 398 12.53 -14.47 -32.42
CA ALA C 398 11.68 -13.28 -32.25
C ALA C 398 12.44 -11.97 -32.50
N LEU C 399 13.61 -11.85 -31.91
CA LEU C 399 14.42 -10.64 -31.99
C LEU C 399 14.87 -10.29 -33.39
N VAL C 400 15.32 -11.30 -34.14
CA VAL C 400 15.73 -11.12 -35.54
C VAL C 400 14.54 -10.77 -36.44
N LEU C 401 13.43 -11.50 -36.31
CA LEU C 401 12.24 -11.21 -37.14
C LEU C 401 11.67 -9.80 -36.89
N HIS C 402 11.68 -9.39 -35.62
CA HIS C 402 11.33 -8.02 -35.23
C HIS C 402 12.15 -6.99 -36.05
N GLU C 403 13.45 -7.20 -36.18
CA GLU C 403 14.34 -6.30 -36.90
C GLU C 403 14.11 -6.30 -38.41
N LEU C 404 13.56 -7.39 -38.94
CA LEU C 404 13.31 -7.52 -40.37
C LEU C 404 11.96 -6.94 -40.82
N GLY C 405 11.18 -6.41 -39.88
CA GLY C 405 9.90 -5.79 -40.24
C GLY C 405 8.69 -6.44 -39.63
N ALA C 406 8.88 -7.52 -38.87
CA ALA C 406 7.77 -8.18 -38.16
C ALA C 406 7.41 -7.48 -36.85
N GLY C 407 8.20 -6.48 -36.45
CA GLY C 407 7.95 -5.76 -35.20
C GLY C 407 8.11 -4.26 -35.38
N ARG C 408 7.80 -3.50 -34.33
CA ARG C 408 7.86 -2.04 -34.39
C ARG C 408 8.94 -1.43 -33.49
N SER C 409 9.62 -0.41 -34.01
CA SER C 409 10.54 0.41 -33.23
C SER C 409 9.85 1.71 -32.80
N ARG C 410 8.65 1.94 -33.32
CA ARG C 410 7.84 3.11 -32.98
C ARG C 410 6.37 2.84 -33.23
N ALA C 411 5.51 3.51 -32.47
CA ALA C 411 4.07 3.27 -32.53
C ALA C 411 3.49 3.69 -33.88
N GLY C 412 2.54 2.92 -34.37
CA GLY C 412 1.83 3.22 -35.59
C GLY C 412 2.64 2.88 -36.83
N GLU C 413 3.82 2.29 -36.62
CA GLU C 413 4.68 1.88 -37.73
C GLU C 413 4.07 0.65 -38.42
N PRO C 414 3.93 0.70 -39.75
CA PRO C 414 3.43 -0.46 -40.48
C PRO C 414 4.39 -1.64 -40.42
N LEU C 415 3.85 -2.85 -40.44
CA LEU C 415 4.67 -4.06 -40.42
C LEU C 415 4.83 -4.64 -41.82
N ARG C 416 5.87 -5.46 -41.98
CA ARG C 416 6.04 -6.24 -43.21
C ARG C 416 5.45 -7.61 -42.90
N LEU C 417 4.22 -7.81 -43.34
CA LEU C 417 3.38 -8.94 -42.90
C LEU C 417 3.75 -10.28 -43.56
N GLY C 418 4.57 -10.23 -44.61
CA GLY C 418 5.07 -11.45 -45.26
C GLY C 418 6.35 -11.97 -44.63
N VAL C 419 7.03 -11.09 -43.89
CA VAL C 419 8.25 -11.48 -43.17
C VAL C 419 7.94 -12.49 -42.05
N GLY C 420 8.87 -13.42 -41.84
CA GLY C 420 8.73 -14.43 -40.82
C GLY C 420 9.69 -15.58 -41.05
N ALA C 421 9.46 -16.67 -40.35
CA ALA C 421 10.31 -17.85 -40.47
C ALA C 421 9.48 -19.11 -40.30
N GLU C 422 9.89 -20.17 -40.98
CA GLU C 422 9.27 -21.48 -40.86
C GLU C 422 10.30 -22.44 -40.31
N LEU C 423 9.97 -23.14 -39.22
CA LEU C 423 10.77 -24.26 -38.76
C LEU C 423 10.51 -25.44 -39.70
N LEU C 424 11.59 -26.00 -40.23
CA LEU C 424 11.51 -27.12 -41.16
C LEU C 424 11.82 -28.45 -40.49
N VAL C 425 12.11 -28.42 -39.19
CA VAL C 425 12.35 -29.63 -38.40
C VAL C 425 11.55 -29.62 -37.11
N ASP C 426 11.34 -30.81 -36.53
CA ASP C 426 10.68 -30.96 -35.24
C ASP C 426 11.74 -31.01 -34.15
N VAL C 427 11.37 -30.62 -32.93
CA VAL C 427 12.18 -30.92 -31.76
C VAL C 427 12.09 -32.42 -31.55
N GLY C 428 13.23 -33.06 -31.34
CA GLY C 428 13.28 -34.50 -31.11
C GLY C 428 13.66 -35.28 -32.34
N GLN C 429 13.74 -34.57 -33.46
CA GLN C 429 14.07 -35.15 -34.76
C GLN C 429 15.58 -35.20 -34.99
N ARG C 430 16.05 -36.35 -35.47
CA ARG C 430 17.46 -36.54 -35.82
C ARG C 430 17.69 -35.98 -37.21
N LEU C 431 18.68 -35.10 -37.34
CA LEU C 431 18.97 -34.52 -38.66
C LEU C 431 20.44 -34.55 -39.07
N ARG C 432 20.64 -34.59 -40.38
CA ARG C 432 21.96 -34.67 -40.99
C ARG C 432 22.48 -33.26 -41.22
N ARG C 433 23.79 -33.10 -41.32
CA ARG C 433 24.38 -31.79 -41.61
C ARG C 433 24.05 -31.33 -43.03
N GLY C 434 23.82 -30.03 -43.18
CA GLY C 434 23.41 -29.44 -44.45
C GLY C 434 21.92 -29.55 -44.76
N THR C 435 21.15 -30.12 -43.83
CA THR C 435 19.71 -30.22 -44.01
C THR C 435 19.08 -28.92 -43.52
N PRO C 436 18.18 -28.33 -44.34
CA PRO C 436 17.56 -27.05 -43.95
C PRO C 436 16.67 -27.22 -42.72
N TRP C 437 16.88 -26.35 -41.74
CA TRP C 437 16.12 -26.40 -40.50
C TRP C 437 15.23 -25.17 -40.30
N LEU C 438 15.58 -24.08 -40.98
CA LEU C 438 14.84 -22.81 -40.89
C LEU C 438 14.79 -22.09 -42.23
N ARG C 439 13.59 -21.66 -42.62
CA ARG C 439 13.39 -20.83 -43.82
C ARG C 439 12.95 -19.44 -43.38
N VAL C 440 13.78 -18.45 -43.73
CA VAL C 440 13.51 -17.07 -43.37
C VAL C 440 12.94 -16.31 -44.57
N HIS C 441 11.81 -15.65 -44.35
CA HIS C 441 11.18 -14.84 -45.39
C HIS C 441 11.49 -13.39 -45.08
N ARG C 442 12.26 -12.76 -45.96
CA ARG C 442 12.72 -11.40 -45.72
C ARG C 442 12.46 -10.52 -46.92
N ASP C 443 12.22 -9.24 -46.63
CA ASP C 443 11.98 -8.20 -47.63
C ASP C 443 13.25 -7.43 -48.01
N GLY C 444 14.14 -7.23 -47.04
CA GLY C 444 15.39 -6.53 -47.28
C GLY C 444 16.43 -7.37 -47.98
N PRO C 445 17.72 -6.99 -47.82
CA PRO C 445 18.86 -7.42 -48.64
C PRO C 445 19.40 -8.86 -48.46
N ALA C 446 19.59 -9.28 -47.21
CA ALA C 446 20.21 -10.57 -46.87
C ALA C 446 20.51 -10.50 -45.38
N LEU C 447 20.60 -11.64 -44.72
CA LEU C 447 20.85 -11.61 -43.29
C LEU C 447 22.26 -11.13 -43.00
N SER C 448 22.39 -10.23 -42.04
CA SER C 448 23.71 -9.72 -41.67
C SER C 448 24.49 -10.81 -40.93
N GLY C 449 25.74 -10.50 -40.60
CA GLY C 449 26.57 -11.39 -39.81
C GLY C 449 25.97 -11.70 -38.44
N PRO C 450 25.62 -10.64 -37.64
CA PRO C 450 24.96 -10.77 -36.32
C PRO C 450 23.60 -11.48 -36.29
N GLN C 451 22.70 -11.17 -37.22
CA GLN C 451 21.37 -11.79 -37.21
C GLN C 451 21.43 -13.21 -37.75
N SER C 452 22.32 -13.44 -38.70
CA SER C 452 22.56 -14.78 -39.21
C SER C 452 23.13 -15.68 -38.10
N ARG C 453 24.10 -15.16 -37.35
CA ARG C 453 24.66 -15.84 -36.19
C ARG C 453 23.66 -16.06 -35.05
N ALA C 454 22.83 -15.05 -34.78
CA ALA C 454 21.80 -15.14 -33.74
C ALA C 454 20.77 -16.25 -34.04
N LEU C 455 20.44 -16.46 -35.32
CA LEU C 455 19.48 -17.49 -35.71
C LEU C 455 20.08 -18.89 -35.58
N GLN C 456 21.37 -19.00 -35.94
CA GLN C 456 22.11 -20.28 -35.88
C GLN C 456 22.23 -20.81 -34.47
N GLU C 457 22.45 -19.91 -33.51
CA GLU C 457 22.52 -20.28 -32.09
C GLU C 457 21.17 -20.64 -31.47
N ALA C 458 20.07 -20.37 -32.18
CA ALA C 458 18.73 -20.78 -31.74
C ALA C 458 18.57 -22.30 -31.83
N LEU C 459 19.22 -22.94 -32.82
CA LEU C 459 19.17 -24.38 -33.00
C LEU C 459 20.09 -25.09 -32.01
N VAL C 460 19.49 -25.88 -31.11
CA VAL C 460 20.25 -26.67 -30.14
C VAL C 460 20.27 -28.14 -30.54
N LEU C 461 21.46 -28.67 -30.78
CA LEU C 461 21.63 -30.07 -31.18
C LEU C 461 22.36 -30.87 -30.10
N SER C 462 22.06 -32.17 -30.02
CA SER C 462 22.75 -33.05 -29.07
C SER C 462 22.99 -34.46 -29.63
N ASP C 463 23.72 -35.25 -28.85
CA ASP C 463 24.06 -36.63 -29.19
C ASP C 463 22.93 -37.61 -28.89
N ARG C 464 21.95 -37.16 -28.13
CA ARG C 464 20.85 -38.01 -27.64
C ARG C 464 20.11 -38.76 -28.74
N ALA C 465 19.40 -39.82 -28.35
CA ALA C 465 18.52 -40.55 -29.24
C ALA C 465 17.30 -39.68 -29.60
N PRO C 466 16.80 -39.79 -30.85
CA PRO C 466 15.60 -39.06 -31.25
C PRO C 466 14.39 -39.40 -30.38
N PHE C 467 13.51 -38.41 -30.20
CA PHE C 467 12.37 -38.52 -29.30
C PHE C 467 11.17 -37.76 -29.84
N ALA C 468 9.98 -38.10 -29.35
CA ALA C 468 8.74 -37.44 -29.75
C ALA C 468 8.71 -36.02 -29.23
N ALA C 469 8.28 -35.10 -30.09
CA ALA C 469 8.10 -33.70 -29.71
C ALA C 469 7.15 -33.62 -28.51
N PRO C 470 7.66 -33.18 -27.36
CA PRO C 470 6.80 -33.01 -26.19
C PRO C 470 5.68 -32.00 -26.44
N LEU C 471 4.49 -32.33 -25.95
CA LEU C 471 3.35 -31.45 -26.08
C LEU C 471 3.34 -30.44 -24.93
N PRO C 472 2.78 -29.23 -25.18
CA PRO C 472 2.80 -28.16 -24.18
C PRO C 472 2.35 -28.54 -22.74
N PHE C 473 3.23 -28.20 -21.80
CA PHE C 473 2.97 -28.14 -20.36
C PHE C 473 1.73 -27.27 -20.18
N ALA C 474 0.75 -27.69 -19.39
CA ALA C 474 -0.46 -26.87 -19.21
C ALA C 474 -1.13 -26.99 -17.83
N GLU C 475 -0.71 -26.13 -16.91
CA GLU C 475 -1.14 -26.18 -15.53
C GLU C 475 -2.18 -25.09 -15.24
N LEU C 476 -3.32 -25.49 -14.69
CA LEU C 476 -4.46 -24.62 -14.59
C LEU C 476 -4.56 -23.93 -13.23
N VAL C 477 -4.54 -22.59 -13.20
CA VAL C 477 -4.67 -21.83 -11.94
C VAL C 477 -6.10 -21.30 -11.72
N LEU C 478 -6.65 -21.63 -10.55
CA LEU C 478 -8.04 -21.33 -10.22
C LEU C 478 -8.18 -20.37 -9.05
N PRO C 479 -9.33 -19.66 -8.96
CA PRO C 479 -9.72 -18.90 -7.74
C PRO C 479 -10.55 -19.77 -6.79
N LYS D 34 -20.19 -1.27 35.24
CA LYS D 34 -18.74 -1.22 34.90
C LYS D 34 -18.50 -1.31 33.39
N GLN D 35 -17.66 -0.41 32.87
CA GLN D 35 -17.37 -0.33 31.42
C GLN D 35 -16.39 -1.43 31.04
N LEU D 36 -16.17 -1.63 29.75
CA LEU D 36 -15.41 -2.80 29.29
C LEU D 36 -13.93 -2.88 29.70
N PRO D 37 -13.17 -1.76 29.56
CA PRO D 37 -11.77 -1.84 30.00
C PRO D 37 -11.64 -2.22 31.47
N GLU D 38 -12.65 -1.85 32.28
CA GLU D 38 -12.71 -2.18 33.70
C GLU D 38 -13.02 -3.66 33.89
N LEU D 39 -13.96 -4.18 33.09
CA LEU D 39 -14.27 -5.60 33.11
C LEU D 39 -13.05 -6.45 32.76
N ILE D 40 -12.34 -6.07 31.71
CA ILE D 40 -11.11 -6.76 31.28
C ILE D 40 -10.02 -6.71 32.36
N ARG D 41 -9.87 -5.53 32.97
CA ARG D 41 -8.90 -5.32 34.03
C ARG D 41 -9.19 -6.25 35.23
N MET D 42 -10.44 -6.34 35.66
CA MET D 42 -10.85 -7.23 36.75
C MET D 42 -10.41 -8.67 36.51
N LYS D 43 -10.71 -9.19 35.32
CA LYS D 43 -10.35 -10.56 34.96
C LYS D 43 -8.83 -10.72 34.79
N ARG D 44 -8.20 -9.73 34.18
CA ARG D 44 -6.74 -9.69 34.02
C ARG D 44 -6.03 -9.88 35.37
N ASP D 45 -6.55 -9.25 36.42
CA ASP D 45 -5.94 -9.33 37.76
C ASP D 45 -6.33 -10.59 38.54
N GLY D 46 -7.05 -11.49 37.88
CA GLY D 46 -7.50 -12.74 38.49
C GLY D 46 -8.77 -12.60 39.32
N GLY D 47 -9.45 -11.47 39.17
CA GLY D 47 -10.68 -11.20 39.89
C GLY D 47 -11.85 -12.00 39.34
N ARG D 48 -12.88 -12.12 40.18
CA ARG D 48 -14.14 -12.74 39.79
C ARG D 48 -15.04 -11.70 39.15
N LEU D 49 -15.72 -12.10 38.07
CA LEU D 49 -16.70 -11.22 37.43
C LEU D 49 -18.10 -11.55 37.93
N SER D 50 -18.87 -10.52 38.26
CA SER D 50 -20.22 -10.73 38.77
C SER D 50 -21.15 -11.19 37.65
N GLU D 51 -22.35 -11.63 38.02
CA GLU D 51 -23.38 -11.94 37.03
C GLU D 51 -23.64 -10.73 36.13
N ALA D 52 -23.73 -9.55 36.74
CA ALA D 52 -23.96 -8.30 36.01
C ALA D 52 -22.82 -8.00 35.02
N ASP D 53 -21.58 -8.20 35.49
CA ASP D 53 -20.38 -8.00 34.66
C ASP D 53 -20.37 -8.89 33.42
N ILE D 54 -20.57 -10.19 33.62
CA ILE D 54 -20.61 -11.18 32.53
C ILE D 54 -21.69 -10.86 31.51
N ARG D 55 -22.91 -10.60 31.99
CA ARG D 55 -24.04 -10.21 31.12
C ARG D 55 -23.78 -8.91 30.36
N GLY D 56 -23.13 -7.95 31.01
CA GLY D 56 -22.74 -6.69 30.38
C GLY D 56 -21.74 -6.88 29.26
N PHE D 57 -20.72 -7.70 29.51
CA PHE D 57 -19.73 -8.04 28.49
C PHE D 57 -20.36 -8.74 27.30
N VAL D 58 -21.24 -9.71 27.57
CA VAL D 58 -21.94 -10.47 26.53
C VAL D 58 -22.86 -9.57 25.71
N ALA D 59 -23.60 -8.69 26.39
CA ALA D 59 -24.41 -7.67 25.72
C ALA D 59 -23.60 -6.76 24.79
N ALA D 60 -22.45 -6.30 25.26
CA ALA D 60 -21.57 -5.46 24.46
C ALA D 60 -21.03 -6.18 23.22
N VAL D 61 -20.74 -7.47 23.36
CA VAL D 61 -20.34 -8.32 22.23
C VAL D 61 -21.41 -8.37 21.15
N VAL D 62 -22.67 -8.58 21.57
CA VAL D 62 -23.82 -8.72 20.67
C VAL D 62 -24.18 -7.45 19.90
N ASN D 63 -24.13 -6.30 20.57
CA ASN D 63 -24.54 -5.04 19.96
C ASN D 63 -23.41 -4.28 19.23
N GLY D 64 -22.20 -4.81 19.30
CA GLY D 64 -21.05 -4.19 18.62
C GLY D 64 -20.21 -3.25 19.47
N SER D 65 -20.66 -2.97 20.69
CA SER D 65 -19.97 -2.04 21.60
C SER D 65 -18.60 -2.54 21.99
N ALA D 66 -18.47 -3.86 22.16
CA ALA D 66 -17.19 -4.49 22.40
C ALA D 66 -16.46 -4.58 21.08
N GLN D 67 -15.35 -3.86 20.97
CA GLN D 67 -14.54 -3.88 19.77
C GLN D 67 -13.70 -5.14 19.75
N GLY D 68 -13.22 -5.52 18.57
CA GLY D 68 -12.38 -6.71 18.40
C GLY D 68 -11.29 -6.86 19.46
N ALA D 69 -10.51 -5.80 19.64
CA ALA D 69 -9.38 -5.84 20.58
C ALA D 69 -9.82 -6.14 22.01
N GLN D 70 -11.03 -5.68 22.36
CA GLN D 70 -11.58 -5.87 23.71
C GLN D 70 -12.08 -7.30 23.88
N ILE D 71 -12.60 -7.88 22.80
CA ILE D 71 -13.01 -9.28 22.78
C ILE D 71 -11.76 -10.18 22.93
N GLY D 72 -10.73 -9.89 22.15
CA GLY D 72 -9.47 -10.64 22.23
C GLY D 72 -8.80 -10.59 23.59
N ALA D 73 -8.79 -9.39 24.20
CA ALA D 73 -8.20 -9.21 25.53
C ALA D 73 -9.00 -9.90 26.62
N MET D 74 -10.32 -9.82 26.56
CA MET D 74 -11.14 -10.54 27.54
C MET D 74 -10.95 -12.06 27.41
N LEU D 75 -10.93 -12.55 26.19
CA LEU D 75 -10.78 -13.96 25.94
C LEU D 75 -9.45 -14.47 26.47
N MET D 76 -8.37 -13.73 26.22
CA MET D 76 -7.05 -14.10 26.72
C MET D 76 -6.94 -13.96 28.25
N ALA D 77 -7.56 -12.93 28.82
CA ALA D 77 -7.62 -12.80 30.28
C ALA D 77 -8.29 -14.05 30.89
N ILE D 78 -9.43 -14.45 30.34
CA ILE D 78 -10.16 -15.66 30.76
C ILE D 78 -9.35 -16.93 30.52
N ARG D 79 -8.65 -16.97 29.39
CA ARG D 79 -7.79 -18.10 29.06
C ARG D 79 -6.62 -18.27 30.03
N LEU D 80 -6.04 -17.16 30.49
CA LEU D 80 -4.89 -17.20 31.37
C LEU D 80 -5.22 -17.20 32.87
N ARG D 81 -6.30 -16.51 33.25
CA ARG D 81 -6.70 -16.37 34.65
C ARG D 81 -7.87 -17.27 35.09
N GLY D 82 -8.62 -17.82 34.13
CA GLY D 82 -9.72 -18.76 34.41
C GLY D 82 -11.03 -18.15 34.89
N MET D 83 -12.00 -19.04 35.13
CA MET D 83 -13.31 -18.71 35.72
C MET D 83 -13.77 -19.83 36.65
N ASP D 84 -14.44 -19.49 37.74
CA ASP D 84 -15.00 -20.50 38.63
C ASP D 84 -16.34 -20.99 38.08
N LEU D 85 -16.91 -22.01 38.72
CA LEU D 85 -18.11 -22.67 38.21
C LEU D 85 -19.30 -21.74 38.05
N GLU D 86 -19.45 -20.81 38.98
CA GLU D 86 -20.55 -19.86 38.98
C GLU D 86 -20.42 -18.91 37.78
N GLU D 87 -19.20 -18.40 37.55
CA GLU D 87 -18.88 -17.57 36.38
C GLU D 87 -19.17 -18.33 35.07
N THR D 88 -18.67 -19.56 35.00
CA THR D 88 -18.88 -20.42 33.84
C THR D 88 -20.36 -20.62 33.56
N SER D 89 -21.12 -20.91 34.62
CA SER D 89 -22.57 -21.10 34.52
C SER D 89 -23.29 -19.85 34.02
N VAL D 90 -22.93 -18.69 34.56
CA VAL D 90 -23.53 -17.42 34.13
C VAL D 90 -23.16 -17.10 32.69
N LEU D 91 -21.94 -17.45 32.29
CA LEU D 91 -21.46 -17.19 30.93
C LEU D 91 -22.21 -18.05 29.95
N THR D 92 -22.55 -19.27 30.36
CA THR D 92 -23.34 -20.20 29.56
C THR D 92 -24.75 -19.65 29.33
N GLN D 93 -25.37 -19.15 30.40
CA GLN D 93 -26.69 -18.56 30.37
C GLN D 93 -26.74 -17.31 29.50
N ALA D 94 -25.75 -16.43 29.67
CA ALA D 94 -25.69 -15.17 28.92
C ALA D 94 -25.54 -15.42 27.42
N LEU D 95 -24.69 -16.39 27.07
CA LEU D 95 -24.51 -16.76 25.66
C LEU D 95 -25.77 -17.37 25.06
N ALA D 96 -26.47 -18.21 25.84
CA ALA D 96 -27.72 -18.83 25.39
C ALA D 96 -28.81 -17.78 25.19
N GLN D 97 -28.85 -16.81 26.09
CA GLN D 97 -29.89 -15.79 26.12
C GLN D 97 -29.58 -14.59 25.21
N SER D 98 -28.42 -14.62 24.55
CA SER D 98 -28.04 -13.53 23.64
C SER D 98 -28.82 -13.54 22.33
N GLY D 99 -29.52 -14.64 22.06
CA GLY D 99 -30.44 -14.72 20.93
C GLY D 99 -31.77 -15.31 21.35
N GLN D 100 -32.43 -15.94 20.40
CA GLN D 100 -33.74 -16.56 20.62
C GLN D 100 -33.61 -17.96 21.19
N GLN D 101 -34.60 -18.34 22.00
CA GLN D 101 -34.78 -19.71 22.45
C GLN D 101 -35.70 -20.42 21.44
N LEU D 102 -35.34 -21.66 21.08
CA LEU D 102 -36.14 -22.42 20.12
C LEU D 102 -37.33 -23.11 20.79
N GLU D 103 -38.49 -22.94 20.18
CA GLU D 103 -39.74 -23.53 20.65
C GLU D 103 -40.21 -24.53 19.59
N TRP D 104 -40.63 -25.72 20.03
CA TRP D 104 -41.09 -26.75 19.11
C TRP D 104 -42.47 -27.28 19.52
N PRO D 105 -43.22 -27.86 18.55
CA PRO D 105 -44.47 -28.56 18.89
C PRO D 105 -44.30 -29.50 20.08
N GLU D 106 -45.30 -29.51 20.96
CA GLU D 106 -45.32 -30.35 22.16
C GLU D 106 -45.03 -31.83 21.87
N ALA D 107 -45.53 -32.32 20.74
CA ALA D 107 -45.37 -33.72 20.34
C ALA D 107 -43.91 -34.11 20.06
N TRP D 108 -43.06 -33.10 19.85
CA TRP D 108 -41.64 -33.32 19.54
C TRP D 108 -40.76 -33.36 20.79
N ARG D 109 -41.29 -32.88 21.91
CA ARG D 109 -40.54 -32.73 23.18
C ARG D 109 -39.62 -33.92 23.50
N GLN D 110 -40.14 -35.12 23.33
CA GLN D 110 -39.39 -36.35 23.63
C GLN D 110 -38.43 -36.78 22.51
N GLN D 111 -38.74 -36.36 21.28
CA GLN D 111 -37.95 -36.76 20.11
C GLN D 111 -36.67 -35.94 19.95
N LEU D 112 -36.63 -34.78 20.61
CA LEU D 112 -35.52 -33.83 20.45
C LEU D 112 -34.24 -34.27 21.16
N VAL D 113 -33.23 -34.61 20.35
CA VAL D 113 -31.92 -35.07 20.84
C VAL D 113 -30.80 -34.42 20.04
N ASP D 114 -29.60 -34.39 20.63
CA ASP D 114 -28.43 -33.89 19.93
C ASP D 114 -27.14 -34.48 20.46
N LYS D 115 -26.09 -34.37 19.66
CA LYS D 115 -24.74 -34.80 20.01
C LYS D 115 -23.80 -33.66 19.67
N HIS D 116 -22.82 -33.43 20.54
CA HIS D 116 -21.79 -32.43 20.28
C HIS D 116 -20.41 -32.98 20.62
N SER D 117 -19.40 -32.53 19.87
CA SER D 117 -18.02 -32.89 20.13
C SER D 117 -17.25 -31.68 20.62
N THR D 118 -16.29 -31.91 21.51
CA THR D 118 -15.33 -30.86 21.88
C THR D 118 -14.32 -30.63 20.75
N GLY D 119 -14.19 -31.61 19.86
CA GLY D 119 -13.30 -31.51 18.71
C GLY D 119 -12.52 -32.80 18.58
N GLY D 120 -12.20 -33.19 17.35
CA GLY D 120 -11.46 -34.40 17.10
C GLY D 120 -11.07 -34.40 15.64
N VAL D 121 -9.79 -34.66 15.37
CA VAL D 121 -9.28 -34.65 14.00
C VAL D 121 -9.92 -35.79 13.23
N GLY D 122 -10.59 -35.44 12.13
CA GLY D 122 -11.29 -36.41 11.28
C GLY D 122 -12.58 -36.94 11.86
N ASP D 123 -13.12 -36.26 12.86
CA ASP D 123 -14.39 -36.66 13.47
C ASP D 123 -15.56 -36.10 12.66
N LYS D 124 -16.19 -36.97 11.88
CA LYS D 124 -17.35 -36.58 11.07
C LYS D 124 -18.60 -37.34 11.51
N VAL D 125 -18.63 -37.73 12.79
CA VAL D 125 -19.77 -38.47 13.35
C VAL D 125 -21.10 -37.73 13.15
N SER D 126 -21.06 -36.40 13.28
CA SER D 126 -22.26 -35.54 13.24
C SER D 126 -22.93 -35.48 11.87
N LEU D 127 -22.13 -35.49 10.80
CA LEU D 127 -22.66 -35.60 9.43
C LEU D 127 -23.50 -36.87 9.21
N VAL D 128 -23.12 -37.93 9.91
CA VAL D 128 -23.79 -39.23 9.82
C VAL D 128 -24.90 -39.37 10.87
N LEU D 129 -24.62 -38.93 12.10
CA LEU D 129 -25.49 -39.20 13.24
C LEU D 129 -26.79 -38.40 13.23
N ALA D 130 -26.72 -37.15 12.76
CA ALA D 130 -27.90 -36.29 12.69
C ALA D 130 -29.00 -36.90 11.81
N PRO D 131 -28.68 -37.23 10.53
CA PRO D 131 -29.67 -37.92 9.71
C PRO D 131 -30.02 -39.35 10.16
N ALA D 132 -29.05 -40.04 10.77
CA ALA D 132 -29.30 -41.41 11.25
C ALA D 132 -30.32 -41.43 12.38
N LEU D 133 -30.21 -40.45 13.28
CA LEU D 133 -31.15 -40.30 14.39
C LEU D 133 -32.54 -39.89 13.91
N ALA D 134 -32.59 -39.00 12.90
CA ALA D 134 -33.85 -38.66 12.24
C ALA D 134 -34.55 -39.91 11.68
N ALA D 135 -33.76 -40.82 11.10
CA ALA D 135 -34.27 -42.08 10.57
C ALA D 135 -34.75 -43.04 11.67
N CYS D 136 -34.28 -42.82 12.89
CA CYS D 136 -34.73 -43.60 14.05
C CYS D 136 -35.90 -42.94 14.77
N GLY D 137 -36.52 -41.96 14.11
CA GLY D 137 -37.68 -41.26 14.66
C GLY D 137 -37.36 -40.20 15.69
N CYS D 138 -36.16 -39.62 15.61
CA CYS D 138 -35.76 -38.52 16.48
C CYS D 138 -35.76 -37.20 15.72
N LYS D 139 -35.70 -36.09 16.46
CA LYS D 139 -35.54 -34.77 15.88
C LYS D 139 -34.21 -34.20 16.34
N VAL D 140 -33.39 -33.76 15.39
CA VAL D 140 -32.06 -33.27 15.70
C VAL D 140 -31.90 -31.84 15.17
N PRO D 141 -32.15 -30.84 16.04
CA PRO D 141 -31.98 -29.43 15.72
C PRO D 141 -30.56 -28.94 15.99
N MET D 142 -29.59 -29.48 15.27
CA MET D 142 -28.18 -29.25 15.60
C MET D 142 -27.67 -27.86 15.23
N ILE D 143 -27.34 -27.07 16.26
CA ILE D 143 -26.54 -25.88 16.07
C ILE D 143 -25.08 -26.27 16.30
N SER D 144 -24.26 -26.11 15.27
CA SER D 144 -22.89 -26.60 15.29
C SER D 144 -21.90 -25.45 15.19
N GLY D 145 -20.70 -25.73 14.68
CA GLY D 145 -19.66 -24.71 14.62
C GLY D 145 -18.70 -24.89 13.46
N ARG D 146 -17.93 -23.84 13.20
CA ARG D 146 -16.90 -23.88 12.19
C ARG D 146 -15.62 -24.44 12.79
N GLY D 147 -14.52 -24.35 12.05
CA GLY D 147 -13.20 -24.77 12.55
C GLY D 147 -12.82 -24.04 13.81
N LEU D 148 -11.92 -24.64 14.59
CA LEU D 148 -11.48 -24.08 15.87
C LEU D 148 -10.07 -24.58 16.13
N GLY D 149 -9.09 -23.70 15.92
CA GLY D 149 -7.67 -24.06 16.07
C GLY D 149 -7.27 -25.00 14.95
N HIS D 150 -6.73 -26.16 15.30
CA HIS D 150 -6.35 -27.16 14.29
C HIS D 150 -7.40 -28.25 14.07
N THR D 151 -8.60 -28.07 14.62
CA THR D 151 -9.69 -29.02 14.45
C THR D 151 -10.78 -28.43 13.55
N GLY D 152 -11.24 -29.22 12.57
CA GLY D 152 -12.24 -28.78 11.62
C GLY D 152 -13.64 -28.82 12.20
N GLY D 153 -14.55 -28.04 11.63
CA GLY D 153 -15.90 -27.92 12.17
C GLY D 153 -16.93 -28.35 11.17
N THR D 154 -18.00 -28.97 11.65
CA THR D 154 -19.06 -29.53 10.83
C THR D 154 -19.60 -28.55 9.79
N LEU D 155 -19.74 -27.27 10.17
CA LEU D 155 -20.27 -26.25 9.28
C LEU D 155 -19.42 -26.00 8.05
N ASP D 156 -18.10 -26.04 8.23
CA ASP D 156 -17.15 -25.87 7.13
C ASP D 156 -17.14 -27.08 6.21
N LYS D 157 -17.34 -28.28 6.79
CA LYS D 157 -17.44 -29.52 6.01
C LYS D 157 -18.66 -29.49 5.10
N LEU D 158 -19.81 -29.11 5.65
CA LEU D 158 -21.07 -29.03 4.89
C LEU D 158 -21.01 -28.03 3.74
N GLU D 159 -20.24 -26.97 3.90
CA GLU D 159 -20.12 -25.92 2.87
C GLU D 159 -19.33 -26.33 1.63
N SER D 160 -18.71 -27.49 1.66
CA SER D 160 -18.13 -28.07 0.44
C SER D 160 -19.24 -28.54 -0.51
N ILE D 161 -20.44 -28.75 0.04
CA ILE D 161 -21.60 -29.08 -0.77
C ILE D 161 -22.19 -27.78 -1.32
N PRO D 162 -22.09 -27.57 -2.64
CA PRO D 162 -22.55 -26.36 -3.31
C PRO D 162 -24.00 -25.99 -2.96
N GLY D 163 -24.18 -24.78 -2.44
CA GLY D 163 -25.50 -24.27 -2.12
C GLY D 163 -26.00 -24.54 -0.72
N PHE D 164 -25.27 -25.33 0.07
CA PHE D 164 -25.70 -25.62 1.43
C PHE D 164 -25.59 -24.37 2.29
N ASN D 165 -26.73 -23.97 2.86
CA ASN D 165 -26.80 -22.77 3.69
C ASN D 165 -26.84 -23.12 5.18
N VAL D 166 -25.80 -22.71 5.91
CA VAL D 166 -25.68 -23.01 7.34
C VAL D 166 -26.49 -22.05 8.20
N ILE D 167 -26.96 -20.96 7.60
CA ILE D 167 -27.71 -19.94 8.33
C ILE D 167 -29.20 -20.09 8.05
N GLN D 168 -29.93 -20.38 9.11
CA GLN D 168 -31.32 -20.82 9.00
C GLN D 168 -32.06 -20.26 10.20
N SER D 169 -33.16 -19.55 9.94
CA SER D 169 -33.93 -18.91 11.01
C SER D 169 -34.66 -19.95 11.87
N PRO D 170 -35.01 -19.58 13.12
CA PRO D 170 -35.82 -20.43 14.00
C PRO D 170 -37.07 -21.05 13.34
N GLU D 171 -37.74 -20.28 12.50
CA GLU D 171 -38.92 -20.79 11.78
C GLU D 171 -38.56 -21.70 10.60
N GLN D 172 -37.44 -21.40 9.93
CA GLN D 172 -36.92 -22.28 8.88
C GLN D 172 -36.49 -23.62 9.46
N MET D 173 -35.93 -23.60 10.66
CA MET D 173 -35.52 -24.82 11.35
C MET D 173 -36.70 -25.75 11.68
N GLN D 174 -37.87 -25.15 11.90
CA GLN D 174 -39.12 -25.90 12.07
C GLN D 174 -39.42 -26.71 10.81
N VAL D 175 -39.28 -26.06 9.66
CA VAL D 175 -39.53 -26.67 8.36
C VAL D 175 -38.54 -27.81 8.09
N LEU D 176 -37.27 -27.59 8.39
CA LEU D 176 -36.23 -28.61 8.21
C LEU D 176 -36.50 -29.86 9.03
N LEU D 177 -36.81 -29.68 10.31
CA LEU D 177 -37.14 -30.78 11.23
C LEU D 177 -38.43 -31.49 10.81
N ASP D 178 -39.30 -30.75 10.13
CA ASP D 178 -40.54 -31.29 9.57
C ASP D 178 -40.25 -32.14 8.34
N GLN D 179 -39.31 -31.69 7.51
CA GLN D 179 -38.99 -32.35 6.24
C GLN D 179 -37.99 -33.51 6.37
N ALA D 180 -36.89 -33.28 7.08
CA ALA D 180 -35.83 -34.28 7.18
C ALA D 180 -35.71 -34.91 8.56
N GLY D 181 -36.32 -34.29 9.57
CA GLY D 181 -36.19 -34.73 10.96
C GLY D 181 -34.91 -34.23 11.62
N CYS D 182 -34.13 -33.47 10.84
CA CYS D 182 -32.84 -32.98 11.28
C CYS D 182 -32.44 -31.74 10.49
N CYS D 183 -31.45 -31.04 11.03
CA CYS D 183 -30.77 -29.94 10.35
C CYS D 183 -29.44 -29.69 11.05
N ILE D 184 -28.49 -29.11 10.32
CA ILE D 184 -27.24 -28.68 10.92
C ILE D 184 -27.02 -27.22 10.53
N VAL D 185 -27.07 -26.35 11.54
CA VAL D 185 -27.04 -24.91 11.33
C VAL D 185 -25.95 -24.27 12.16
N GLY D 186 -25.63 -23.01 11.84
CA GLY D 186 -24.62 -22.27 12.58
C GLY D 186 -25.22 -21.20 13.43
N GLN D 187 -24.42 -20.63 14.31
CA GLN D 187 -24.83 -19.47 15.08
C GLN D 187 -25.05 -18.27 14.15
N SER D 188 -26.03 -17.44 14.48
CA SER D 188 -26.43 -16.31 13.66
C SER D 188 -26.88 -15.18 14.58
N GLU D 189 -27.55 -14.17 14.03
CA GLU D 189 -28.05 -13.05 14.81
C GLU D 189 -29.23 -13.43 15.72
N GLN D 190 -29.95 -14.48 15.33
CA GLN D 190 -31.09 -14.95 16.11
C GLN D 190 -30.70 -16.09 17.06
N LEU D 191 -29.67 -16.85 16.68
CA LEU D 191 -29.25 -18.02 17.44
C LEU D 191 -27.89 -17.85 18.06
N VAL D 192 -27.85 -17.81 19.39
CA VAL D 192 -26.60 -17.68 20.16
C VAL D 192 -25.57 -16.77 19.47
N PRO D 193 -25.97 -15.51 19.12
CA PRO D 193 -25.02 -14.66 18.38
C PRO D 193 -23.71 -14.41 19.11
N ALA D 194 -23.77 -14.34 20.45
CA ALA D 194 -22.59 -14.08 21.27
C ALA D 194 -21.56 -15.21 21.18
N ASP D 195 -22.04 -16.46 21.05
CA ASP D 195 -21.13 -17.59 20.86
C ASP D 195 -20.45 -17.53 19.51
N GLY D 196 -21.22 -17.18 18.48
CA GLY D 196 -20.69 -17.03 17.13
C GLY D 196 -19.54 -16.05 17.06
N ILE D 197 -19.72 -14.87 17.64
CA ILE D 197 -18.67 -13.83 17.72
C ILE D 197 -17.42 -14.31 18.44
N LEU D 198 -17.61 -14.84 19.65
CA LEU D 198 -16.51 -15.31 20.51
C LEU D 198 -15.78 -16.53 19.94
N TYR D 199 -16.55 -17.48 19.42
CA TYR D 199 -16.06 -18.69 18.75
C TYR D 199 -15.12 -18.34 17.60
N ALA D 200 -15.57 -17.42 16.74
CA ALA D 200 -14.79 -16.96 15.59
C ALA D 200 -13.49 -16.29 16.02
N ALA D 201 -13.53 -15.58 17.13
CA ALA D 201 -12.34 -14.95 17.70
C ALA D 201 -11.45 -15.97 18.38
N ARG D 202 -12.04 -16.89 19.14
CA ARG D 202 -11.29 -17.92 19.86
C ARG D 202 -10.45 -18.77 18.90
N ASP D 203 -11.06 -19.16 17.77
CA ASP D 203 -10.39 -19.89 16.70
C ASP D 203 -8.97 -19.38 16.40
N VAL D 204 -8.81 -18.05 16.38
CA VAL D 204 -7.62 -17.40 15.82
C VAL D 204 -6.82 -16.56 16.81
N THR D 205 -7.13 -16.73 18.10
CA THR D 205 -6.43 -15.98 19.15
C THR D 205 -5.83 -16.85 20.25
N ALA D 206 -5.76 -18.16 20.02
CA ALA D 206 -5.20 -19.11 20.99
C ALA D 206 -5.96 -19.10 22.33
N THR D 207 -7.29 -19.05 22.23
CA THR D 207 -8.16 -19.05 23.41
C THR D 207 -9.25 -20.13 23.28
N VAL D 208 -8.98 -21.12 22.43
CA VAL D 208 -9.88 -22.26 22.27
C VAL D 208 -9.86 -23.18 23.48
N ASP D 209 -8.66 -23.46 24.01
CA ASP D 209 -8.48 -24.48 25.05
C ASP D 209 -8.71 -23.97 26.46
N SER D 210 -9.89 -23.40 26.67
CA SER D 210 -10.31 -22.87 27.94
C SER D 210 -11.54 -23.64 28.43
N LEU D 211 -11.41 -24.27 29.59
CA LEU D 211 -12.48 -25.05 30.23
C LEU D 211 -13.82 -24.28 30.31
N PRO D 212 -13.83 -23.07 30.94
CA PRO D 212 -15.06 -22.27 30.99
C PRO D 212 -15.59 -21.80 29.63
N LEU D 213 -14.69 -21.45 28.71
CA LEU D 213 -15.11 -21.01 27.38
C LEU D 213 -15.70 -22.16 26.56
N ILE D 214 -15.09 -23.34 26.63
CA ILE D 214 -15.64 -24.55 25.94
C ILE D 214 -17.01 -24.95 26.50
N THR D 215 -17.11 -25.02 27.82
CA THR D 215 -18.35 -25.39 28.51
C THR D 215 -19.50 -24.46 28.12
N ALA D 216 -19.26 -23.16 28.23
CA ALA D 216 -20.24 -22.13 27.88
C ALA D 216 -20.61 -22.18 26.40
N SER D 217 -19.61 -22.38 25.54
CA SER D 217 -19.84 -22.45 24.09
C SER D 217 -20.70 -23.63 23.67
N ILE D 218 -20.37 -24.81 24.19
CA ILE D 218 -21.12 -26.02 23.83
C ILE D 218 -22.54 -25.96 24.39
N LEU D 219 -22.63 -25.72 25.69
CA LEU D 219 -23.91 -25.76 26.41
C LEU D 219 -24.91 -24.68 26.02
N SER D 220 -24.42 -23.50 25.64
CA SER D 220 -25.32 -22.40 25.24
C SER D 220 -26.10 -22.77 23.98
N LYS D 221 -25.39 -23.34 23.00
CA LYS D 221 -26.04 -23.82 21.77
C LYS D 221 -27.06 -24.92 22.04
N LYS D 222 -26.73 -25.85 22.93
CA LYS D 222 -27.58 -27.00 23.17
C LYS D 222 -28.78 -26.65 24.03
N LEU D 223 -28.61 -25.64 24.88
CA LEU D 223 -29.66 -25.13 25.76
C LEU D 223 -30.82 -24.47 24.99
N VAL D 224 -30.48 -23.72 23.93
CA VAL D 224 -31.51 -23.03 23.13
C VAL D 224 -32.29 -23.98 22.21
N GLU D 225 -31.77 -25.18 21.97
CA GLU D 225 -32.43 -26.15 21.10
C GLU D 225 -33.63 -26.84 21.73
N GLY D 226 -33.77 -26.74 23.05
CA GLY D 226 -34.87 -27.37 23.78
C GLY D 226 -34.89 -28.88 23.68
N LEU D 227 -33.79 -29.51 24.08
CA LEU D 227 -33.59 -30.95 23.92
C LEU D 227 -34.11 -31.76 25.11
N SER D 228 -34.49 -33.01 24.85
CA SER D 228 -34.80 -33.96 25.93
C SER D 228 -33.54 -34.69 26.41
N ALA D 229 -32.52 -34.76 25.56
CA ALA D 229 -31.26 -35.42 25.88
C ALA D 229 -30.08 -34.91 25.06
N LEU D 230 -28.92 -34.81 25.69
CA LEU D 230 -27.70 -34.41 25.01
C LEU D 230 -26.56 -35.35 25.33
N VAL D 231 -25.81 -35.73 24.29
CA VAL D 231 -24.55 -36.43 24.50
C VAL D 231 -23.43 -35.56 23.99
N VAL D 232 -22.43 -35.36 24.83
CA VAL D 232 -21.24 -34.66 24.41
C VAL D 232 -20.05 -35.62 24.37
N ASP D 233 -19.43 -35.70 23.20
CA ASP D 233 -18.26 -36.53 22.97
C ASP D 233 -16.99 -35.72 23.25
N VAL D 234 -16.33 -36.04 24.36
CA VAL D 234 -15.07 -35.41 24.78
C VAL D 234 -13.95 -36.42 24.55
N LYS D 235 -12.93 -36.06 23.77
CA LYS D 235 -11.83 -37.02 23.59
C LYS D 235 -10.49 -36.61 24.21
N PHE D 236 -9.80 -37.58 24.81
CA PHE D 236 -8.40 -37.39 25.19
C PHE D 236 -7.53 -38.14 24.20
N GLY D 237 -6.25 -37.78 24.13
CA GLY D 237 -5.35 -38.30 23.10
C GLY D 237 -5.03 -37.25 22.04
N ALA D 238 -4.14 -37.60 21.13
CA ALA D 238 -3.58 -36.65 20.15
C ALA D 238 -4.63 -35.86 19.37
N GLY D 239 -5.79 -36.47 19.11
CA GLY D 239 -6.88 -35.81 18.40
C GLY D 239 -7.91 -35.15 19.29
N ALA D 240 -7.45 -34.36 20.26
CA ALA D 240 -8.32 -33.66 21.19
C ALA D 240 -7.88 -32.21 21.32
N VAL D 241 -8.73 -31.39 21.94
CA VAL D 241 -8.34 -30.02 22.31
C VAL D 241 -7.55 -30.06 23.62
N PHE D 242 -7.74 -31.18 24.33
CA PHE D 242 -6.98 -31.53 25.52
C PHE D 242 -6.59 -33.01 25.42
N PRO D 243 -5.41 -33.30 24.82
CA PRO D 243 -4.89 -34.69 24.74
C PRO D 243 -4.66 -35.40 26.08
N ASN D 244 -4.61 -34.63 27.16
CA ASN D 244 -4.49 -35.20 28.52
C ASN D 244 -5.81 -35.78 29.02
N GLN D 245 -5.75 -36.96 29.64
CA GLN D 245 -6.95 -37.64 30.13
C GLN D 245 -7.65 -36.89 31.27
N GLU D 246 -6.88 -36.19 32.09
CA GLU D 246 -7.45 -35.47 33.22
C GLU D 246 -8.09 -34.14 32.79
N GLN D 247 -7.44 -33.43 31.86
CA GLN D 247 -8.03 -32.23 31.27
C GLN D 247 -9.26 -32.56 30.42
N ALA D 248 -9.52 -33.85 30.18
CA ALA D 248 -10.74 -34.24 29.46
C ALA D 248 -11.83 -34.72 30.40
N ARG D 249 -11.48 -35.54 31.38
CA ARG D 249 -12.48 -36.02 32.35
C ARG D 249 -13.11 -34.86 33.12
N GLU D 250 -12.28 -33.90 33.54
CA GLU D 250 -12.75 -32.71 34.26
C GLU D 250 -13.71 -31.85 33.40
N LEU D 251 -13.39 -31.74 32.11
CA LEU D 251 -14.28 -31.07 31.16
C LEU D 251 -15.61 -31.80 30.97
N ALA D 252 -15.55 -33.12 30.89
CA ALA D 252 -16.74 -33.94 30.77
C ALA D 252 -17.65 -33.78 31.98
N LYS D 253 -17.07 -33.80 33.17
CA LYS D 253 -17.82 -33.66 34.42
C LYS D 253 -18.41 -32.26 34.59
N THR D 254 -17.68 -31.25 34.13
CA THR D 254 -18.15 -29.87 34.13
C THR D 254 -19.34 -29.68 33.19
N LEU D 255 -19.27 -30.25 31.98
CA LEU D 255 -20.33 -30.16 30.99
C LEU D 255 -21.62 -30.79 31.49
N VAL D 256 -21.49 -31.93 32.16
CA VAL D 256 -22.61 -32.68 32.71
C VAL D 256 -23.19 -31.99 33.95
N GLY D 257 -22.30 -31.49 34.81
CA GLY D 257 -22.69 -30.83 36.05
C GLY D 257 -23.38 -29.50 35.84
N VAL D 258 -22.78 -28.64 35.02
CA VAL D 258 -23.37 -27.36 34.66
C VAL D 258 -24.65 -27.58 33.84
N GLY D 259 -24.59 -28.50 32.87
CA GLY D 259 -25.75 -28.89 32.06
C GLY D 259 -26.97 -29.23 32.91
N ALA D 260 -26.79 -30.16 33.85
CA ALA D 260 -27.84 -30.60 34.76
C ALA D 260 -28.41 -29.46 35.63
N SER D 261 -27.51 -28.61 36.13
CA SER D 261 -27.89 -27.45 36.95
C SER D 261 -28.70 -26.43 36.15
N LEU D 262 -28.56 -26.47 34.83
CA LEU D 262 -29.29 -25.58 33.92
C LEU D 262 -30.52 -26.24 33.28
N GLY D 263 -30.88 -27.42 33.78
CA GLY D 263 -32.09 -28.10 33.39
C GLY D 263 -32.00 -29.06 32.21
N LEU D 264 -30.77 -29.41 31.81
CA LEU D 264 -30.57 -30.26 30.63
C LEU D 264 -30.06 -31.65 31.00
N ARG D 265 -30.66 -32.67 30.39
CA ARG D 265 -30.22 -34.06 30.55
C ARG D 265 -29.01 -34.34 29.66
N VAL D 266 -27.83 -34.32 30.28
CA VAL D 266 -26.56 -34.46 29.56
C VAL D 266 -25.77 -35.69 29.98
N ALA D 267 -25.20 -36.38 29.00
CA ALA D 267 -24.17 -37.37 29.27
C ALA D 267 -22.92 -37.04 28.44
N ALA D 268 -21.75 -37.36 28.97
CA ALA D 268 -20.52 -37.22 28.21
C ALA D 268 -19.93 -38.58 27.86
N ALA D 269 -19.32 -38.66 26.69
CA ALA D 269 -18.51 -39.81 26.32
C ALA D 269 -17.05 -39.40 26.23
N LEU D 270 -16.22 -40.04 27.05
CA LEU D 270 -14.78 -39.90 26.99
C LEU D 270 -14.22 -40.99 26.09
N THR D 271 -13.80 -40.61 24.89
CA THR D 271 -13.21 -41.53 23.96
C THR D 271 -11.75 -41.18 23.74
N ALA D 272 -10.86 -42.13 24.07
CA ALA D 272 -9.43 -42.01 23.80
C ALA D 272 -9.22 -42.04 22.29
N MET D 273 -8.61 -41.00 21.74
CA MET D 273 -8.35 -41.00 20.31
C MET D 273 -7.00 -40.45 19.87
N ASP D 274 -6.05 -41.38 19.78
CA ASP D 274 -4.80 -41.21 19.08
C ASP D 274 -5.02 -41.89 17.73
N LYS D 275 -5.46 -41.09 16.76
CA LYS D 275 -5.75 -41.52 15.38
C LYS D 275 -6.93 -40.74 14.79
N PRO D 276 -6.72 -40.04 13.65
CA PRO D 276 -7.80 -39.36 12.96
C PRO D 276 -8.91 -40.34 12.65
N LEU D 277 -10.10 -40.08 13.19
CA LEU D 277 -11.24 -40.98 12.99
C LEU D 277 -11.46 -41.24 11.51
N GLY D 278 -11.54 -42.51 11.14
CA GLY D 278 -11.65 -42.90 9.75
C GLY D 278 -10.36 -42.70 8.98
N ARG D 279 -10.48 -42.40 7.70
CA ARG D 279 -9.32 -42.27 6.83
C ARG D 279 -9.16 -40.86 6.26
N CYS D 280 -10.24 -40.08 6.29
CA CYS D 280 -10.27 -38.79 5.65
C CYS D 280 -10.22 -37.65 6.66
N VAL D 281 -9.32 -36.70 6.42
CA VAL D 281 -9.27 -35.48 7.20
C VAL D 281 -9.38 -34.33 6.21
N GLY D 282 -10.22 -33.35 6.52
CA GLY D 282 -10.48 -32.21 5.65
C GLY D 282 -11.95 -31.82 5.65
N HIS D 283 -12.50 -31.55 4.46
CA HIS D 283 -13.86 -31.04 4.38
C HIS D 283 -14.68 -31.79 3.33
N ALA D 284 -14.39 -31.57 2.06
CA ALA D 284 -15.01 -32.36 1.00
C ALA D 284 -14.76 -33.85 1.24
N LEU D 285 -13.53 -34.18 1.63
CA LEU D 285 -13.11 -35.55 1.90
C LEU D 285 -13.91 -36.22 3.02
N GLU D 286 -14.20 -35.44 4.08
CA GLU D 286 -14.97 -35.95 5.21
C GLU D 286 -16.47 -36.15 4.91
N VAL D 287 -17.03 -35.29 4.06
CA VAL D 287 -18.39 -35.47 3.55
C VAL D 287 -18.46 -36.79 2.79
N GLU D 288 -17.46 -37.02 1.94
CA GLU D 288 -17.35 -38.23 1.13
C GLU D 288 -17.32 -39.50 1.99
N GLU D 289 -16.49 -39.50 3.05
CA GLU D 289 -16.40 -40.62 3.98
C GLU D 289 -17.69 -40.79 4.80
N ALA D 290 -18.33 -39.68 5.16
CA ALA D 290 -19.60 -39.71 5.88
C ALA D 290 -20.66 -40.41 5.04
N LEU D 291 -20.69 -40.08 3.75
CA LEU D 291 -21.58 -40.72 2.77
C LEU D 291 -21.33 -42.22 2.61
N LEU D 292 -20.06 -42.63 2.75
CA LEU D 292 -19.67 -44.04 2.76
C LEU D 292 -20.31 -44.80 3.92
N CYS D 293 -20.29 -44.17 5.09
CA CYS D 293 -20.84 -44.73 6.31
C CYS D 293 -22.36 -44.89 6.20
N MET D 294 -23.00 -43.92 5.57
CA MET D 294 -24.45 -43.96 5.32
C MET D 294 -24.81 -44.93 4.19
N ASP D 295 -23.80 -45.37 3.43
CA ASP D 295 -23.93 -46.46 2.45
C ASP D 295 -23.95 -47.85 3.11
N GLY D 296 -23.74 -47.88 4.43
CA GLY D 296 -23.55 -49.14 5.15
C GLY D 296 -22.11 -49.62 5.13
N ALA D 297 -21.21 -48.76 4.68
CA ALA D 297 -19.80 -49.12 4.51
C ALA D 297 -18.89 -48.20 5.32
N GLY D 298 -17.76 -47.82 4.73
CA GLY D 298 -16.79 -46.95 5.40
C GLY D 298 -15.97 -47.69 6.45
N PRO D 299 -15.08 -46.97 7.14
CA PRO D 299 -14.21 -47.60 8.14
C PRO D 299 -14.95 -47.98 9.44
N PRO D 300 -14.52 -49.08 10.10
CA PRO D 300 -15.17 -49.58 11.31
C PRO D 300 -15.19 -48.60 12.48
N ASP D 301 -14.10 -47.88 12.71
CA ASP D 301 -14.00 -46.94 13.82
C ASP D 301 -15.04 -45.82 13.73
N LEU D 302 -15.24 -45.29 12.52
CA LEU D 302 -16.27 -44.28 12.28
C LEU D 302 -17.67 -44.82 12.58
N ARG D 303 -17.99 -46.01 12.07
CA ARG D 303 -19.29 -46.65 12.30
C ARG D 303 -19.48 -46.96 13.77
N ASP D 304 -18.42 -47.46 14.39
CA ASP D 304 -18.45 -47.83 15.80
C ASP D 304 -18.81 -46.65 16.67
N LEU D 305 -18.24 -45.49 16.35
CA LEU D 305 -18.49 -44.27 17.12
C LEU D 305 -19.89 -43.71 16.87
N VAL D 306 -20.32 -43.70 15.62
CA VAL D 306 -21.69 -43.30 15.27
C VAL D 306 -22.74 -44.13 16.03
N THR D 307 -22.60 -45.46 15.99
CA THR D 307 -23.52 -46.37 16.66
C THR D 307 -23.44 -46.31 18.18
N THR D 308 -22.22 -46.21 18.70
CA THR D 308 -21.98 -46.07 20.14
C THR D 308 -22.62 -44.79 20.69
N LEU D 309 -22.33 -43.65 20.06
CA LEU D 309 -22.85 -42.36 20.50
C LEU D 309 -24.34 -42.19 20.22
N GLY D 310 -24.80 -42.75 19.10
CA GLY D 310 -26.23 -42.72 18.76
C GLY D 310 -27.05 -43.52 19.75
N GLY D 311 -26.57 -44.73 20.06
CA GLY D 311 -27.24 -45.64 20.99
C GLY D 311 -27.26 -45.13 22.42
N ALA D 312 -26.17 -44.52 22.83
CA ALA D 312 -26.08 -43.82 24.12
C ALA D 312 -27.20 -42.79 24.22
N LEU D 313 -27.41 -42.06 23.12
CA LEU D 313 -28.38 -40.98 23.06
C LEU D 313 -29.81 -41.51 23.11
N LEU D 314 -30.10 -42.52 22.28
CA LEU D 314 -31.40 -43.16 22.26
C LEU D 314 -31.75 -43.76 23.63
N TRP D 315 -30.75 -44.34 24.30
CA TRP D 315 -30.93 -44.85 25.66
C TRP D 315 -31.23 -43.71 26.64
N LEU D 316 -30.43 -42.64 26.55
CA LEU D 316 -30.51 -41.48 27.42
C LEU D 316 -31.87 -40.78 27.32
N SER D 317 -32.41 -40.69 26.10
CA SER D 317 -33.70 -40.05 25.87
C SER D 317 -34.90 -40.96 26.12
N GLY D 318 -34.63 -42.23 26.40
CA GLY D 318 -35.69 -43.22 26.69
C GLY D 318 -36.30 -43.88 25.46
N HIS D 319 -35.62 -43.78 24.32
CA HIS D 319 -36.10 -44.40 23.08
C HIS D 319 -35.55 -45.81 22.87
N ALA D 320 -34.53 -46.18 23.63
CA ALA D 320 -34.00 -47.54 23.64
C ALA D 320 -33.84 -48.04 25.07
N GLY D 321 -34.06 -49.34 25.27
CA GLY D 321 -33.95 -49.95 26.59
C GLY D 321 -32.54 -49.96 27.15
N THR D 322 -31.57 -50.21 26.28
CA THR D 322 -30.15 -50.19 26.62
C THR D 322 -29.38 -49.45 25.53
N GLN D 323 -28.12 -49.10 25.81
CA GLN D 323 -27.25 -48.49 24.81
C GLN D 323 -27.03 -49.44 23.62
N ALA D 324 -26.88 -50.72 23.91
CA ALA D 324 -26.66 -51.74 22.88
C ALA D 324 -27.87 -51.93 21.95
N GLN D 325 -29.08 -51.82 22.49
CA GLN D 325 -30.30 -51.81 21.67
C GLN D 325 -30.36 -50.60 20.76
N GLY D 326 -29.99 -49.43 21.29
CA GLY D 326 -29.94 -48.19 20.53
C GLY D 326 -28.91 -48.23 19.41
N ALA D 327 -27.73 -48.78 19.72
CA ALA D 327 -26.64 -48.88 18.75
C ALA D 327 -27.00 -49.73 17.55
N ALA D 328 -27.74 -50.82 17.81
CA ALA D 328 -28.26 -51.71 16.76
C ALA D 328 -29.31 -51.02 15.91
N ARG D 329 -30.08 -50.14 16.56
CA ARG D 329 -31.10 -49.34 15.90
C ARG D 329 -30.44 -48.34 14.94
N VAL D 330 -29.39 -47.67 15.40
CA VAL D 330 -28.63 -46.72 14.56
C VAL D 330 -27.94 -47.46 13.41
N ALA D 331 -27.32 -48.61 13.71
CA ALA D 331 -26.67 -49.44 12.70
C ALA D 331 -27.63 -49.86 11.58
N ALA D 332 -28.85 -50.22 11.95
CA ALA D 332 -29.88 -50.57 10.99
C ALA D 332 -30.21 -49.42 10.03
N ALA D 333 -30.24 -48.20 10.56
CA ALA D 333 -30.48 -47.00 9.76
C ALA D 333 -29.35 -46.70 8.78
N LEU D 334 -28.14 -47.11 9.12
CA LEU D 334 -26.99 -47.00 8.22
C LEU D 334 -27.06 -48.04 7.11
N ASP D 335 -27.70 -49.17 7.41
CA ASP D 335 -27.72 -50.33 6.51
C ASP D 335 -28.87 -50.36 5.50
N ASP D 336 -29.99 -49.72 5.81
CA ASP D 336 -31.17 -49.77 4.93
C ASP D 336 -31.39 -48.53 4.06
N GLY D 337 -30.45 -47.61 4.10
CA GLY D 337 -30.49 -46.41 3.25
C GLY D 337 -31.28 -45.24 3.82
N SER D 338 -31.85 -45.42 5.01
CA SER D 338 -32.75 -44.42 5.57
C SER D 338 -32.02 -43.20 6.14
N ALA D 339 -30.86 -43.42 6.75
CA ALA D 339 -30.00 -42.34 7.19
C ALA D 339 -29.55 -41.50 5.99
N LEU D 340 -29.14 -42.18 4.93
CA LEU D 340 -28.76 -41.53 3.68
C LEU D 340 -29.92 -40.73 3.08
N GLY D 341 -31.12 -41.33 3.12
CA GLY D 341 -32.34 -40.68 2.67
C GLY D 341 -32.63 -39.39 3.42
N ARG D 342 -32.48 -39.43 4.76
CA ARG D 342 -32.73 -38.27 5.60
C ARG D 342 -31.69 -37.17 5.34
N PHE D 343 -30.46 -37.58 5.09
CA PHE D 343 -29.37 -36.67 4.78
C PHE D 343 -29.65 -35.91 3.48
N GLU D 344 -30.10 -36.63 2.46
CA GLU D 344 -30.51 -36.03 1.19
C GLU D 344 -31.63 -35.00 1.33
N ARG D 345 -32.60 -35.29 2.20
CA ARG D 345 -33.69 -34.37 2.50
C ARG D 345 -33.18 -33.09 3.18
N MET D 346 -32.25 -33.27 4.12
CA MET D 346 -31.62 -32.16 4.86
C MET D 346 -30.82 -31.24 3.95
N LEU D 347 -30.09 -31.82 3.01
CA LEU D 347 -29.27 -31.06 2.06
C LEU D 347 -30.16 -30.17 1.19
N ALA D 348 -31.20 -30.76 0.63
CA ALA D 348 -32.12 -30.07 -0.26
C ALA D 348 -32.92 -28.99 0.46
N ALA D 349 -33.29 -29.27 1.70
CA ALA D 349 -34.05 -28.33 2.52
C ALA D 349 -33.21 -27.11 2.92
N GLN D 350 -31.89 -27.29 2.99
CA GLN D 350 -30.99 -26.20 3.40
C GLN D 350 -30.26 -25.49 2.26
N GLY D 351 -30.76 -25.65 1.04
CA GLY D 351 -30.25 -24.87 -0.10
C GLY D 351 -29.65 -25.65 -1.25
N VAL D 352 -29.24 -26.89 -1.00
CA VAL D 352 -28.64 -27.71 -2.03
C VAL D 352 -29.67 -28.03 -3.11
N ASP D 353 -29.28 -27.79 -4.36
CA ASP D 353 -30.11 -28.12 -5.50
C ASP D 353 -30.53 -29.60 -5.42
N PRO D 354 -31.86 -29.86 -5.49
CA PRO D 354 -32.43 -31.21 -5.39
C PRO D 354 -31.75 -32.24 -6.29
N GLY D 355 -31.46 -31.85 -7.54
CA GLY D 355 -30.75 -32.70 -8.48
C GLY D 355 -29.33 -33.07 -8.05
N LEU D 356 -28.63 -32.10 -7.46
CA LEU D 356 -27.28 -32.32 -6.92
C LEU D 356 -27.31 -33.16 -5.63
N ALA D 357 -28.23 -32.85 -4.72
CA ALA D 357 -28.40 -33.61 -3.48
C ALA D 357 -28.64 -35.10 -3.77
N ARG D 358 -29.56 -35.38 -4.70
CA ARG D 358 -29.86 -36.75 -5.13
C ARG D 358 -28.67 -37.41 -5.84
N ALA D 359 -27.99 -36.65 -6.72
CA ALA D 359 -26.82 -37.15 -7.45
C ALA D 359 -25.66 -37.46 -6.51
N LEU D 360 -25.56 -36.69 -5.43
CA LEU D 360 -24.51 -36.86 -4.44
C LEU D 360 -24.76 -38.08 -3.54
N CYS D 361 -26.01 -38.23 -3.10
CA CYS D 361 -26.37 -39.28 -2.15
C CYS D 361 -26.48 -40.66 -2.78
N SER D 362 -27.04 -40.73 -3.98
CA SER D 362 -27.20 -42.00 -4.69
C SER D 362 -25.98 -42.34 -5.55
N GLY D 363 -25.06 -41.39 -5.68
CA GLY D 363 -23.88 -41.57 -6.51
C GLY D 363 -22.80 -42.47 -5.92
N SER D 364 -21.93 -42.96 -6.79
CA SER D 364 -20.78 -43.77 -6.41
C SER D 364 -19.72 -42.88 -5.78
N PRO D 365 -18.77 -43.46 -5.01
CA PRO D 365 -17.66 -42.66 -4.49
C PRO D 365 -16.99 -41.76 -5.54
N ALA D 366 -16.75 -42.29 -6.74
CA ALA D 366 -16.12 -41.55 -7.83
C ALA D 366 -16.96 -40.38 -8.35
N GLU D 367 -18.28 -40.57 -8.39
CA GLU D 367 -19.21 -39.51 -8.80
C GLU D 367 -19.28 -38.38 -7.75
N ARG D 368 -19.26 -38.76 -6.47
CA ARG D 368 -19.25 -37.81 -5.36
C ARG D 368 -18.00 -36.91 -5.39
N ARG D 369 -16.83 -37.50 -5.63
CA ARG D 369 -15.58 -36.73 -5.76
C ARG D 369 -15.70 -35.66 -6.85
N GLN D 370 -16.39 -36.00 -7.92
CA GLN D 370 -16.61 -35.10 -9.05
C GLN D 370 -17.48 -33.89 -8.70
N LEU D 371 -18.45 -34.10 -7.82
CA LEU D 371 -19.43 -33.08 -7.48
C LEU D 371 -18.96 -32.14 -6.38
N LEU D 372 -17.99 -32.59 -5.59
CA LEU D 372 -17.46 -31.81 -4.49
C LEU D 372 -16.08 -31.24 -4.85
N PRO D 373 -15.68 -30.13 -4.21
CA PRO D 373 -14.38 -29.53 -4.49
C PRO D 373 -13.21 -30.51 -4.38
N ARG D 374 -12.30 -30.43 -5.34
CA ARG D 374 -11.09 -31.25 -5.37
C ARG D 374 -9.87 -30.35 -5.37
N ALA D 375 -8.87 -30.68 -4.57
CA ALA D 375 -7.58 -29.98 -4.63
C ALA D 375 -6.92 -30.25 -5.97
N ARG D 376 -6.18 -29.27 -6.48
CA ARG D 376 -5.58 -29.37 -7.81
C ARG D 376 -4.55 -30.47 -7.90
N GLU D 377 -3.87 -30.72 -6.79
CA GLU D 377 -2.71 -31.61 -6.76
C GLU D 377 -2.82 -32.68 -5.68
N GLN D 378 -2.16 -33.80 -5.94
CA GLN D 378 -2.10 -34.91 -4.99
C GLN D 378 -0.68 -35.42 -4.90
N GLU D 379 -0.26 -35.75 -3.70
CA GLU D 379 0.97 -36.51 -3.52
C GLU D 379 0.84 -37.54 -2.42
N GLU D 380 1.51 -38.66 -2.61
CA GLU D 380 1.49 -39.75 -1.65
C GLU D 380 2.81 -39.82 -0.92
N LEU D 381 2.74 -40.05 0.39
CA LEU D 381 3.92 -40.31 1.20
C LEU D 381 4.05 -41.82 1.36
N LEU D 382 5.27 -42.31 1.20
CA LEU D 382 5.53 -43.75 1.19
C LEU D 382 6.17 -44.20 2.51
N ALA D 383 5.94 -45.45 2.89
CA ALA D 383 6.50 -46.02 4.10
C ALA D 383 8.03 -46.11 4.00
N PRO D 384 8.75 -45.55 4.98
CA PRO D 384 10.22 -45.54 4.96
C PRO D 384 10.85 -46.92 5.21
N ALA D 385 10.11 -47.83 5.84
CA ALA D 385 10.60 -49.19 6.11
C ALA D 385 9.47 -50.19 6.28
N ASP D 386 9.85 -51.46 6.45
CA ASP D 386 8.95 -52.49 6.93
C ASP D 386 8.48 -52.16 8.33
N GLY D 387 7.23 -52.52 8.63
CA GLY D 387 6.71 -52.34 9.96
C GLY D 387 5.21 -52.53 10.06
N THR D 388 4.74 -52.72 11.29
CA THR D 388 3.33 -52.70 11.61
C THR D 388 3.00 -51.26 12.01
N VAL D 389 1.94 -50.71 11.43
CA VAL D 389 1.47 -49.39 11.82
C VAL D 389 0.99 -49.46 13.27
N GLU D 390 1.75 -48.82 14.17
CA GLU D 390 1.35 -48.72 15.57
C GLU D 390 0.35 -47.60 15.78
N LEU D 391 0.52 -46.53 15.00
CA LEU D 391 -0.19 -45.28 15.23
C LEU D 391 0.03 -44.31 14.07
N VAL D 392 -1.00 -43.53 13.78
CA VAL D 392 -0.89 -42.37 12.89
C VAL D 392 -1.26 -41.16 13.72
N ARG D 393 -0.26 -40.36 14.08
CA ARG D 393 -0.44 -39.22 14.98
C ARG D 393 -1.30 -38.13 14.34
N ALA D 394 -2.42 -37.82 14.99
CA ALA D 394 -3.42 -36.89 14.47
C ALA D 394 -2.95 -35.43 14.44
N LEU D 395 -2.23 -35.01 15.49
CA LEU D 395 -1.81 -33.62 15.64
C LEU D 395 -0.93 -33.07 14.51
N PRO D 396 0.18 -33.77 14.16
CA PRO D 396 1.01 -33.26 13.06
C PRO D 396 0.25 -33.17 11.74
N LEU D 397 -0.73 -34.04 11.54
CA LEU D 397 -1.56 -34.06 10.35
C LEU D 397 -2.46 -32.82 10.34
N ALA D 398 -3.13 -32.57 11.47
CA ALA D 398 -4.00 -31.42 11.63
C ALA D 398 -3.26 -30.09 11.39
N LEU D 399 -2.06 -29.96 11.96
CA LEU D 399 -1.27 -28.74 11.84
C LEU D 399 -0.81 -28.43 10.42
N VAL D 400 -0.42 -29.46 9.68
CA VAL D 400 0.02 -29.31 8.28
C VAL D 400 -1.18 -28.97 7.37
N LEU D 401 -2.30 -29.67 7.53
CA LEU D 401 -3.50 -29.41 6.73
C LEU D 401 -4.06 -28.00 6.98
N HIS D 402 -4.00 -27.56 8.24
CA HIS D 402 -4.37 -26.21 8.61
C HIS D 402 -3.60 -25.17 7.77
N GLU D 403 -2.28 -25.34 7.68
CA GLU D 403 -1.40 -24.46 6.91
C GLU D 403 -1.66 -24.48 5.40
N LEU D 404 -2.21 -25.60 4.90
CA LEU D 404 -2.45 -25.76 3.47
C LEU D 404 -3.80 -25.18 3.01
N GLY D 405 -4.57 -24.65 3.95
CA GLY D 405 -5.86 -24.04 3.61
C GLY D 405 -7.09 -24.67 4.23
N ALA D 406 -6.89 -25.75 4.99
CA ALA D 406 -7.99 -26.40 5.72
C ALA D 406 -8.32 -25.71 7.06
N GLY D 407 -7.53 -24.70 7.42
CA GLY D 407 -7.73 -23.95 8.68
C GLY D 407 -7.58 -22.45 8.49
N ARG D 408 -7.82 -21.70 9.56
CA ARG D 408 -7.84 -20.23 9.46
C ARG D 408 -6.77 -19.58 10.32
N SER D 409 -6.13 -18.57 9.75
CA SER D 409 -5.19 -17.72 10.51
C SER D 409 -5.88 -16.42 10.94
N ARG D 410 -7.08 -16.19 10.42
CA ARG D 410 -7.88 -15.03 10.79
C ARG D 410 -9.36 -15.31 10.54
N ALA D 411 -10.21 -14.65 11.32
CA ALA D 411 -11.65 -14.92 11.28
C ALA D 411 -12.24 -14.51 9.95
N GLY D 412 -13.21 -15.30 9.48
CA GLY D 412 -13.91 -15.01 8.24
C GLY D 412 -13.12 -15.34 7.00
N GLU D 413 -11.93 -15.90 7.19
CA GLU D 413 -11.08 -16.33 6.09
C GLU D 413 -11.68 -17.57 5.42
N PRO D 414 -11.84 -17.54 4.09
CA PRO D 414 -12.35 -18.71 3.37
C PRO D 414 -11.36 -19.87 3.43
N LEU D 415 -11.91 -21.09 3.40
CA LEU D 415 -11.09 -22.30 3.44
C LEU D 415 -10.94 -22.91 2.06
N ARG D 416 -9.87 -23.68 1.87
CA ARG D 416 -9.75 -24.53 0.69
C ARG D 416 -10.32 -25.89 1.03
N LEU D 417 -11.56 -26.09 0.62
CA LEU D 417 -12.38 -27.22 1.05
C LEU D 417 -12.00 -28.56 0.40
N GLY D 418 -11.22 -28.50 -0.67
CA GLY D 418 -10.71 -29.71 -1.33
C GLY D 418 -9.44 -30.24 -0.67
N VAL D 419 -8.76 -29.37 0.06
CA VAL D 419 -7.54 -29.73 0.77
C VAL D 419 -7.81 -30.70 1.93
N GLY D 420 -6.88 -31.63 2.13
CA GLY D 420 -7.01 -32.65 3.16
C GLY D 420 -6.06 -33.81 2.91
N ALA D 421 -6.28 -34.90 3.64
CA ALA D 421 -5.45 -36.09 3.51
C ALA D 421 -6.27 -37.35 3.69
N GLU D 422 -5.85 -38.41 3.01
CA GLU D 422 -6.46 -39.73 3.15
C GLU D 422 -5.43 -40.71 3.69
N LEU D 423 -5.77 -41.38 4.80
CA LEU D 423 -4.97 -42.51 5.28
C LEU D 423 -5.23 -43.69 4.37
N LEU D 424 -4.16 -44.26 3.83
CA LEU D 424 -4.24 -45.37 2.89
C LEU D 424 -3.95 -46.71 3.58
N VAL D 425 -3.63 -46.64 4.87
CA VAL D 425 -3.36 -47.83 5.68
C VAL D 425 -4.15 -47.82 6.99
N ASP D 426 -4.32 -49.00 7.58
CA ASP D 426 -4.96 -49.15 8.88
C ASP D 426 -3.90 -49.19 9.97
N VAL D 427 -4.28 -48.80 11.19
CA VAL D 427 -3.46 -49.06 12.36
C VAL D 427 -3.53 -50.57 12.62
N GLY D 428 -2.36 -51.18 12.82
CA GLY D 428 -2.28 -52.64 13.05
C GLY D 428 -1.92 -53.42 11.80
N GLN D 429 -1.85 -52.71 10.67
CA GLN D 429 -1.55 -53.30 9.38
C GLN D 429 -0.04 -53.38 9.16
N ARG D 430 0.43 -54.54 8.67
CA ARG D 430 1.81 -54.72 8.30
C ARG D 430 2.02 -54.17 6.89
N LEU D 431 3.01 -53.30 6.72
CA LEU D 431 3.29 -52.73 5.40
C LEU D 431 4.75 -52.76 4.97
N ARG D 432 4.95 -52.83 3.66
CA ARG D 432 6.26 -52.90 3.05
C ARG D 432 6.77 -51.48 2.80
N ARG D 433 8.09 -51.31 2.68
CA ARG D 433 8.65 -50.00 2.38
C ARG D 433 8.30 -49.57 0.96
N GLY D 434 8.04 -48.27 0.79
CA GLY D 434 7.64 -47.71 -0.50
C GLY D 434 6.16 -47.82 -0.78
N THR D 435 5.40 -48.39 0.15
CA THR D 435 3.95 -48.48 0.00
C THR D 435 3.31 -47.19 0.50
N PRO D 436 2.41 -46.59 -0.32
CA PRO D 436 1.79 -45.33 0.05
C PRO D 436 0.92 -45.48 1.29
N TRP D 437 1.12 -44.59 2.27
CA TRP D 437 0.37 -44.63 3.52
C TRP D 437 -0.51 -43.39 3.73
N LEU D 438 -0.17 -42.31 3.02
CA LEU D 438 -0.92 -41.06 3.10
C LEU D 438 -0.97 -40.35 1.76
N ARG D 439 -2.18 -39.96 1.35
CA ARG D 439 -2.38 -39.14 0.15
C ARG D 439 -2.81 -37.74 0.58
N VAL D 440 -1.99 -36.74 0.21
CA VAL D 440 -2.25 -35.35 0.57
C VAL D 440 -2.84 -34.62 -0.63
N HIS D 441 -3.96 -33.94 -0.41
CA HIS D 441 -4.60 -33.13 -1.45
C HIS D 441 -4.28 -31.67 -1.16
N ARG D 442 -3.56 -31.04 -2.08
CA ARG D 442 -3.06 -29.67 -1.89
C ARG D 442 -3.18 -28.80 -3.15
N ASP D 443 -2.99 -27.49 -2.96
CA ASP D 443 -2.87 -26.49 -4.04
C ASP D 443 -1.48 -25.84 -4.01
N GLY D 444 -0.87 -25.61 -5.18
CA GLY D 444 0.37 -24.83 -5.24
C GLY D 444 1.62 -25.51 -5.79
N PRO D 445 2.81 -24.98 -5.41
CA PRO D 445 4.13 -25.41 -5.90
C PRO D 445 4.49 -26.86 -5.52
N ALA D 446 4.64 -27.11 -4.21
CA ALA D 446 4.89 -28.45 -3.68
C ALA D 446 4.64 -28.46 -2.17
N LEU D 447 5.11 -29.51 -1.50
CA LEU D 447 5.06 -29.60 -0.04
C LEU D 447 6.46 -29.35 0.51
N SER D 448 6.61 -28.33 1.34
CA SER D 448 7.93 -27.87 1.80
C SER D 448 8.61 -28.90 2.72
N GLY D 449 9.86 -28.62 3.09
CA GLY D 449 10.67 -29.52 3.94
C GLY D 449 10.09 -29.81 5.31
N PRO D 450 9.81 -28.76 6.11
CA PRO D 450 9.21 -28.90 7.45
C PRO D 450 7.86 -29.62 7.51
N GLN D 451 6.94 -29.32 6.58
CA GLN D 451 5.62 -29.96 6.60
C GLN D 451 5.68 -31.37 6.06
N SER D 452 6.57 -31.62 5.11
CA SER D 452 6.82 -32.96 4.61
C SER D 452 7.40 -33.85 5.71
N ARG D 453 8.36 -33.30 6.45
CA ARG D 453 8.95 -33.97 7.61
C ARG D 453 7.95 -34.19 8.75
N ALA D 454 7.12 -33.18 9.02
CA ALA D 454 6.08 -33.26 10.05
C ALA D 454 5.04 -34.36 9.79
N LEU D 455 4.73 -34.60 8.52
CA LEU D 455 3.77 -35.65 8.16
C LEU D 455 4.39 -37.04 8.27
N GLN D 456 5.67 -37.15 7.92
CA GLN D 456 6.41 -38.41 7.98
C GLN D 456 6.54 -38.94 9.41
N GLU D 457 6.74 -38.04 10.36
CA GLU D 457 6.85 -38.39 11.77
C GLU D 457 5.50 -38.75 12.41
N ALA D 458 4.41 -38.49 11.70
CA ALA D 458 3.08 -38.90 12.15
C ALA D 458 2.92 -40.44 12.08
N LEU D 459 3.56 -41.05 11.09
CA LEU D 459 3.52 -42.52 10.94
C LEU D 459 4.46 -43.21 11.93
N VAL D 460 3.87 -43.96 12.86
CA VAL D 460 4.64 -44.75 13.82
C VAL D 460 4.66 -46.23 13.42
N LEU D 461 5.86 -46.77 13.20
CA LEU D 461 6.02 -48.17 12.82
C LEU D 461 6.77 -48.95 13.90
N SER D 462 6.48 -50.25 14.01
CA SER D 462 7.18 -51.13 14.96
C SER D 462 7.42 -52.52 14.40
N ASP D 463 8.15 -53.32 15.18
CA ASP D 463 8.49 -54.71 14.84
C ASP D 463 7.37 -55.69 15.16
N ARG D 464 6.39 -55.22 15.94
CA ARG D 464 5.30 -56.07 16.44
C ARG D 464 4.54 -56.83 15.36
N ALA D 465 3.84 -57.88 15.78
CA ALA D 465 2.95 -58.63 14.89
C ALA D 465 1.75 -57.77 14.55
N PRO D 466 1.23 -57.90 13.30
CA PRO D 466 0.02 -57.19 12.89
C PRO D 466 -1.18 -57.50 13.78
N PHE D 467 -2.04 -56.51 13.97
CA PHE D 467 -3.17 -56.60 14.89
C PHE D 467 -4.40 -55.85 14.37
N ALA D 468 -5.57 -56.23 14.87
CA ALA D 468 -6.82 -55.58 14.46
C ALA D 468 -6.86 -54.15 14.95
N ALA D 469 -7.32 -53.25 14.08
CA ALA D 469 -7.49 -51.84 14.44
C ALA D 469 -8.43 -51.73 15.64
N PRO D 470 -7.90 -51.26 16.78
CA PRO D 470 -8.73 -51.07 17.96
C PRO D 470 -9.85 -50.07 17.69
N LEU D 471 -11.03 -50.36 18.22
CA LEU D 471 -12.19 -49.50 18.11
C LEU D 471 -12.24 -48.52 19.29
N PRO D 472 -12.79 -47.30 19.06
CA PRO D 472 -13.07 -46.25 20.04
C PRO D 472 -13.39 -46.62 21.50
N PHE D 473 -12.77 -45.87 22.41
CA PHE D 473 -13.05 -45.88 23.84
C PHE D 473 -14.48 -45.35 24.01
N ALA D 474 -15.11 -45.63 25.16
CA ALA D 474 -16.50 -45.17 25.38
C ALA D 474 -16.91 -45.14 26.85
N GLU D 475 -16.18 -44.36 27.65
CA GLU D 475 -16.54 -44.17 29.05
C GLU D 475 -17.70 -43.18 29.17
N LEU D 476 -18.46 -43.27 30.27
CA LEU D 476 -19.65 -42.43 30.43
C LEU D 476 -19.82 -41.84 31.84
N VAL D 477 -20.22 -40.57 31.88
CA VAL D 477 -20.26 -39.79 33.13
C VAL D 477 -21.69 -39.36 33.51
N LEU D 478 -22.02 -39.49 34.79
CA LEU D 478 -23.37 -39.21 35.30
C LEU D 478 -23.38 -38.21 36.48
N PRO D 479 -24.53 -37.55 36.74
CA PRO D 479 -24.63 -36.62 37.88
C PRO D 479 -24.50 -37.33 39.24
N1 TDR E . 19.14 25.27 -16.86
C2 TDR E . 19.28 24.56 -17.98
O2 TDR E . 19.62 25.14 -19.14
N3 TDR E . 19.10 23.23 -17.98
C4 TDR E . 18.76 22.59 -16.85
O4 TDR E . 18.59 21.24 -16.90
C5 TDR E . 18.61 23.32 -15.67
CM5 TDR E . 18.22 22.61 -14.36
C6 TDR E . 18.80 24.70 -15.70
N1 TDR F . 3.17 7.57 26.47
C2 TDR F . 3.40 6.80 25.36
O2 TDR F . 3.69 7.38 24.18
N3 TDR F . 3.31 5.47 25.45
C4 TDR F . 3.02 4.88 26.61
O4 TDR F . 2.94 3.55 26.65
C5 TDR F . 2.79 5.64 27.75
CM5 TDR F . 2.44 4.95 29.09
C6 TDR F . 2.87 7.02 27.64
N1 TDR G . -2.07 -8.84 -24.09
C2 TDR G . -2.65 -7.69 -23.73
O2 TDR G . -3.87 -7.36 -24.19
N3 TDR G . -2.01 -6.84 -22.90
C4 TDR G . -0.80 -7.14 -22.44
O4 TDR G . -0.21 -6.26 -21.62
C5 TDR G . -0.18 -8.33 -22.79
CM5 TDR G . 1.21 -8.68 -22.24
C6 TDR G . -0.86 -9.19 -23.64
#